data_1UYB
# 
_entry.id   1UYB 
# 
_audit_conform.dict_name       mmcif_pdbx.dic 
_audit_conform.dict_version    5.397 
_audit_conform.dict_location   http://mmcif.pdb.org/dictionaries/ascii/mmcif_pdbx.dic 
# 
loop_
_database_2.database_id 
_database_2.database_code 
_database_2.pdbx_database_accession 
_database_2.pdbx_DOI 
PDB   1UYB         pdb_00001uyb 10.2210/pdb1uyb/pdb 
WWPDB D_1000176996 ?            ?                   
# 
loop_
_pdbx_audit_revision_history.ordinal 
_pdbx_audit_revision_history.data_content_type 
_pdbx_audit_revision_history.major_revision 
_pdbx_audit_revision_history.minor_revision 
_pdbx_audit_revision_history.revision_date 
1 'Structure model' 1 0 1998-03-18 
2 'Structure model' 1 1 2008-03-24 
3 'Structure model' 1 2 2011-07-13 
4 'Structure model' 1 3 2022-03-02 
5 'Structure model' 1 4 2024-10-23 
# 
_pdbx_audit_revision_details.ordinal             1 
_pdbx_audit_revision_details.revision_ordinal    1 
_pdbx_audit_revision_details.data_content_type   'Structure model' 
_pdbx_audit_revision_details.provider            repository 
_pdbx_audit_revision_details.type                'Initial release' 
_pdbx_audit_revision_details.description         ? 
_pdbx_audit_revision_details.details             ? 
# 
loop_
_pdbx_audit_revision_group.ordinal 
_pdbx_audit_revision_group.revision_ordinal 
_pdbx_audit_revision_group.data_content_type 
_pdbx_audit_revision_group.group 
1 2 'Structure model' 'Version format compliance' 
2 3 'Structure model' 'Version format compliance' 
3 4 'Structure model' 'Database references'       
4 4 'Structure model' 'Derived calculations'      
5 4 'Structure model' Other                       
6 5 'Structure model' 'Data collection'           
7 5 'Structure model' 'Structure summary'         
# 
loop_
_pdbx_audit_revision_category.ordinal 
_pdbx_audit_revision_category.revision_ordinal 
_pdbx_audit_revision_category.data_content_type 
_pdbx_audit_revision_category.category 
1 4 'Structure model' database_2                
2 4 'Structure model' pdbx_database_status      
3 4 'Structure model' pdbx_struct_assembly      
4 4 'Structure model' pdbx_struct_oper_list     
5 5 'Structure model' chem_comp_atom            
6 5 'Structure model' chem_comp_bond            
7 5 'Structure model' pdbx_entry_details        
8 5 'Structure model' pdbx_modification_feature 
# 
loop_
_pdbx_audit_revision_item.ordinal 
_pdbx_audit_revision_item.revision_ordinal 
_pdbx_audit_revision_item.data_content_type 
_pdbx_audit_revision_item.item 
1 4 'Structure model' '_database_2.pdbx_DOI'                
2 4 'Structure model' '_database_2.pdbx_database_accession' 
3 4 'Structure model' '_pdbx_database_status.process_site'  
# 
_pdbx_database_status.status_code                     REL 
_pdbx_database_status.entry_id                        1UYB 
_pdbx_database_status.recvd_initial_deposition_date   1997-09-11 
_pdbx_database_status.deposit_site                    ? 
_pdbx_database_status.process_site                    BNL 
_pdbx_database_status.status_code_sf                  ? 
_pdbx_database_status.status_code_mr                  REL 
_pdbx_database_status.SG_entry                        ? 
_pdbx_database_status.pdb_format_compatible           Y 
_pdbx_database_status.status_code_cs                  ? 
_pdbx_database_status.status_code_nmr_data            ? 
_pdbx_database_status.methods_development_category    ? 
# 
loop_
_audit_author.name 
_audit_author.pdbx_ordinal 
'Marx, U.C.'       1 
'Adermann, K.'     2 
'Forssmann, W.-G.' 3 
'Roesch, P.'       4 
# 
_citation.id                        primary 
_citation.title                     
'One peptide, two topologies: structure and interconversion dynamics of human uroguanylin isomers.' 
_citation.journal_abbrev            J.Pept.Res. 
_citation.journal_volume            52 
_citation.page_first                229 
_citation.page_last                 240 
_citation.year                      1998 
_citation.journal_id_ASTM           JPERFA 
_citation.country                   DK 
_citation.journal_id_ISSN           1397-002X 
_citation.journal_id_CSD            2150 
_citation.book_publisher            ? 
_citation.pdbx_database_id_PubMed   9774236 
_citation.pdbx_database_id_DOI      ? 
# 
loop_
_citation_author.citation_id 
_citation_author.name 
_citation_author.ordinal 
_citation_author.identifier_ORCID 
primary 'Marx, U.C.'      1 ? 
primary 'Klodt, J.'       2 ? 
primary 'Meyer, M.'       3 ? 
primary 'Gerlach, H.'     4 ? 
primary 'Rosch, P.'       5 ? 
primary 'Forssmann, W.G.' 6 ? 
primary 'Adermann, K.'    7 ? 
# 
_entity.id                         1 
_entity.type                       polymer 
_entity.src_method                 man 
_entity.pdbx_description           'UROGUANYLIN-16, ISOMER B' 
_entity.formula_weight             1671.892 
_entity.pdbx_number_of_molecules   1 
_entity.pdbx_ec                    ? 
_entity.pdbx_mutation              ? 
_entity.pdbx_fragment              ? 
_entity.details                    ? 
# 
_entity_poly.entity_id                      1 
_entity_poly.type                           'polypeptide(L)' 
_entity_poly.nstd_linkage                   no 
_entity_poly.nstd_monomer                   no 
_entity_poly.pdbx_seq_one_letter_code       NDDCELCVNVACTGCL 
_entity_poly.pdbx_seq_one_letter_code_can   NDDCELCVNVACTGCL 
_entity_poly.pdbx_strand_id                 A 
_entity_poly.pdbx_target_identifier         ? 
# 
loop_
_entity_poly_seq.entity_id 
_entity_poly_seq.num 
_entity_poly_seq.mon_id 
_entity_poly_seq.hetero 
1 1  ASN n 
1 2  ASP n 
1 3  ASP n 
1 4  CYS n 
1 5  GLU n 
1 6  LEU n 
1 7  CYS n 
1 8  VAL n 
1 9  ASN n 
1 10 VAL n 
1 11 ALA n 
1 12 CYS n 
1 13 THR n 
1 14 GLY n 
1 15 CYS n 
1 16 LEU n 
# 
_entity_src_gen.entity_id                          1 
_entity_src_gen.pdbx_src_id                        1 
_entity_src_gen.pdbx_alt_source_flag               sample 
_entity_src_gen.pdbx_seq_type                      ? 
_entity_src_gen.pdbx_beg_seq_num                   ? 
_entity_src_gen.pdbx_end_seq_num                   ? 
_entity_src_gen.gene_src_common_name               human 
_entity_src_gen.gene_src_genus                     Homo 
_entity_src_gen.pdbx_gene_src_gene                 ? 
_entity_src_gen.gene_src_species                   ? 
_entity_src_gen.gene_src_strain                    ? 
_entity_src_gen.gene_src_tissue                    ? 
_entity_src_gen.gene_src_tissue_fraction           ? 
_entity_src_gen.gene_src_details                   ? 
_entity_src_gen.pdbx_gene_src_fragment             ? 
_entity_src_gen.pdbx_gene_src_scientific_name      'Homo sapiens' 
_entity_src_gen.pdbx_gene_src_ncbi_taxonomy_id     9606 
_entity_src_gen.pdbx_gene_src_variant              ? 
_entity_src_gen.pdbx_gene_src_cell_line            ? 
_entity_src_gen.pdbx_gene_src_atcc                 ? 
_entity_src_gen.pdbx_gene_src_organ                ? 
_entity_src_gen.pdbx_gene_src_organelle            ? 
_entity_src_gen.pdbx_gene_src_cell                 ? 
_entity_src_gen.pdbx_gene_src_cellular_location    ? 
_entity_src_gen.host_org_common_name               ? 
_entity_src_gen.pdbx_host_org_scientific_name      ? 
_entity_src_gen.pdbx_host_org_ncbi_taxonomy_id     ? 
_entity_src_gen.host_org_genus                     ? 
_entity_src_gen.pdbx_host_org_gene                 ? 
_entity_src_gen.pdbx_host_org_organ                ? 
_entity_src_gen.host_org_species                   ? 
_entity_src_gen.pdbx_host_org_tissue               ? 
_entity_src_gen.pdbx_host_org_tissue_fraction      ? 
_entity_src_gen.pdbx_host_org_strain               ? 
_entity_src_gen.pdbx_host_org_variant              ? 
_entity_src_gen.pdbx_host_org_cell_line            ? 
_entity_src_gen.pdbx_host_org_atcc                 ? 
_entity_src_gen.pdbx_host_org_culture_collection   ? 
_entity_src_gen.pdbx_host_org_cell                 ? 
_entity_src_gen.pdbx_host_org_organelle            ? 
_entity_src_gen.pdbx_host_org_cellular_location    ? 
_entity_src_gen.pdbx_host_org_vector_type          ? 
_entity_src_gen.pdbx_host_org_vector               ? 
_entity_src_gen.host_org_details                   ? 
_entity_src_gen.expression_system_id               ? 
_entity_src_gen.plasmid_name                       ? 
_entity_src_gen.plasmid_details                    ? 
_entity_src_gen.pdbx_description                   ? 
# 
loop_
_chem_comp.id 
_chem_comp.type 
_chem_comp.mon_nstd_flag 
_chem_comp.name 
_chem_comp.pdbx_synonyms 
_chem_comp.formula 
_chem_comp.formula_weight 
ALA 'L-peptide linking' y ALANINE         ? 'C3 H7 N O2'   89.093  
ASN 'L-peptide linking' y ASPARAGINE      ? 'C4 H8 N2 O3'  132.118 
ASP 'L-peptide linking' y 'ASPARTIC ACID' ? 'C4 H7 N O4'   133.103 
CYS 'L-peptide linking' y CYSTEINE        ? 'C3 H7 N O2 S' 121.158 
GLU 'L-peptide linking' y 'GLUTAMIC ACID' ? 'C5 H9 N O4'   147.129 
GLY 'peptide linking'   y GLYCINE         ? 'C2 H5 N O2'   75.067  
LEU 'L-peptide linking' y LEUCINE         ? 'C6 H13 N O2'  131.173 
THR 'L-peptide linking' y THREONINE       ? 'C4 H9 N O3'   119.119 
VAL 'L-peptide linking' y VALINE          ? 'C5 H11 N O2'  117.146 
# 
loop_
_pdbx_poly_seq_scheme.asym_id 
_pdbx_poly_seq_scheme.entity_id 
_pdbx_poly_seq_scheme.seq_id 
_pdbx_poly_seq_scheme.mon_id 
_pdbx_poly_seq_scheme.ndb_seq_num 
_pdbx_poly_seq_scheme.pdb_seq_num 
_pdbx_poly_seq_scheme.auth_seq_num 
_pdbx_poly_seq_scheme.pdb_mon_id 
_pdbx_poly_seq_scheme.auth_mon_id 
_pdbx_poly_seq_scheme.pdb_strand_id 
_pdbx_poly_seq_scheme.pdb_ins_code 
_pdbx_poly_seq_scheme.hetero 
A 1 1  ASN 1  1  1  ASN ASN A . n 
A 1 2  ASP 2  2  2  ASP ASP A . n 
A 1 3  ASP 3  3  3  ASP ASP A . n 
A 1 4  CYS 4  4  4  CYS CYS A . n 
A 1 5  GLU 5  5  5  GLU GLU A . n 
A 1 6  LEU 6  6  6  LEU LEU A . n 
A 1 7  CYS 7  7  7  CYS CYS A . n 
A 1 8  VAL 8  8  8  VAL VAL A . n 
A 1 9  ASN 9  9  9  ASN ASN A . n 
A 1 10 VAL 10 10 10 VAL VAL A . n 
A 1 11 ALA 11 11 11 ALA ALA A . n 
A 1 12 CYS 12 12 12 CYS CYS A . n 
A 1 13 THR 13 13 13 THR THR A . n 
A 1 14 GLY 14 14 14 GLY GLY A . n 
A 1 15 CYS 15 15 15 CYS CYS A . n 
A 1 16 LEU 16 16 16 LEU LEU A . n 
# 
loop_
_software.name 
_software.classification 
_software.version 
_software.citation_id 
_software.pdbx_ordinal 
X-PLOR 'model building' 3.1 ? 1 
X-PLOR refinement       3.1 ? 2 
X-PLOR phasing          3.1 ? 3 
# 
_cell.entry_id           1UYB 
_cell.length_a           1.000 
_cell.length_b           1.000 
_cell.length_c           1.000 
_cell.angle_alpha        90.00 
_cell.angle_beta         90.00 
_cell.angle_gamma        90.00 
_cell.Z_PDB              1 
_cell.pdbx_unique_axis   ? 
# 
_symmetry.entry_id                         1UYB 
_symmetry.space_group_name_H-M             'P 1' 
_symmetry.pdbx_full_space_group_name_H-M   ? 
_symmetry.cell_setting                     ? 
_symmetry.Int_Tables_number                1 
# 
_exptl.entry_id          1UYB 
_exptl.method            'SOLUTION NMR' 
_exptl.crystals_number   ? 
# 
_struct.entry_id                  1UYB 
_struct.title                     'THE SOLUTION STRUCTURE OF THE B-FORM OF UROGUANYLIN-16 NMR, 10 STRUCTURES' 
_struct.pdbx_model_details        ? 
_struct.pdbx_CASP_flag            ? 
_struct.pdbx_model_type_details   ? 
# 
_struct_keywords.entry_id        1UYB 
_struct_keywords.pdbx_keywords   HORMONE 
_struct_keywords.text            
'HORMONE, GUANYLYL CYCLASE C ACTIVATION, ISOMER A, PEPTIDE HORMONE, SOLUTION STRUCTURE, TOPOLOGICAL STEREOISOMER, UROGUANYLIN' 
# 
_struct_asym.id                            A 
_struct_asym.pdbx_blank_PDB_chainid_flag   Y 
_struct_asym.pdbx_modified                 N 
_struct_asym.entity_id                     1 
_struct_asym.details                       ? 
# 
_struct_ref.id                         1 
_struct_ref.db_name                    UNP 
_struct_ref.db_code                    GUC2B_HUMAN 
_struct_ref.entity_id                  1 
_struct_ref.pdbx_db_accession          Q16661 
_struct_ref.pdbx_align_begin           1 
_struct_ref.pdbx_seq_one_letter_code   
;MGCRAASGLLPGVAVVLLLLLQSTQSVYIQYQGFRVQLESMKKLSDLEAQWAPSPRLQAQSLLPAVCHHPALPQDLQPVC
ASQEASSIFKTLRTIANDDCELCVNVACTGCL
;
_struct_ref.pdbx_db_isoform            ? 
# 
_struct_ref_seq.align_id                      1 
_struct_ref_seq.ref_id                        1 
_struct_ref_seq.pdbx_PDB_id_code              1UYB 
_struct_ref_seq.pdbx_strand_id                A 
_struct_ref_seq.seq_align_beg                 1 
_struct_ref_seq.pdbx_seq_align_beg_ins_code   ? 
_struct_ref_seq.seq_align_end                 16 
_struct_ref_seq.pdbx_seq_align_end_ins_code   ? 
_struct_ref_seq.pdbx_db_accession             Q16661 
_struct_ref_seq.db_align_beg                  97 
_struct_ref_seq.pdbx_db_align_beg_ins_code    ? 
_struct_ref_seq.db_align_end                  112 
_struct_ref_seq.pdbx_db_align_end_ins_code    ? 
_struct_ref_seq.pdbx_auth_seq_align_beg       1 
_struct_ref_seq.pdbx_auth_seq_align_end       16 
# 
_pdbx_struct_assembly.id                   1 
_pdbx_struct_assembly.details              author_defined_assembly 
_pdbx_struct_assembly.method_details       ? 
_pdbx_struct_assembly.oligomeric_details   monomeric 
_pdbx_struct_assembly.oligomeric_count     1 
# 
_pdbx_struct_assembly_gen.assembly_id       1 
_pdbx_struct_assembly_gen.oper_expression   1 
_pdbx_struct_assembly_gen.asym_id_list      A 
# 
_pdbx_struct_oper_list.id                   1 
_pdbx_struct_oper_list.type                 'identity operation' 
_pdbx_struct_oper_list.name                 1_555 
_pdbx_struct_oper_list.symmetry_operation   x,y,z 
_pdbx_struct_oper_list.matrix[1][1]         1.0000000000 
_pdbx_struct_oper_list.matrix[1][2]         0.0000000000 
_pdbx_struct_oper_list.matrix[1][3]         0.0000000000 
_pdbx_struct_oper_list.vector[1]            0.0000000000 
_pdbx_struct_oper_list.matrix[2][1]         0.0000000000 
_pdbx_struct_oper_list.matrix[2][2]         1.0000000000 
_pdbx_struct_oper_list.matrix[2][3]         0.0000000000 
_pdbx_struct_oper_list.vector[2]            0.0000000000 
_pdbx_struct_oper_list.matrix[3][1]         0.0000000000 
_pdbx_struct_oper_list.matrix[3][2]         0.0000000000 
_pdbx_struct_oper_list.matrix[3][3]         1.0000000000 
_pdbx_struct_oper_list.vector[3]            0.0000000000 
# 
_struct_biol.id   1 
# 
loop_
_struct_conn.id 
_struct_conn.conn_type_id 
_struct_conn.pdbx_leaving_atom_flag 
_struct_conn.pdbx_PDB_id 
_struct_conn.ptnr1_label_asym_id 
_struct_conn.ptnr1_label_comp_id 
_struct_conn.ptnr1_label_seq_id 
_struct_conn.ptnr1_label_atom_id 
_struct_conn.pdbx_ptnr1_label_alt_id 
_struct_conn.pdbx_ptnr1_PDB_ins_code 
_struct_conn.pdbx_ptnr1_standard_comp_id 
_struct_conn.ptnr1_symmetry 
_struct_conn.ptnr2_label_asym_id 
_struct_conn.ptnr2_label_comp_id 
_struct_conn.ptnr2_label_seq_id 
_struct_conn.ptnr2_label_atom_id 
_struct_conn.pdbx_ptnr2_label_alt_id 
_struct_conn.pdbx_ptnr2_PDB_ins_code 
_struct_conn.ptnr1_auth_asym_id 
_struct_conn.ptnr1_auth_comp_id 
_struct_conn.ptnr1_auth_seq_id 
_struct_conn.ptnr2_auth_asym_id 
_struct_conn.ptnr2_auth_comp_id 
_struct_conn.ptnr2_auth_seq_id 
_struct_conn.ptnr2_symmetry 
_struct_conn.pdbx_ptnr3_label_atom_id 
_struct_conn.pdbx_ptnr3_label_seq_id 
_struct_conn.pdbx_ptnr3_label_comp_id 
_struct_conn.pdbx_ptnr3_label_asym_id 
_struct_conn.pdbx_ptnr3_label_alt_id 
_struct_conn.pdbx_ptnr3_PDB_ins_code 
_struct_conn.details 
_struct_conn.pdbx_dist_value 
_struct_conn.pdbx_value_order 
_struct_conn.pdbx_role 
disulf1 disulf ? ? A CYS 4 SG ? ? ? 1_555 A CYS 12 SG ? ? A CYS 4 A CYS 12 1_555 ? ? ? ? ? ? ? 2.023 ? ? 
disulf2 disulf ? ? A CYS 7 SG ? ? ? 1_555 A CYS 15 SG ? ? A CYS 7 A CYS 15 1_555 ? ? ? ? ? ? ? 2.016 ? ? 
# 
_struct_conn_type.id          disulf 
_struct_conn_type.criteria    ? 
_struct_conn_type.reference   ? 
# 
loop_
_pdbx_modification_feature.ordinal 
_pdbx_modification_feature.label_comp_id 
_pdbx_modification_feature.label_asym_id 
_pdbx_modification_feature.label_seq_id 
_pdbx_modification_feature.label_alt_id 
_pdbx_modification_feature.modified_residue_label_comp_id 
_pdbx_modification_feature.modified_residue_label_asym_id 
_pdbx_modification_feature.modified_residue_label_seq_id 
_pdbx_modification_feature.modified_residue_label_alt_id 
_pdbx_modification_feature.auth_comp_id 
_pdbx_modification_feature.auth_asym_id 
_pdbx_modification_feature.auth_seq_id 
_pdbx_modification_feature.PDB_ins_code 
_pdbx_modification_feature.symmetry 
_pdbx_modification_feature.modified_residue_auth_comp_id 
_pdbx_modification_feature.modified_residue_auth_asym_id 
_pdbx_modification_feature.modified_residue_auth_seq_id 
_pdbx_modification_feature.modified_residue_PDB_ins_code 
_pdbx_modification_feature.modified_residue_symmetry 
_pdbx_modification_feature.comp_id_linking_atom 
_pdbx_modification_feature.modified_residue_id_linking_atom 
_pdbx_modification_feature.modified_residue_id 
_pdbx_modification_feature.ref_pcm_id 
_pdbx_modification_feature.ref_comp_id 
_pdbx_modification_feature.type 
_pdbx_modification_feature.category 
1 CYS A 4 ? CYS A 12 ? CYS A 4 ? 1_555 CYS A 12 ? 1_555 SG SG . . . None 'Disulfide bridge' 
2 CYS A 7 ? CYS A 15 ? CYS A 7 ? 1_555 CYS A 15 ? 1_555 SG SG . . . None 'Disulfide bridge' 
# 
_pdbx_entry_details.entry_id                   1UYB 
_pdbx_entry_details.compound_details           ? 
_pdbx_entry_details.source_details             ? 
_pdbx_entry_details.nonpolymer_details         ? 
_pdbx_entry_details.sequence_details           ? 
_pdbx_entry_details.has_ligand_of_interest     ? 
_pdbx_entry_details.has_protein_modification   Y 
# 
loop_
_pdbx_validate_close_contact.id 
_pdbx_validate_close_contact.PDB_model_num 
_pdbx_validate_close_contact.auth_atom_id_1 
_pdbx_validate_close_contact.auth_asym_id_1 
_pdbx_validate_close_contact.auth_comp_id_1 
_pdbx_validate_close_contact.auth_seq_id_1 
_pdbx_validate_close_contact.PDB_ins_code_1 
_pdbx_validate_close_contact.label_alt_id_1 
_pdbx_validate_close_contact.auth_atom_id_2 
_pdbx_validate_close_contact.auth_asym_id_2 
_pdbx_validate_close_contact.auth_comp_id_2 
_pdbx_validate_close_contact.auth_seq_id_2 
_pdbx_validate_close_contact.PDB_ins_code_2 
_pdbx_validate_close_contact.label_alt_id_2 
_pdbx_validate_close_contact.dist 
1 7 OD1 A ASN 9  ? ? H   A ALA 11 ? ? 1.50 
2 9 O   A ALA 11 ? ? HG1 A THR 13 ? ? 1.52 
# 
loop_
_pdbx_validate_torsion.id 
_pdbx_validate_torsion.PDB_model_num 
_pdbx_validate_torsion.auth_comp_id 
_pdbx_validate_torsion.auth_asym_id 
_pdbx_validate_torsion.auth_seq_id 
_pdbx_validate_torsion.PDB_ins_code 
_pdbx_validate_torsion.label_alt_id 
_pdbx_validate_torsion.phi 
_pdbx_validate_torsion.psi 
1  1  ASN A 9  ? ? -174.25 -145.08 
2  1  ALA A 11 ? ? -150.04 26.46   
3  1  CYS A 12 ? ? 45.84   25.12   
4  2  ASP A 2  ? ? 176.30  46.45   
5  2  CYS A 4  ? ? 42.98   29.98   
6  2  CYS A 7  ? ? -174.34 -167.32 
7  2  VAL A 8  ? ? -57.48  83.72   
8  2  ASN A 9  ? ? 74.76   173.62  
9  2  VAL A 10 ? ? -112.09 74.12   
10 2  ALA A 11 ? ? -141.27 22.85   
11 3  ASP A 3  ? ? -56.20  177.59  
12 3  CYS A 4  ? ? -177.82 45.33   
13 3  LEU A 6  ? ? -146.49 24.55   
14 3  CYS A 7  ? ? -83.05  -148.15 
15 3  ASN A 9  ? ? -178.62 -149.50 
16 3  VAL A 10 ? ? -141.20 50.36   
17 3  ALA A 11 ? ? -147.77 14.22   
18 3  CYS A 12 ? ? 39.59   48.09   
19 3  CYS A 15 ? ? -96.32  -152.90 
20 4  ASP A 3  ? ? 55.39   -175.74 
21 4  CYS A 4  ? ? -80.54  49.57   
22 4  LEU A 6  ? ? -163.85 62.72   
23 4  ASN A 9  ? ? 177.33  177.54  
24 4  ALA A 11 ? ? -145.95 26.17   
25 5  ASP A 2  ? ? -171.09 55.76   
26 5  LEU A 6  ? ? -141.11 57.30   
27 5  CYS A 7  ? ? -144.64 -144.00 
28 5  ASN A 9  ? ? 171.77  172.52  
29 5  ALA A 11 ? ? -143.34 26.45   
30 6  LEU A 6  ? ? -160.64 63.53   
31 6  VAL A 8  ? ? -42.13  92.12   
32 6  ASN A 9  ? ? 73.29   158.19  
33 6  VAL A 10 ? ? -111.59 75.71   
34 6  CYS A 12 ? ? 39.54   27.65   
35 6  THR A 13 ? ? -159.27 27.84   
36 7  CYS A 4  ? ? -108.38 59.69   
37 7  VAL A 8  ? ? -86.57  33.42   
38 7  ASN A 9  ? ? -169.52 -160.11 
39 7  VAL A 10 ? ? -140.33 33.16   
40 7  ALA A 11 ? ? -147.03 25.99   
41 8  ASP A 3  ? ? -125.69 -165.85 
42 8  LEU A 6  ? ? -152.19 50.87   
43 8  ASN A 9  ? ? -178.56 -158.94 
44 8  ALA A 11 ? ? -149.91 21.72   
45 8  CYS A 15 ? ? -98.52  -153.82 
46 9  ASP A 2  ? ? -168.22 63.25   
47 9  ASP A 3  ? ? -55.93  -167.27 
48 9  CYS A 4  ? ? -167.01 40.05   
49 9  LEU A 6  ? ? -140.43 50.65   
50 9  VAL A 8  ? ? -65.68  -129.13 
51 9  ASN A 9  ? ? -39.97  158.96  
52 9  VAL A 10 ? ? -93.35  58.52   
53 9  ALA A 11 ? ? -142.78 18.38   
54 9  CYS A 12 ? ? 38.11   31.25   
55 9  CYS A 15 ? ? -95.09  -152.17 
56 10 ASP A 2  ? ? -152.28 38.49   
57 10 CYS A 4  ? ? -141.10 45.75   
58 10 CYS A 7  ? ? -57.02  174.92  
59 10 ASN A 9  ? ? -171.52 -143.29 
60 10 ALA A 11 ? ? -149.14 23.36   
61 10 CYS A 12 ? ? 40.49   26.97   
# 
_pdbx_nmr_ensemble.entry_id                             1UYB 
_pdbx_nmr_ensemble.conformers_calculated_total_number   30 
_pdbx_nmr_ensemble.conformers_submitted_total_number    10 
_pdbx_nmr_ensemble.conformer_selection_criteria         'ENERGY, AGREEMENT WITH EXPERIMENTAL DATA' 
# 
_pdbx_nmr_exptl_sample_conditions.conditions_id       1 
_pdbx_nmr_exptl_sample_conditions.temperature         284 
_pdbx_nmr_exptl_sample_conditions.pressure            ? 
_pdbx_nmr_exptl_sample_conditions.pH                  3.3 
_pdbx_nmr_exptl_sample_conditions.ionic_strength      ? 
_pdbx_nmr_exptl_sample_conditions.pressure_units      ? 
_pdbx_nmr_exptl_sample_conditions.temperature_units   K 
# 
_pdbx_nmr_refine.entry_id           1UYB 
_pdbx_nmr_refine.method             'SIMULATED ANNEALING, RESTRAINED MOLECULAR DYNAMICS' 
_pdbx_nmr_refine.details            ? 
_pdbx_nmr_refine.software_ordinal   1 
# 
loop_
_pdbx_nmr_software.classification 
_pdbx_nmr_software.name 
_pdbx_nmr_software.version 
_pdbx_nmr_software.authors 
_pdbx_nmr_software.ordinal 
'structure solution' NDEE   ? ? 1 
'structure solution' X-PLOR ? ? 2 
refinement           X-PLOR ? ? 3 
# 
loop_
_chem_comp_atom.comp_id 
_chem_comp_atom.atom_id 
_chem_comp_atom.type_symbol 
_chem_comp_atom.pdbx_aromatic_flag 
_chem_comp_atom.pdbx_stereo_config 
_chem_comp_atom.pdbx_ordinal 
ALA N    N N N 1   
ALA CA   C N S 2   
ALA C    C N N 3   
ALA O    O N N 4   
ALA CB   C N N 5   
ALA OXT  O N N 6   
ALA H    H N N 7   
ALA H2   H N N 8   
ALA HA   H N N 9   
ALA HB1  H N N 10  
ALA HB2  H N N 11  
ALA HB3  H N N 12  
ALA HXT  H N N 13  
ASN N    N N N 14  
ASN CA   C N S 15  
ASN C    C N N 16  
ASN O    O N N 17  
ASN CB   C N N 18  
ASN CG   C N N 19  
ASN OD1  O N N 20  
ASN ND2  N N N 21  
ASN OXT  O N N 22  
ASN H    H N N 23  
ASN H2   H N N 24  
ASN HA   H N N 25  
ASN HB2  H N N 26  
ASN HB3  H N N 27  
ASN HD21 H N N 28  
ASN HD22 H N N 29  
ASN HXT  H N N 30  
ASP N    N N N 31  
ASP CA   C N S 32  
ASP C    C N N 33  
ASP O    O N N 34  
ASP CB   C N N 35  
ASP CG   C N N 36  
ASP OD1  O N N 37  
ASP OD2  O N N 38  
ASP OXT  O N N 39  
ASP H    H N N 40  
ASP H2   H N N 41  
ASP HA   H N N 42  
ASP HB2  H N N 43  
ASP HB3  H N N 44  
ASP HD2  H N N 45  
ASP HXT  H N N 46  
CYS N    N N N 47  
CYS CA   C N R 48  
CYS C    C N N 49  
CYS O    O N N 50  
CYS CB   C N N 51  
CYS SG   S N N 52  
CYS OXT  O N N 53  
CYS H    H N N 54  
CYS H2   H N N 55  
CYS HA   H N N 56  
CYS HB2  H N N 57  
CYS HB3  H N N 58  
CYS HG   H N N 59  
CYS HXT  H N N 60  
GLU N    N N N 61  
GLU CA   C N S 62  
GLU C    C N N 63  
GLU O    O N N 64  
GLU CB   C N N 65  
GLU CG   C N N 66  
GLU CD   C N N 67  
GLU OE1  O N N 68  
GLU OE2  O N N 69  
GLU OXT  O N N 70  
GLU H    H N N 71  
GLU H2   H N N 72  
GLU HA   H N N 73  
GLU HB2  H N N 74  
GLU HB3  H N N 75  
GLU HG2  H N N 76  
GLU HG3  H N N 77  
GLU HE2  H N N 78  
GLU HXT  H N N 79  
GLY N    N N N 80  
GLY CA   C N N 81  
GLY C    C N N 82  
GLY O    O N N 83  
GLY OXT  O N N 84  
GLY H    H N N 85  
GLY H2   H N N 86  
GLY HA2  H N N 87  
GLY HA3  H N N 88  
GLY HXT  H N N 89  
LEU N    N N N 90  
LEU CA   C N S 91  
LEU C    C N N 92  
LEU O    O N N 93  
LEU CB   C N N 94  
LEU CG   C N N 95  
LEU CD1  C N N 96  
LEU CD2  C N N 97  
LEU OXT  O N N 98  
LEU H    H N N 99  
LEU H2   H N N 100 
LEU HA   H N N 101 
LEU HB2  H N N 102 
LEU HB3  H N N 103 
LEU HG   H N N 104 
LEU HD11 H N N 105 
LEU HD12 H N N 106 
LEU HD13 H N N 107 
LEU HD21 H N N 108 
LEU HD22 H N N 109 
LEU HD23 H N N 110 
LEU HXT  H N N 111 
THR N    N N N 112 
THR CA   C N S 113 
THR C    C N N 114 
THR O    O N N 115 
THR CB   C N R 116 
THR OG1  O N N 117 
THR CG2  C N N 118 
THR OXT  O N N 119 
THR H    H N N 120 
THR H2   H N N 121 
THR HA   H N N 122 
THR HB   H N N 123 
THR HG1  H N N 124 
THR HG21 H N N 125 
THR HG22 H N N 126 
THR HG23 H N N 127 
THR HXT  H N N 128 
VAL N    N N N 129 
VAL CA   C N S 130 
VAL C    C N N 131 
VAL O    O N N 132 
VAL CB   C N N 133 
VAL CG1  C N N 134 
VAL CG2  C N N 135 
VAL OXT  O N N 136 
VAL H    H N N 137 
VAL H2   H N N 138 
VAL HA   H N N 139 
VAL HB   H N N 140 
VAL HG11 H N N 141 
VAL HG12 H N N 142 
VAL HG13 H N N 143 
VAL HG21 H N N 144 
VAL HG22 H N N 145 
VAL HG23 H N N 146 
VAL HXT  H N N 147 
# 
loop_
_chem_comp_bond.comp_id 
_chem_comp_bond.atom_id_1 
_chem_comp_bond.atom_id_2 
_chem_comp_bond.value_order 
_chem_comp_bond.pdbx_aromatic_flag 
_chem_comp_bond.pdbx_stereo_config 
_chem_comp_bond.pdbx_ordinal 
ALA N   CA   sing N N 1   
ALA N   H    sing N N 2   
ALA N   H2   sing N N 3   
ALA CA  C    sing N N 4   
ALA CA  CB   sing N N 5   
ALA CA  HA   sing N N 6   
ALA C   O    doub N N 7   
ALA C   OXT  sing N N 8   
ALA CB  HB1  sing N N 9   
ALA CB  HB2  sing N N 10  
ALA CB  HB3  sing N N 11  
ALA OXT HXT  sing N N 12  
ASN N   CA   sing N N 13  
ASN N   H    sing N N 14  
ASN N   H2   sing N N 15  
ASN CA  C    sing N N 16  
ASN CA  CB   sing N N 17  
ASN CA  HA   sing N N 18  
ASN C   O    doub N N 19  
ASN C   OXT  sing N N 20  
ASN CB  CG   sing N N 21  
ASN CB  HB2  sing N N 22  
ASN CB  HB3  sing N N 23  
ASN CG  OD1  doub N N 24  
ASN CG  ND2  sing N N 25  
ASN ND2 HD21 sing N N 26  
ASN ND2 HD22 sing N N 27  
ASN OXT HXT  sing N N 28  
ASP N   CA   sing N N 29  
ASP N   H    sing N N 30  
ASP N   H2   sing N N 31  
ASP CA  C    sing N N 32  
ASP CA  CB   sing N N 33  
ASP CA  HA   sing N N 34  
ASP C   O    doub N N 35  
ASP C   OXT  sing N N 36  
ASP CB  CG   sing N N 37  
ASP CB  HB2  sing N N 38  
ASP CB  HB3  sing N N 39  
ASP CG  OD1  doub N N 40  
ASP CG  OD2  sing N N 41  
ASP OD2 HD2  sing N N 42  
ASP OXT HXT  sing N N 43  
CYS N   CA   sing N N 44  
CYS N   H    sing N N 45  
CYS N   H2   sing N N 46  
CYS CA  C    sing N N 47  
CYS CA  CB   sing N N 48  
CYS CA  HA   sing N N 49  
CYS C   O    doub N N 50  
CYS C   OXT  sing N N 51  
CYS CB  SG   sing N N 52  
CYS CB  HB2  sing N N 53  
CYS CB  HB3  sing N N 54  
CYS SG  HG   sing N N 55  
CYS OXT HXT  sing N N 56  
GLU N   CA   sing N N 57  
GLU N   H    sing N N 58  
GLU N   H2   sing N N 59  
GLU CA  C    sing N N 60  
GLU CA  CB   sing N N 61  
GLU CA  HA   sing N N 62  
GLU C   O    doub N N 63  
GLU C   OXT  sing N N 64  
GLU CB  CG   sing N N 65  
GLU CB  HB2  sing N N 66  
GLU CB  HB3  sing N N 67  
GLU CG  CD   sing N N 68  
GLU CG  HG2  sing N N 69  
GLU CG  HG3  sing N N 70  
GLU CD  OE1  doub N N 71  
GLU CD  OE2  sing N N 72  
GLU OE2 HE2  sing N N 73  
GLU OXT HXT  sing N N 74  
GLY N   CA   sing N N 75  
GLY N   H    sing N N 76  
GLY N   H2   sing N N 77  
GLY CA  C    sing N N 78  
GLY CA  HA2  sing N N 79  
GLY CA  HA3  sing N N 80  
GLY C   O    doub N N 81  
GLY C   OXT  sing N N 82  
GLY OXT HXT  sing N N 83  
LEU N   CA   sing N N 84  
LEU N   H    sing N N 85  
LEU N   H2   sing N N 86  
LEU CA  C    sing N N 87  
LEU CA  CB   sing N N 88  
LEU CA  HA   sing N N 89  
LEU C   O    doub N N 90  
LEU C   OXT  sing N N 91  
LEU CB  CG   sing N N 92  
LEU CB  HB2  sing N N 93  
LEU CB  HB3  sing N N 94  
LEU CG  CD1  sing N N 95  
LEU CG  CD2  sing N N 96  
LEU CG  HG   sing N N 97  
LEU CD1 HD11 sing N N 98  
LEU CD1 HD12 sing N N 99  
LEU CD1 HD13 sing N N 100 
LEU CD2 HD21 sing N N 101 
LEU CD2 HD22 sing N N 102 
LEU CD2 HD23 sing N N 103 
LEU OXT HXT  sing N N 104 
THR N   CA   sing N N 105 
THR N   H    sing N N 106 
THR N   H2   sing N N 107 
THR CA  C    sing N N 108 
THR CA  CB   sing N N 109 
THR CA  HA   sing N N 110 
THR C   O    doub N N 111 
THR C   OXT  sing N N 112 
THR CB  OG1  sing N N 113 
THR CB  CG2  sing N N 114 
THR CB  HB   sing N N 115 
THR OG1 HG1  sing N N 116 
THR CG2 HG21 sing N N 117 
THR CG2 HG22 sing N N 118 
THR CG2 HG23 sing N N 119 
THR OXT HXT  sing N N 120 
VAL N   CA   sing N N 121 
VAL N   H    sing N N 122 
VAL N   H2   sing N N 123 
VAL CA  C    sing N N 124 
VAL CA  CB   sing N N 125 
VAL CA  HA   sing N N 126 
VAL C   O    doub N N 127 
VAL C   OXT  sing N N 128 
VAL CB  CG1  sing N N 129 
VAL CB  CG2  sing N N 130 
VAL CB  HB   sing N N 131 
VAL CG1 HG11 sing N N 132 
VAL CG1 HG12 sing N N 133 
VAL CG1 HG13 sing N N 134 
VAL CG2 HG21 sing N N 135 
VAL CG2 HG22 sing N N 136 
VAL CG2 HG23 sing N N 137 
VAL OXT HXT  sing N N 138 
# 
_pdbx_nmr_spectrometer.spectrometer_id   1 
_pdbx_nmr_spectrometer.model             AMX600 
_pdbx_nmr_spectrometer.manufacturer      Bruker 
_pdbx_nmr_spectrometer.field_strength    600 
# 
_atom_sites.entry_id                    1UYB 
_atom_sites.fract_transf_matrix[1][1]   1.000000 
_atom_sites.fract_transf_matrix[1][2]   0.000000 
_atom_sites.fract_transf_matrix[1][3]   0.000000 
_atom_sites.fract_transf_matrix[2][1]   0.000000 
_atom_sites.fract_transf_matrix[2][2]   1.000000 
_atom_sites.fract_transf_matrix[2][3]   0.000000 
_atom_sites.fract_transf_matrix[3][1]   0.000000 
_atom_sites.fract_transf_matrix[3][2]   0.000000 
_atom_sites.fract_transf_matrix[3][3]   1.000000 
_atom_sites.fract_transf_vector[1]      0.00000 
_atom_sites.fract_transf_vector[2]      0.00000 
_atom_sites.fract_transf_vector[3]      0.00000 
# 
loop_
_atom_type.symbol 
C 
H 
N 
O 
S 
# 
loop_
_atom_site.group_PDB 
_atom_site.id 
_atom_site.type_symbol 
_atom_site.label_atom_id 
_atom_site.label_alt_id 
_atom_site.label_comp_id 
_atom_site.label_asym_id 
_atom_site.label_entity_id 
_atom_site.label_seq_id 
_atom_site.pdbx_PDB_ins_code 
_atom_site.Cartn_x 
_atom_site.Cartn_y 
_atom_site.Cartn_z 
_atom_site.occupancy 
_atom_site.B_iso_or_equiv 
_atom_site.pdbx_formal_charge 
_atom_site.auth_seq_id 
_atom_site.auth_comp_id 
_atom_site.auth_asym_id 
_atom_site.auth_atom_id 
_atom_site.pdbx_PDB_model_num 
ATOM 1    N N    . ASN A 1 1  ? 1.804  -0.905 9.114  1.00 0.00 ? 1  ASN A N    1  
ATOM 2    C CA   . ASN A 1 1  ? 1.633  0.403  9.818  1.00 0.00 ? 1  ASN A CA   1  
ATOM 3    C C    . ASN A 1 1  ? 0.511  1.212  9.163  1.00 0.00 ? 1  ASN A C    1  
ATOM 4    O O    . ASN A 1 1  ? -0.161 0.745  8.265  1.00 0.00 ? 1  ASN A O    1  
ATOM 5    C CB   . ASN A 1 1  ? 2.973  1.127  9.662  1.00 0.00 ? 1  ASN A CB   1  
ATOM 6    C CG   . ASN A 1 1  ? 3.882  0.778  10.841 1.00 0.00 ? 1  ASN A CG   1  
ATOM 7    O OD1  . ASN A 1 1  ? 4.321  1.651  11.564 1.00 0.00 ? 1  ASN A OD1  1  
ATOM 8    N ND2  . ASN A 1 1  ? 4.186  -0.471 11.068 1.00 0.00 ? 1  ASN A ND2  1  
ATOM 9    H H1   . ASN A 1 1  ? 1.164  -0.943 8.295  1.00 0.00 ? 1  ASN A H1   1  
ATOM 10   H H2   . ASN A 1 1  ? 2.786  -1.004 8.788  1.00 0.00 ? 1  ASN A H2   1  
ATOM 11   H H3   . ASN A 1 1  ? 1.576  -1.680 9.769  1.00 0.00 ? 1  ASN A H3   1  
ATOM 12   H HA   . ASN A 1 1  ? 1.421  0.243  10.863 1.00 0.00 ? 1  ASN A HA   1  
ATOM 13   H HB2  . ASN A 1 1  ? 3.444  0.818  8.740  1.00 0.00 ? 1  ASN A HB2  1  
ATOM 14   H HB3  . ASN A 1 1  ? 2.805  2.193  9.640  1.00 0.00 ? 1  ASN A HB3  1  
ATOM 15   H HD21 . ASN A 1 1  ? 3.832  -1.174 10.486 1.00 0.00 ? 1  ASN A HD21 1  
ATOM 16   H HD22 . ASN A 1 1  ? 4.770  -0.704 11.820 1.00 0.00 ? 1  ASN A HD22 1  
ATOM 17   N N    . ASP A 1 2  ? 0.303  2.422  9.606  1.00 0.00 ? 2  ASP A N    1  
ATOM 18   C CA   . ASP A 1 2  ? -0.775 3.259  9.007  1.00 0.00 ? 2  ASP A CA   1  
ATOM 19   C C    . ASP A 1 2  ? -0.217 4.091  7.850  1.00 0.00 ? 2  ASP A C    1  
ATOM 20   O O    . ASP A 1 2  ? -0.693 5.171  7.563  1.00 0.00 ? 2  ASP A O    1  
ATOM 21   C CB   . ASP A 1 2  ? -1.252 4.166  10.141 1.00 0.00 ? 2  ASP A CB   1  
ATOM 22   C CG   . ASP A 1 2  ? -2.541 4.873  9.719  1.00 0.00 ? 2  ASP A CG   1  
ATOM 23   O OD1  . ASP A 1 2  ? -3.491 4.184  9.389  1.00 0.00 ? 2  ASP A OD1  1  
ATOM 24   O OD2  . ASP A 1 2  ? -2.555 6.093  9.733  1.00 0.00 ? 2  ASP A OD2  1  
ATOM 25   H H    . ASP A 1 2  ? 0.856  2.780  10.331 1.00 0.00 ? 2  ASP A H    1  
ATOM 26   H HA   . ASP A 1 2  ? -1.588 2.637  8.666  1.00 0.00 ? 2  ASP A HA   1  
ATOM 27   H HB2  . ASP A 1 2  ? -1.439 3.572  11.022 1.00 0.00 ? 2  ASP A HB2  1  
ATOM 28   H HB3  . ASP A 1 2  ? -0.491 4.902  10.356 1.00 0.00 ? 2  ASP A HB3  1  
ATOM 29   N N    . ASP A 1 3  ? 0.789  3.596  7.184  1.00 0.00 ? 3  ASP A N    1  
ATOM 30   C CA   . ASP A 1 3  ? 1.377  4.356  6.045  1.00 0.00 ? 3  ASP A CA   1  
ATOM 31   C C    . ASP A 1 3  ? 1.246  3.547  4.753  1.00 0.00 ? 3  ASP A C    1  
ATOM 32   O O    . ASP A 1 3  ? 2.033  3.684  3.838  1.00 0.00 ? 3  ASP A O    1  
ATOM 33   C CB   . ASP A 1 3  ? 2.850  4.549  6.412  1.00 0.00 ? 3  ASP A CB   1  
ATOM 34   C CG   . ASP A 1 3  ? 2.978  5.672  7.444  1.00 0.00 ? 3  ASP A CG   1  
ATOM 35   O OD1  . ASP A 1 3  ? 2.313  5.592  8.464  1.00 0.00 ? 3  ASP A OD1  1  
ATOM 36   O OD2  . ASP A 1 3  ? 3.741  6.591  7.197  1.00 0.00 ? 3  ASP A OD2  1  
ATOM 37   H H    . ASP A 1 3  ? 1.156  2.722  7.432  1.00 0.00 ? 3  ASP A H    1  
ATOM 38   H HA   . ASP A 1 3  ? 0.893  5.313  5.941  1.00 0.00 ? 3  ASP A HA   1  
ATOM 39   H HB2  . ASP A 1 3  ? 3.240  3.632  6.828  1.00 0.00 ? 3  ASP A HB2  1  
ATOM 40   H HB3  . ASP A 1 3  ? 3.411  4.809  5.527  1.00 0.00 ? 3  ASP A HB3  1  
ATOM 41   N N    . CYS A 1 4  ? 0.254  2.703  4.675  1.00 0.00 ? 4  CYS A N    1  
ATOM 42   C CA   . CYS A 1 4  ? 0.065  1.880  3.448  1.00 0.00 ? 4  CYS A CA   1  
ATOM 43   C C    . CYS A 1 4  ? 1.383  1.206  3.051  1.00 0.00 ? 4  CYS A C    1  
ATOM 44   O O    . CYS A 1 4  ? 1.746  1.167  1.892  1.00 0.00 ? 4  CYS A O    1  
ATOM 45   C CB   . CYS A 1 4  ? -0.380 2.869  2.369  1.00 0.00 ? 4  CYS A CB   1  
ATOM 46   S SG   . CYS A 1 4  ? -1.609 2.078  1.301  1.00 0.00 ? 4  CYS A SG   1  
ATOM 47   H H    . CYS A 1 4  ? -0.367 2.610  5.428  1.00 0.00 ? 4  CYS A H    1  
ATOM 48   H HA   . CYS A 1 4  ? -0.702 1.138  3.606  1.00 0.00 ? 4  CYS A HA   1  
ATOM 49   H HB2  . CYS A 1 4  ? -0.816 3.738  2.838  1.00 0.00 ? 4  CYS A HB2  1  
ATOM 50   H HB3  . CYS A 1 4  ? 0.473  3.167  1.778  1.00 0.00 ? 4  CYS A HB3  1  
ATOM 51   N N    . GLU A 1 5  ? 2.099  0.671  4.002  1.00 0.00 ? 5  GLU A N    1  
ATOM 52   C CA   . GLU A 1 5  ? 3.388  -0.003 3.672  1.00 0.00 ? 5  GLU A CA   1  
ATOM 53   C C    . GLU A 1 5  ? 3.145  -1.482 3.386  1.00 0.00 ? 5  GLU A C    1  
ATOM 54   O O    . GLU A 1 5  ? 4.052  -2.291 3.397  1.00 0.00 ? 5  GLU A O    1  
ATOM 55   C CB   . GLU A 1 5  ? 4.257  0.167  4.916  1.00 0.00 ? 5  GLU A CB   1  
ATOM 56   C CG   . GLU A 1 5  ? 5.734  0.150  4.515  1.00 0.00 ? 5  GLU A CG   1  
ATOM 57   C CD   . GLU A 1 5  ? 6.346  1.530  4.762  1.00 0.00 ? 5  GLU A CD   1  
ATOM 58   O OE1  . GLU A 1 5  ? 6.301  2.348  3.857  1.00 0.00 ? 5  GLU A OE1  1  
ATOM 59   O OE2  . GLU A 1 5  ? 6.851  1.746  5.852  1.00 0.00 ? 5  GLU A OE2  1  
ATOM 60   H H    . GLU A 1 5  ? 1.788  0.708  4.932  1.00 0.00 ? 5  GLU A H    1  
ATOM 61   H HA   . GLU A 1 5  ? 3.852  0.471  2.827  1.00 0.00 ? 5  GLU A HA   1  
ATOM 62   H HB2  . GLU A 1 5  ? 4.024  1.107  5.393  1.00 0.00 ? 5  GLU A HB2  1  
ATOM 63   H HB3  . GLU A 1 5  ? 4.061  -0.644 5.602  1.00 0.00 ? 5  GLU A HB3  1  
ATOM 64   H HG2  . GLU A 1 5  ? 6.259  -0.587 5.103  1.00 0.00 ? 5  GLU A HG2  1  
ATOM 65   H HG3  . GLU A 1 5  ? 5.818  -0.099 3.467  1.00 0.00 ? 5  GLU A HG3  1  
ATOM 66   N N    . LEU A 1 6  ? 1.923  -1.832 3.123  1.00 0.00 ? 6  LEU A N    1  
ATOM 67   C CA   . LEU A 1 6  ? 1.592  -3.255 2.825  1.00 0.00 ? 6  LEU A CA   1  
ATOM 68   C C    . LEU A 1 6  ? 0.840  -3.343 1.495  1.00 0.00 ? 6  LEU A C    1  
ATOM 69   O O    . LEU A 1 6  ? -0.188 -3.981 1.392  1.00 0.00 ? 6  LEU A O    1  
ATOM 70   C CB   . LEU A 1 6  ? 0.693  -3.705 3.978  1.00 0.00 ? 6  LEU A CB   1  
ATOM 71   C CG   . LEU A 1 6  ? 1.496  -3.712 5.281  1.00 0.00 ? 6  LEU A CG   1  
ATOM 72   C CD1  . LEU A 1 6  ? 0.704  -2.987 6.371  1.00 0.00 ? 6  LEU A CD1  1  
ATOM 73   C CD2  . LEU A 1 6  ? 1.754  -5.157 5.714  1.00 0.00 ? 6  LEU A CD2  1  
ATOM 74   H H    . LEU A 1 6  ? 1.220  -1.152 3.119  1.00 0.00 ? 6  LEU A H    1  
ATOM 75   H HA   . LEU A 1 6  ? 2.487  -3.856 2.796  1.00 0.00 ? 6  LEU A HA   1  
ATOM 76   H HB2  . LEU A 1 6  ? -0.139 -3.023 4.072  1.00 0.00 ? 6  LEU A HB2  1  
ATOM 77   H HB3  . LEU A 1 6  ? 0.323  -4.700 3.778  1.00 0.00 ? 6  LEU A HB3  1  
ATOM 78   H HG   . LEU A 1 6  ? 2.439  -3.209 5.125  1.00 0.00 ? 6  LEU A HG   1  
ATOM 79   H HD11 . LEU A 1 6  ? -0.270 -3.443 6.472  1.00 0.00 ? 6  LEU A HD11 1  
ATOM 80   H HD12 . LEU A 1 6  ? 1.234  -3.060 7.309  1.00 0.00 ? 6  LEU A HD12 1  
ATOM 81   H HD13 . LEU A 1 6  ? 0.590  -1.948 6.101  1.00 0.00 ? 6  LEU A HD13 1  
ATOM 82   H HD21 . LEU A 1 6  ? 0.933  -5.781 5.394  1.00 0.00 ? 6  LEU A HD21 1  
ATOM 83   H HD22 . LEU A 1 6  ? 2.670  -5.509 5.263  1.00 0.00 ? 6  LEU A HD22 1  
ATOM 84   H HD23 . LEU A 1 6  ? 1.842  -5.200 6.789  1.00 0.00 ? 6  LEU A HD23 1  
ATOM 85   N N    . CYS A 1 7  ? 1.344  -2.698 0.479  1.00 0.00 ? 7  CYS A N    1  
ATOM 86   C CA   . CYS A 1 7  ? 0.659  -2.732 -0.844 1.00 0.00 ? 7  CYS A CA   1  
ATOM 87   C C    . CYS A 1 7  ? 1.528  -3.452 -1.876 1.00 0.00 ? 7  CYS A C    1  
ATOM 88   O O    . CYS A 1 7  ? 2.584  -3.966 -1.567 1.00 0.00 ? 7  CYS A O    1  
ATOM 89   C CB   . CYS A 1 7  ? 0.488  -1.265 -1.235 1.00 0.00 ? 7  CYS A CB   1  
ATOM 90   S SG   . CYS A 1 7  ? -0.803 -0.513 -0.217 1.00 0.00 ? 7  CYS A SG   1  
ATOM 91   H H    . CYS A 1 7  ? 2.172  -2.185 0.588  1.00 0.00 ? 7  CYS A H    1  
ATOM 92   H HA   . CYS A 1 7  ? -0.305 -3.208 -0.762 1.00 0.00 ? 7  CYS A HA   1  
ATOM 93   H HB2  . CYS A 1 7  ? 1.419  -0.740 -1.079 1.00 0.00 ? 7  CYS A HB2  1  
ATOM 94   H HB3  . CYS A 1 7  ? 0.208  -1.199 -2.276 1.00 0.00 ? 7  CYS A HB3  1  
ATOM 95   N N    . VAL A 1 8  ? 1.094  -3.480 -3.106 1.00 0.00 ? 8  VAL A N    1  
ATOM 96   C CA   . VAL A 1 8  ? 1.897  -4.151 -4.165 1.00 0.00 ? 8  VAL A CA   1  
ATOM 97   C C    . VAL A 1 8  ? 2.835  -3.133 -4.812 1.00 0.00 ? 8  VAL A C    1  
ATOM 98   O O    . VAL A 1 8  ? 3.262  -3.285 -5.940 1.00 0.00 ? 8  VAL A O    1  
ATOM 99   C CB   . VAL A 1 8  ? 0.872  -4.665 -5.177 1.00 0.00 ? 8  VAL A CB   1  
ATOM 100  C CG1  . VAL A 1 8  ? 1.600  -5.267 -6.381 1.00 0.00 ? 8  VAL A CG1  1  
ATOM 101  C CG2  . VAL A 1 8  ? 0.001  -5.735 -4.519 1.00 0.00 ? 8  VAL A CG2  1  
ATOM 102  H H    . VAL A 1 8  ? 0.244  -3.050 -3.335 1.00 0.00 ? 8  VAL A H    1  
ATOM 103  H HA   . VAL A 1 8  ? 2.458  -4.972 -3.751 1.00 0.00 ? 8  VAL A HA   1  
ATOM 104  H HB   . VAL A 1 8  ? 0.250  -3.845 -5.506 1.00 0.00 ? 8  VAL A HB   1  
ATOM 105  H HG11 . VAL A 1 8  ? 2.652  -5.358 -6.157 1.00 0.00 ? 8  VAL A HG11 1  
ATOM 106  H HG12 . VAL A 1 8  ? 1.191  -6.243 -6.596 1.00 0.00 ? 8  VAL A HG12 1  
ATOM 107  H HG13 . VAL A 1 8  ? 1.469  -4.624 -7.239 1.00 0.00 ? 8  VAL A HG13 1  
ATOM 108  H HG21 . VAL A 1 8  ? 0.018  -5.604 -3.447 1.00 0.00 ? 8  VAL A HG21 1  
ATOM 109  H HG22 . VAL A 1 8  ? -1.013 -5.645 -4.877 1.00 0.00 ? 8  VAL A HG22 1  
ATOM 110  H HG23 . VAL A 1 8  ? 0.385  -6.714 -4.767 1.00 0.00 ? 8  VAL A HG23 1  
ATOM 111  N N    . ASN A 1 9  ? 3.151  -2.089 -4.097 1.00 0.00 ? 9  ASN A N    1  
ATOM 112  C CA   . ASN A 1 9  ? 4.055  -1.041 -4.646 1.00 0.00 ? 9  ASN A CA   1  
ATOM 113  C C    . ASN A 1 9  ? 4.371  -0.011 -3.555 1.00 0.00 ? 9  ASN A C    1  
ATOM 114  O O    . ASN A 1 9  ? 4.488  -0.345 -2.393 1.00 0.00 ? 9  ASN A O    1  
ATOM 115  C CB   . ASN A 1 9  ? 3.266  -0.405 -5.793 1.00 0.00 ? 9  ASN A CB   1  
ATOM 116  C CG   . ASN A 1 9  ? 2.047  0.328  -5.232 1.00 0.00 ? 9  ASN A CG   1  
ATOM 117  O OD1  . ASN A 1 9  ? 1.653  0.105  -4.105 1.00 0.00 ? 9  ASN A OD1  1  
ATOM 118  N ND2  . ASN A 1 9  ? 1.424  1.198  -5.980 1.00 0.00 ? 9  ASN A ND2  1  
ATOM 119  H H    . ASN A 1 9  ? 2.788  -1.995 -3.193 1.00 0.00 ? 9  ASN A H    1  
ATOM 120  H HA   . ASN A 1 9  ? 4.964  -1.481 -5.021 1.00 0.00 ? 9  ASN A HA   1  
ATOM 121  H HB2  . ASN A 1 9  ? 3.897  0.294  -6.322 1.00 0.00 ? 9  ASN A HB2  1  
ATOM 122  H HB3  . ASN A 1 9  ? 2.940  -1.177 -6.473 1.00 0.00 ? 9  ASN A HB3  1  
ATOM 123  H HD21 . ASN A 1 9  ? 1.741  1.375  -6.891 1.00 0.00 ? 9  ASN A HD21 1  
ATOM 124  H HD22 . ASN A 1 9  ? 0.642  1.674  -5.631 1.00 0.00 ? 9  ASN A HD22 1  
ATOM 125  N N    . VAL A 1 10 ? 4.512  1.235  -3.912 1.00 0.00 ? 10 VAL A N    1  
ATOM 126  C CA   . VAL A 1 10 ? 4.822  2.270  -2.882 1.00 0.00 ? 10 VAL A CA   1  
ATOM 127  C C    . VAL A 1 10 ? 3.976  3.525  -3.113 1.00 0.00 ? 10 VAL A C    1  
ATOM 128  O O    . VAL A 1 10 ? 4.467  4.636  -3.058 1.00 0.00 ? 10 VAL A O    1  
ATOM 129  C CB   . VAL A 1 10 ? 6.307  2.580  -3.069 1.00 0.00 ? 10 VAL A CB   1  
ATOM 130  C CG1  . VAL A 1 10 ? 7.087  1.270  -3.202 1.00 0.00 ? 10 VAL A CG1  1  
ATOM 131  C CG2  . VAL A 1 10 ? 6.500  3.419  -4.333 1.00 0.00 ? 10 VAL A CG2  1  
ATOM 132  H H    . VAL A 1 10 ? 4.417  1.491  -4.852 1.00 0.00 ? 10 VAL A H    1  
ATOM 133  H HA   . VAL A 1 10 ? 4.650  1.878  -1.892 1.00 0.00 ? 10 VAL A HA   1  
ATOM 134  H HB   . VAL A 1 10 ? 6.671  3.130  -2.213 1.00 0.00 ? 10 VAL A HB   1  
ATOM 135  H HG11 . VAL A 1 10 ? 6.885  0.643  -2.346 1.00 0.00 ? 10 VAL A HG11 1  
ATOM 136  H HG12 . VAL A 1 10 ? 6.779  0.758  -4.102 1.00 0.00 ? 10 VAL A HG12 1  
ATOM 137  H HG13 . VAL A 1 10 ? 8.144  1.483  -3.251 1.00 0.00 ? 10 VAL A HG13 1  
ATOM 138  H HG21 . VAL A 1 10 ? 5.681  3.237  -5.014 1.00 0.00 ? 10 VAL A HG21 1  
ATOM 139  H HG22 . VAL A 1 10 ? 6.522  4.466  -4.071 1.00 0.00 ? 10 VAL A HG22 1  
ATOM 140  H HG23 . VAL A 1 10 ? 7.430  3.147  -4.809 1.00 0.00 ? 10 VAL A HG23 1  
ATOM 141  N N    . ALA A 1 11 ? 2.708  3.360  -3.367 1.00 0.00 ? 11 ALA A N    1  
ATOM 142  C CA   . ALA A 1 11 ? 1.834  4.546  -3.599 1.00 0.00 ? 11 ALA A CA   1  
ATOM 143  C C    . ALA A 1 11 ? 0.405  4.241  -3.148 1.00 0.00 ? 11 ALA A C    1  
ATOM 144  O O    . ALA A 1 11 ? -0.549 4.808  -3.643 1.00 0.00 ? 11 ALA A O    1  
ATOM 145  C CB   . ALA A 1 11 ? 1.879  4.781  -5.107 1.00 0.00 ? 11 ALA A CB   1  
ATOM 146  H H    . ALA A 1 11 ? 2.329  2.457  -3.406 1.00 0.00 ? 11 ALA A H    1  
ATOM 147  H HA   . ALA A 1 11 ? 2.219  5.406  -3.077 1.00 0.00 ? 11 ALA A HA   1  
ATOM 148  H HB1  . ALA A 1 11 ? 2.275  3.904  -5.595 1.00 0.00 ? 11 ALA A HB1  1  
ATOM 149  H HB2  . ALA A 1 11 ? 0.881  4.975  -5.469 1.00 0.00 ? 11 ALA A HB2  1  
ATOM 150  H HB3  . ALA A 1 11 ? 2.511  5.630  -5.320 1.00 0.00 ? 11 ALA A HB3  1  
ATOM 151  N N    . CYS A 1 12 ? 0.254  3.344  -2.217 1.00 0.00 ? 12 CYS A N    1  
ATOM 152  C CA   . CYS A 1 12 ? -1.113 2.993  -1.733 1.00 0.00 ? 12 CYS A CA   1  
ATOM 153  C C    . CYS A 1 12 ? -2.050 2.796  -2.926 1.00 0.00 ? 12 CYS A C    1  
ATOM 154  O O    . CYS A 1 12 ? -3.252 2.938  -2.817 1.00 0.00 ? 12 CYS A O    1  
ATOM 155  C CB   . CYS A 1 12 ? -1.554 4.187  -0.885 1.00 0.00 ? 12 CYS A CB   1  
ATOM 156  S SG   . CYS A 1 12 ? -2.619 3.619  0.467  1.00 0.00 ? 12 CYS A SG   1  
ATOM 157  H H    . CYS A 1 12 ? 1.039  2.900  -1.838 1.00 0.00 ? 12 CYS A H    1  
ATOM 158  H HA   . CYS A 1 12 ? -1.082 2.099  -1.131 1.00 0.00 ? 12 CYS A HA   1  
ATOM 159  H HB2  . CYS A 1 12 ? -0.683 4.677  -0.474 1.00 0.00 ? 12 CYS A HB2  1  
ATOM 160  H HB3  . CYS A 1 12 ? -2.100 4.884  -1.503 1.00 0.00 ? 12 CYS A HB3  1  
ATOM 161  N N    . THR A 1 13 ? -1.505 2.455  -4.060 1.00 0.00 ? 13 THR A N    1  
ATOM 162  C CA   . THR A 1 13 ? -2.352 2.231  -5.263 1.00 0.00 ? 13 THR A CA   1  
ATOM 163  C C    . THR A 1 13 ? -2.121 0.814  -5.784 1.00 0.00 ? 13 THR A C    1  
ATOM 164  O O    . THR A 1 13 ? -1.122 0.527  -6.412 1.00 0.00 ? 13 THR A O    1  
ATOM 165  C CB   . THR A 1 13 ? -1.884 3.269  -6.284 1.00 0.00 ? 13 THR A CB   1  
ATOM 166  O OG1  . THR A 1 13 ? -0.464 3.310  -6.294 1.00 0.00 ? 13 THR A OG1  1  
ATOM 167  C CG2  . THR A 1 13 ? -2.434 4.645  -5.906 1.00 0.00 ? 13 THR A CG2  1  
ATOM 168  H H    . THR A 1 13 ? -0.535 2.336  -4.118 1.00 0.00 ? 13 THR A H    1  
ATOM 169  H HA   . THR A 1 13 ? -3.395 2.379  -5.026 1.00 0.00 ? 13 THR A HA   1  
ATOM 170  H HB   . THR A 1 13 ? -2.244 2.998  -7.263 1.00 0.00 ? 13 THR A HB   1  
ATOM 171  H HG1  . THR A 1 13 ? -0.165 3.032  -7.163 1.00 0.00 ? 13 THR A HG1  1  
ATOM 172  H HG21 . THR A 1 13 ? -3.115 4.545  -5.072 1.00 0.00 ? 13 THR A HG21 1  
ATOM 173  H HG22 . THR A 1 13 ? -1.619 5.295  -5.627 1.00 0.00 ? 13 THR A HG22 1  
ATOM 174  H HG23 . THR A 1 13 ? -2.960 5.067  -6.751 1.00 0.00 ? 13 THR A HG23 1  
ATOM 175  N N    . GLY A 1 14 ? -3.027 -0.076 -5.505 1.00 0.00 ? 14 GLY A N    1  
ATOM 176  C CA   . GLY A 1 14 ? -2.856 -1.481 -5.957 1.00 0.00 ? 14 GLY A CA   1  
ATOM 177  C C    . GLY A 1 14 ? -2.516 -2.337 -4.738 1.00 0.00 ? 14 GLY A C    1  
ATOM 178  O O    . GLY A 1 14 ? -1.655 -3.193 -4.783 1.00 0.00 ? 14 GLY A O    1  
ATOM 179  H H    . GLY A 1 14 ? -3.815 0.177  -4.981 1.00 0.00 ? 14 GLY A H    1  
ATOM 180  H HA2  . GLY A 1 14 ? -3.771 -1.834 -6.407 1.00 0.00 ? 14 GLY A HA2  1  
ATOM 181  H HA3  . GLY A 1 14 ? -2.052 -1.537 -6.676 1.00 0.00 ? 14 GLY A HA3  1  
ATOM 182  N N    . CYS A 1 15 ? -3.184 -2.098 -3.642 1.00 0.00 ? 15 CYS A N    1  
ATOM 183  C CA   . CYS A 1 15 ? -2.903 -2.881 -2.409 1.00 0.00 ? 15 CYS A CA   1  
ATOM 184  C C    . CYS A 1 15 ? -3.784 -4.124 -2.360 1.00 0.00 ? 15 CYS A C    1  
ATOM 185  O O    . CYS A 1 15 ? -4.899 -4.097 -1.878 1.00 0.00 ? 15 CYS A O    1  
ATOM 186  C CB   . CYS A 1 15 ? -3.245 -1.946 -1.251 1.00 0.00 ? 15 CYS A CB   1  
ATOM 187  S SG   . CYS A 1 15 ? -2.381 -0.372 -1.463 1.00 0.00 ? 15 CYS A SG   1  
ATOM 188  H H    . CYS A 1 15 ? -3.865 -1.398 -3.631 1.00 0.00 ? 15 CYS A H    1  
ATOM 189  H HA   . CYS A 1 15 ? -1.862 -3.154 -2.364 1.00 0.00 ? 15 CYS A HA   1  
ATOM 190  H HB2  . CYS A 1 15 ? -4.310 -1.769 -1.232 1.00 0.00 ? 15 CYS A HB2  1  
ATOM 191  H HB3  . CYS A 1 15 ? -2.940 -2.404 -0.324 1.00 0.00 ? 15 CYS A HB3  1  
ATOM 192  N N    . LEU A 1 16 ? -3.283 -5.214 -2.855 1.00 0.00 ? 16 LEU A N    1  
ATOM 193  C CA   . LEU A 1 16 ? -4.071 -6.479 -2.848 1.00 0.00 ? 16 LEU A CA   1  
ATOM 194  C C    . LEU A 1 16 ? -5.522 -6.203 -3.251 1.00 0.00 ? 16 LEU A C    1  
ATOM 195  O O    . LEU A 1 16 ? -5.776 -5.131 -3.778 1.00 0.00 ? 16 LEU A O    1  
ATOM 196  C CB   . LEU A 1 16 ? -3.999 -6.978 -1.405 1.00 0.00 ? 16 LEU A CB   1  
ATOM 197  C CG   . LEU A 1 16 ? -2.732 -7.816 -1.220 1.00 0.00 ? 16 LEU A CG   1  
ATOM 198  C CD1  . LEU A 1 16 ? -2.293 -7.761 0.245  1.00 0.00 ? 16 LEU A CD1  1  
ATOM 199  C CD2  . LEU A 1 16 ? -3.019 -9.266 -1.613 1.00 0.00 ? 16 LEU A CD2  1  
ATOM 200  O OXT  . LEU A 1 16 ? -6.353 -7.067 -3.027 1.00 0.00 ? 16 LEU A OXT  1  
ATOM 201  H H    . LEU A 1 16 ? -2.382 -5.199 -3.234 1.00 0.00 ? 16 LEU A H    1  
ATOM 202  H HA   . LEU A 1 16 ? -3.627 -7.204 -3.511 1.00 0.00 ? 16 LEU A HA   1  
ATOM 203  H HB2  . LEU A 1 16 ? -3.974 -6.134 -0.732 1.00 0.00 ? 16 LEU A HB2  1  
ATOM 204  H HB3  . LEU A 1 16 ? -4.866 -7.585 -1.189 1.00 0.00 ? 16 LEU A HB3  1  
ATOM 205  H HG   . LEU A 1 16 ? -1.945 -7.421 -1.847 1.00 0.00 ? 16 LEU A HG   1  
ATOM 206  H HD11 . LEU A 1 16 ? -3.132 -8.002 0.882  1.00 0.00 ? 16 LEU A HD11 1  
ATOM 207  H HD12 . LEU A 1 16 ? -1.499 -8.474 0.410  1.00 0.00 ? 16 LEU A HD12 1  
ATOM 208  H HD13 . LEU A 1 16 ? -1.939 -6.767 0.478  1.00 0.00 ? 16 LEU A HD13 1  
ATOM 209  H HD21 . LEU A 1 16 ? -4.078 -9.392 -1.776 1.00 0.00 ? 16 LEU A HD21 1  
ATOM 210  H HD22 . LEU A 1 16 ? -2.485 -9.505 -2.521 1.00 0.00 ? 16 LEU A HD22 1  
ATOM 211  H HD23 . LEU A 1 16 ? -2.694 -9.925 -0.821 1.00 0.00 ? 16 LEU A HD23 1  
ATOM 212  N N    . ASN A 1 1  ? 4.938  2.586  11.703 1.00 0.00 ? 1  ASN A N    2  
ATOM 213  C CA   . ASN A 1 1  ? 4.272  3.255  10.548 1.00 0.00 ? 1  ASN A CA   2  
ATOM 214  C C    . ASN A 1 1  ? 3.146  2.374  10.002 1.00 0.00 ? 1  ASN A C    2  
ATOM 215  O O    . ASN A 1 1  ? 2.854  1.322  10.534 1.00 0.00 ? 1  ASN A O    2  
ATOM 216  C CB   . ASN A 1 1  ? 5.374  3.428  9.502  1.00 0.00 ? 1  ASN A CB   2  
ATOM 217  C CG   . ASN A 1 1  ? 5.448  4.898  9.081  1.00 0.00 ? 1  ASN A CG   2  
ATOM 218  O OD1  . ASN A 1 1  ? 4.442  5.575  9.017  1.00 0.00 ? 1  ASN A OD1  2  
ATOM 219  N ND2  . ASN A 1 1  ? 6.607  5.421  8.789  1.00 0.00 ? 1  ASN A ND2  2  
ATOM 220  H H1   . ASN A 1 1  ? 5.007  1.564  11.519 1.00 0.00 ? 1  ASN A H1   2  
ATOM 221  H H2   . ASN A 1 1  ? 5.891  2.981  11.830 1.00 0.00 ? 1  ASN A H2   2  
ATOM 222  H H3   . ASN A 1 1  ? 4.380  2.747  12.566 1.00 0.00 ? 1  ASN A H3   2  
ATOM 223  H HA   . ASN A 1 1  ? 3.889  4.219  10.841 1.00 0.00 ? 1  ASN A HA   2  
ATOM 224  H HB2  . ASN A 1 1  ? 6.321  3.127  9.924  1.00 0.00 ? 1  ASN A HB2  2  
ATOM 225  H HB3  . ASN A 1 1  ? 5.152  2.818  8.640  1.00 0.00 ? 1  ASN A HB3  2  
ATOM 226  H HD21 . ASN A 1 1  ? 7.419  4.875  8.841  1.00 0.00 ? 1  ASN A HD21 2  
ATOM 227  H HD22 . ASN A 1 1  ? 6.666  6.361  8.517  1.00 0.00 ? 1  ASN A HD22 2  
ATOM 228  N N    . ASP A 1 2  ? 2.512  2.794  8.942  1.00 0.00 ? 2  ASP A N    2  
ATOM 229  C CA   . ASP A 1 2  ? 1.404  1.980  8.363  1.00 0.00 ? 2  ASP A CA   2  
ATOM 230  C C    . ASP A 1 2  ? 0.761  2.719  7.188  1.00 0.00 ? 2  ASP A C    2  
ATOM 231  O O    . ASP A 1 2  ? -0.447 2.806  7.082  1.00 0.00 ? 2  ASP A O    2  
ATOM 232  C CB   . ASP A 1 2  ? 0.402  1.808  9.504  1.00 0.00 ? 2  ASP A CB   2  
ATOM 233  C CG   . ASP A 1 2  ? 0.050  0.327  9.655  1.00 0.00 ? 2  ASP A CG   2  
ATOM 234  O OD1  . ASP A 1 2  ? 0.000  -0.357 8.645  1.00 0.00 ? 2  ASP A OD1  2  
ATOM 235  O OD2  . ASP A 1 2  ? -0.166 -0.099 10.778 1.00 0.00 ? 2  ASP A OD2  2  
ATOM 236  H H    . ASP A 1 2  ? 2.762  3.646  8.526  1.00 0.00 ? 2  ASP A H    2  
ATOM 237  H HA   . ASP A 1 2  ? 1.772  1.016  8.047  1.00 0.00 ? 2  ASP A HA   2  
ATOM 238  H HB2  . ASP A 1 2  ? 0.836  2.170  10.423 1.00 0.00 ? 2  ASP A HB2  2  
ATOM 239  H HB3  . ASP A 1 2  ? -0.495 2.369  9.283  1.00 0.00 ? 2  ASP A HB3  2  
ATOM 240  N N    . ASP A 1 3  ? 1.557  3.253  6.302  1.00 0.00 ? 3  ASP A N    2  
ATOM 241  C CA   . ASP A 1 3  ? 0.988  3.986  5.134  1.00 0.00 ? 3  ASP A CA   2  
ATOM 242  C C    . ASP A 1 3  ? 1.308  3.242  3.835  1.00 0.00 ? 3  ASP A C    2  
ATOM 243  O O    . ASP A 1 3  ? 2.392  3.350  3.297  1.00 0.00 ? 3  ASP A O    2  
ATOM 244  C CB   . ASP A 1 3  ? 1.671  5.354  5.152  1.00 0.00 ? 3  ASP A CB   2  
ATOM 245  C CG   . ASP A 1 3  ? 3.190  5.166  5.152  1.00 0.00 ? 3  ASP A CG   2  
ATOM 246  O OD1  . ASP A 1 3  ? 3.677  4.436  5.998  1.00 0.00 ? 3  ASP A OD1  2  
ATOM 247  O OD2  . ASP A 1 3  ? 3.839  5.756  4.304  1.00 0.00 ? 3  ASP A OD2  2  
ATOM 248  H H    . ASP A 1 3  ? 2.528  3.172  6.404  1.00 0.00 ? 3  ASP A H    2  
ATOM 249  H HA   . ASP A 1 3  ? -0.078 4.106  5.248  1.00 0.00 ? 3  ASP A HA   2  
ATOM 250  H HB2  . ASP A 1 3  ? 1.378  5.914  4.275  1.00 0.00 ? 3  ASP A HB2  2  
ATOM 251  H HB3  . ASP A 1 3  ? 1.376  5.893  6.039  1.00 0.00 ? 3  ASP A HB3  2  
ATOM 252  N N    . CYS A 1 4  ? 0.372  2.490  3.326  1.00 0.00 ? 4  CYS A N    2  
ATOM 253  C CA   . CYS A 1 4  ? 0.623  1.740  2.061  1.00 0.00 ? 4  CYS A CA   2  
ATOM 254  C C    . CYS A 1 4  ? 2.017  1.107  2.091  1.00 0.00 ? 4  CYS A C    2  
ATOM 255  O O    . CYS A 1 4  ? 2.651  0.928  1.069  1.00 0.00 ? 4  CYS A O    2  
ATOM 256  C CB   . CYS A 1 4  ? 0.530  2.791  0.953  1.00 0.00 ? 4  CYS A CB   2  
ATOM 257  S SG   . CYS A 1 4  ? -1.102 3.573  1.000  1.00 0.00 ? 4  CYS A SG   2  
ATOM 258  H H    . CYS A 1 4  ? -0.496 2.417  3.775  1.00 0.00 ? 4  CYS A H    2  
ATOM 259  H HA   . CYS A 1 4  ? -0.131 0.984  1.917  1.00 0.00 ? 4  CYS A HA   2  
ATOM 260  H HB2  . CYS A 1 4  ? 1.294  3.541  1.104  1.00 0.00 ? 4  CYS A HB2  2  
ATOM 261  H HB3  . CYS A 1 4  ? 0.676  2.317  -0.006 1.00 0.00 ? 4  CYS A HB3  2  
ATOM 262  N N    . GLU A 1 5  ? 2.499  0.765  3.255  1.00 0.00 ? 5  GLU A N    2  
ATOM 263  C CA   . GLU A 1 5  ? 3.850  0.141  3.350  1.00 0.00 ? 5  GLU A CA   2  
ATOM 264  C C    . GLU A 1 5  ? 3.718  -1.373 3.487  1.00 0.00 ? 5  GLU A C    2  
ATOM 265  O O    . GLU A 1 5  ? 4.624  -2.055 3.924  1.00 0.00 ? 5  GLU A O    2  
ATOM 266  C CB   . GLU A 1 5  ? 4.472  0.740  4.607  1.00 0.00 ? 5  GLU A CB   2  
ATOM 267  C CG   . GLU A 1 5  ? 5.994  0.606  4.540  1.00 0.00 ? 5  GLU A CG   2  
ATOM 268  C CD   . GLU A 1 5  ? 6.644  1.809  5.228  1.00 0.00 ? 5  GLU A CD   2  
ATOM 269  O OE1  . GLU A 1 5  ? 6.726  2.853  4.599  1.00 0.00 ? 5  GLU A OE1  2  
ATOM 270  O OE2  . GLU A 1 5  ? 7.047  1.667  6.370  1.00 0.00 ? 5  GLU A OE2  2  
ATOM 271  H H    . GLU A 1 5  ? 1.971  0.915  4.066  1.00 0.00 ? 5  GLU A H    2  
ATOM 272  H HA   . GLU A 1 5  ? 4.440  0.390  2.486  1.00 0.00 ? 5  GLU A HA   2  
ATOM 273  H HB2  . GLU A 1 5  ? 4.204  1.782  4.679  1.00 0.00 ? 5  GLU A HB2  2  
ATOM 274  H HB3  . GLU A 1 5  ? 4.101  0.214  5.473  1.00 0.00 ? 5  GLU A HB3  2  
ATOM 275  H HG2  . GLU A 1 5  ? 6.298  -0.302 5.042  1.00 0.00 ? 5  GLU A HG2  2  
ATOM 276  H HG3  . GLU A 1 5  ? 6.308  0.568  3.508  1.00 0.00 ? 5  GLU A HG3  2  
ATOM 277  N N    . LEU A 1 6  ? 2.589  -1.898 3.118  1.00 0.00 ? 6  LEU A N    2  
ATOM 278  C CA   . LEU A 1 6  ? 2.374  -3.369 3.220  1.00 0.00 ? 6  LEU A CA   2  
ATOM 279  C C    . LEU A 1 6  ? 1.459  -3.851 2.090  1.00 0.00 ? 6  LEU A C    2  
ATOM 280  O O    . LEU A 1 6  ? 0.376  -4.348 2.327  1.00 0.00 ? 6  LEU A O    2  
ATOM 281  C CB   . LEU A 1 6  ? 1.699  -3.576 4.577  1.00 0.00 ? 6  LEU A CB   2  
ATOM 282  C CG   . LEU A 1 6  ? 2.738  -3.441 5.691  1.00 0.00 ? 6  LEU A CG   2  
ATOM 283  C CD1  . LEU A 1 6  ? 2.604  -2.066 6.349  1.00 0.00 ? 6  LEU A CD1  2  
ATOM 284  C CD2  . LEU A 1 6  ? 2.505  -4.531 6.738  1.00 0.00 ? 6  LEU A CD2  2  
ATOM 285  H H    . LEU A 1 6  ? 1.881  -1.319 2.773  1.00 0.00 ? 6  LEU A H    2  
ATOM 286  H HA   . LEU A 1 6  ? 3.316  -3.892 3.193  1.00 0.00 ? 6  LEU A HA   2  
ATOM 287  H HB2  . LEU A 1 6  ? 0.928  -2.833 4.711  1.00 0.00 ? 6  LEU A HB2  2  
ATOM 288  H HB3  . LEU A 1 6  ? 1.259  -4.562 4.612  1.00 0.00 ? 6  LEU A HB3  2  
ATOM 289  H HG   . LEU A 1 6  ? 3.730  -3.546 5.275  1.00 0.00 ? 6  LEU A HG   2  
ATOM 290  H HD11 . LEU A 1 6  ? 2.724  -1.296 5.602  1.00 0.00 ? 6  LEU A HD11 2  
ATOM 291  H HD12 . LEU A 1 6  ? 1.629  -1.978 6.804  1.00 0.00 ? 6  LEU A HD12 2  
ATOM 292  H HD13 . LEU A 1 6  ? 3.366  -1.954 7.106  1.00 0.00 ? 6  LEU A HD13 2  
ATOM 293  H HD21 . LEU A 1 6  ? 1.445  -4.623 6.933  1.00 0.00 ? 6  LEU A HD21 2  
ATOM 294  H HD22 . LEU A 1 6  ? 2.884  -5.472 6.370  1.00 0.00 ? 6  LEU A HD22 2  
ATOM 295  H HD23 . LEU A 1 6  ? 3.016  -4.268 7.652  1.00 0.00 ? 6  LEU A HD23 2  
ATOM 296  N N    . CYS A 1 7  ? 1.886  -3.707 0.865  1.00 0.00 ? 7  CYS A N    2  
ATOM 297  C CA   . CYS A 1 7  ? 1.033  -4.160 -0.273 1.00 0.00 ? 7  CYS A CA   2  
ATOM 298  C C    . CYS A 1 7  ? 1.792  -4.021 -1.596 1.00 0.00 ? 7  CYS A C    2  
ATOM 299  O O    . CYS A 1 7  ? 2.988  -3.814 -1.621 1.00 0.00 ? 7  CYS A O    2  
ATOM 300  C CB   . CYS A 1 7  ? -0.179 -3.229 -0.252 1.00 0.00 ? 7  CYS A CB   2  
ATOM 301  S SG   . CYS A 1 7  ? 0.381  -1.508 -0.297 1.00 0.00 ? 7  CYS A SG   2  
ATOM 302  H H    . CYS A 1 7  ? 2.761  -3.304 0.694  1.00 0.00 ? 7  CYS A H    2  
ATOM 303  H HA   . CYS A 1 7  ? 0.716  -5.179 -0.124 1.00 0.00 ? 7  CYS A HA   2  
ATOM 304  H HB2  . CYS A 1 7  ? -0.800 -3.428 -1.113 1.00 0.00 ? 7  CYS A HB2  2  
ATOM 305  H HB3  . CYS A 1 7  ? -0.748 -3.399 0.649  1.00 0.00 ? 7  CYS A HB3  2  
ATOM 306  N N    . VAL A 1 8  ? 1.099  -4.135 -2.696 1.00 0.00 ? 8  VAL A N    2  
ATOM 307  C CA   . VAL A 1 8  ? 1.769  -4.011 -4.020 1.00 0.00 ? 8  VAL A CA   2  
ATOM 308  C C    . VAL A 1 8  ? 2.475  -2.659 -4.126 1.00 0.00 ? 8  VAL A C    2  
ATOM 309  O O    . VAL A 1 8  ? 1.944  -1.709 -4.664 1.00 0.00 ? 8  VAL A O    2  
ATOM 310  C CB   . VAL A 1 8  ? 0.641  -4.112 -5.045 1.00 0.00 ? 8  VAL A CB   2  
ATOM 311  C CG1  . VAL A 1 8  ? 1.204  -3.885 -6.449 1.00 0.00 ? 8  VAL A CG1  2  
ATOM 312  C CG2  . VAL A 1 8  ? 0.007  -5.503 -4.970 1.00 0.00 ? 8  VAL A CG2  2  
ATOM 313  H H    . VAL A 1 8  ? 0.139  -4.301 -2.651 1.00 0.00 ? 8  VAL A H    2  
ATOM 314  H HA   . VAL A 1 8  ? 2.472  -4.817 -4.164 1.00 0.00 ? 8  VAL A HA   2  
ATOM 315  H HB   . VAL A 1 8  ? -0.109 -3.363 -4.831 1.00 0.00 ? 8  VAL A HB   2  
ATOM 316  H HG11 . VAL A 1 8  ? 2.274  -3.746 -6.389 1.00 0.00 ? 8  VAL A HG11 2  
ATOM 317  H HG12 . VAL A 1 8  ? 0.986  -4.742 -7.069 1.00 0.00 ? 8  VAL A HG12 2  
ATOM 318  H HG13 . VAL A 1 8  ? 0.752  -3.003 -6.879 1.00 0.00 ? 8  VAL A HG13 2  
ATOM 319  H HG21 . VAL A 1 8  ? -0.268 -5.719 -3.947 1.00 0.00 ? 8  VAL A HG21 2  
ATOM 320  H HG22 . VAL A 1 8  ? -0.874 -5.533 -5.594 1.00 0.00 ? 8  VAL A HG22 2  
ATOM 321  H HG23 . VAL A 1 8  ? 0.717  -6.241 -5.314 1.00 0.00 ? 8  VAL A HG23 2  
ATOM 322  N N    . ASN A 1 9  ? 3.669  -2.573 -3.607 1.00 0.00 ? 9  ASN A N    2  
ATOM 323  C CA   . ASN A 1 9  ? 4.432  -1.288 -3.661 1.00 0.00 ? 9  ASN A CA   2  
ATOM 324  C C    . ASN A 1 9  ? 3.855  -0.292 -2.646 1.00 0.00 ? 9  ASN A C    2  
ATOM 325  O O    . ASN A 1 9  ? 2.845  -0.544 -2.020 1.00 0.00 ? 9  ASN A O    2  
ATOM 326  C CB   . ASN A 1 9  ? 4.292  -0.791 -5.118 1.00 0.00 ? 9  ASN A CB   2  
ATOM 327  C CG   . ASN A 1 9  ? 3.423  0.473  -5.196 1.00 0.00 ? 9  ASN A CG   2  
ATOM 328  O OD1  . ASN A 1 9  ? 3.808  1.518  -4.710 1.00 0.00 ? 9  ASN A OD1  2  
ATOM 329  N ND2  . ASN A 1 9  ? 2.264  0.418  -5.790 1.00 0.00 ? 9  ASN A ND2  2  
ATOM 330  H H    . ASN A 1 9  ? 4.065  -3.357 -3.175 1.00 0.00 ? 9  ASN A H    2  
ATOM 331  H HA   . ASN A 1 9  ? 5.473  -1.471 -3.440 1.00 0.00 ? 9  ASN A HA   2  
ATOM 332  H HB2  . ASN A 1 9  ? 5.274  -0.570 -5.511 1.00 0.00 ? 9  ASN A HB2  2  
ATOM 333  H HB3  . ASN A 1 9  ? 3.838  -1.569 -5.715 1.00 0.00 ? 9  ASN A HB3  2  
ATOM 334  H HD21 . ASN A 1 9  ? 1.954  -0.425 -6.183 1.00 0.00 ? 9  ASN A HD21 2  
ATOM 335  H HD22 . ASN A 1 9  ? 1.702  1.220  -5.845 1.00 0.00 ? 9  ASN A HD22 2  
ATOM 336  N N    . VAL A 1 10 ? 4.492  0.835  -2.478 1.00 0.00 ? 10 VAL A N    2  
ATOM 337  C CA   . VAL A 1 10 ? 3.981  1.841  -1.503 1.00 0.00 ? 10 VAL A CA   2  
ATOM 338  C C    . VAL A 1 10 ? 3.476  3.085  -2.237 1.00 0.00 ? 10 VAL A C    2  
ATOM 339  O O    . VAL A 1 10 ? 4.108  4.123  -2.228 1.00 0.00 ? 10 VAL A O    2  
ATOM 340  C CB   . VAL A 1 10 ? 5.185  2.186  -0.626 1.00 0.00 ? 10 VAL A CB   2  
ATOM 341  C CG1  . VAL A 1 10 ? 4.708  2.927  0.624  1.00 0.00 ? 10 VAL A CG1  2  
ATOM 342  C CG2  . VAL A 1 10 ? 5.902  0.899  -0.214 1.00 0.00 ? 10 VAL A CG2  2  
ATOM 343  H H    . VAL A 1 10 ? 5.306  1.018  -2.991 1.00 0.00 ? 10 VAL A H    2  
ATOM 344  H HA   . VAL A 1 10 ? 3.196  1.414  -0.899 1.00 0.00 ? 10 VAL A HA   2  
ATOM 345  H HB   . VAL A 1 10 ? 5.864  2.815  -1.179 1.00 0.00 ? 10 VAL A HB   2  
ATOM 346  H HG11 . VAL A 1 10 ? 3.653  3.144  0.536  1.00 0.00 ? 10 VAL A HG11 2  
ATOM 347  H HG12 . VAL A 1 10 ? 4.877  2.311  1.496  1.00 0.00 ? 10 VAL A HG12 2  
ATOM 348  H HG13 . VAL A 1 10 ? 5.258  3.851  0.727  1.00 0.00 ? 10 VAL A HG13 2  
ATOM 349  H HG21 . VAL A 1 10 ? 5.219  0.066  -0.293 1.00 0.00 ? 10 VAL A HG21 2  
ATOM 350  H HG22 . VAL A 1 10 ? 6.748  0.735  -0.863 1.00 0.00 ? 10 VAL A HG22 2  
ATOM 351  H HG23 . VAL A 1 10 ? 6.244  0.988  0.807  1.00 0.00 ? 10 VAL A HG23 2  
ATOM 352  N N    . ALA A 1 11 ? 2.338  2.991  -2.869 1.00 0.00 ? 11 ALA A N    2  
ATOM 353  C CA   . ALA A 1 11 ? 1.791  4.170  -3.598 1.00 0.00 ? 11 ALA A CA   2  
ATOM 354  C C    . ALA A 1 11 ? 0.274  4.236  -3.421 1.00 0.00 ? 11 ALA A C    2  
ATOM 355  O O    . ALA A 1 11 ? -0.432 4.832  -4.210 1.00 0.00 ? 11 ALA A O    2  
ATOM 356  C CB   . ALA A 1 11 ? 2.154  3.936  -5.065 1.00 0.00 ? 11 ALA A CB   2  
ATOM 357  H H    . ALA A 1 11 ? 1.842  2.146  -2.861 1.00 0.00 ? 11 ALA A H    2  
ATOM 358  H HA   . ALA A 1 11 ? 2.249  5.077  -3.242 1.00 0.00 ? 11 ALA A HA   2  
ATOM 359  H HB1  . ALA A 1 11 ? 3.153  3.532  -5.128 1.00 0.00 ? 11 ALA A HB1  2  
ATOM 360  H HB2  . ALA A 1 11 ? 1.455  3.240  -5.503 1.00 0.00 ? 11 ALA A HB2  2  
ATOM 361  H HB3  . ALA A 1 11 ? 2.111  4.874  -5.599 1.00 0.00 ? 11 ALA A HB3  2  
ATOM 362  N N    . CYS A 1 12 ? -0.225 3.631  -2.381 1.00 0.00 ? 12 CYS A N    2  
ATOM 363  C CA   . CYS A 1 12 ? -1.696 3.651  -2.129 1.00 0.00 ? 12 CYS A CA   2  
ATOM 364  C C    . CYS A 1 12 ? -2.468 3.482  -3.442 1.00 0.00 ? 12 CYS A C    2  
ATOM 365  O O    . CYS A 1 12 ? -3.510 4.073  -3.641 1.00 0.00 ? 12 CYS A O    2  
ATOM 366  C CB   . CYS A 1 12 ? -1.967 5.022  -1.513 1.00 0.00 ? 12 CYS A CB   2  
ATOM 367  S SG   . CYS A 1 12 ? -0.879 5.263  -0.085 1.00 0.00 ? 12 CYS A SG   2  
ATOM 368  H H    . CYS A 1 12 ? 0.370  3.165  -1.760 1.00 0.00 ? 12 CYS A H    2  
ATOM 369  H HA   . CYS A 1 12 ? -1.967 2.875  -1.431 1.00 0.00 ? 12 CYS A HA   2  
ATOM 370  H HB2  . CYS A 1 12 ? -1.777 5.792  -2.246 1.00 0.00 ? 12 CYS A HB2  2  
ATOM 371  H HB3  . CYS A 1 12 ? -2.999 5.076  -1.193 1.00 0.00 ? 12 CYS A HB3  2  
ATOM 372  N N    . THR A 1 13 ? -1.966 2.673  -4.335 1.00 0.00 ? 13 THR A N    2  
ATOM 373  C CA   . THR A 1 13 ? -2.671 2.460  -5.632 1.00 0.00 ? 13 THR A CA   2  
ATOM 374  C C    . THR A 1 13 ? -2.550 0.995  -6.057 1.00 0.00 ? 13 THR A C    2  
ATOM 375  O O    . THR A 1 13 ? -1.484 0.524  -6.397 1.00 0.00 ? 13 THR A O    2  
ATOM 376  C CB   . THR A 1 13 ? -1.956 3.370  -6.633 1.00 0.00 ? 13 THR A CB   2  
ATOM 377  O OG1  . THR A 1 13 ? -0.553 3.293  -6.418 1.00 0.00 ? 13 THR A OG1  2  
ATOM 378  C CG2  . THR A 1 13 ? -2.425 4.812  -6.444 1.00 0.00 ? 13 THR A CG2  2  
ATOM 379  H H    . THR A 1 13 ? -1.127 2.202  -4.152 1.00 0.00 ? 13 THR A H    2  
ATOM 380  H HA   . THR A 1 13 ? -3.708 2.745  -5.550 1.00 0.00 ? 13 THR A HA   2  
ATOM 381  H HB   . THR A 1 13 ? -2.183 3.049  -7.637 1.00 0.00 ? 13 THR A HB   2  
ATOM 382  H HG1  . THR A 1 13 ? -0.317 2.368  -6.320 1.00 0.00 ? 13 THR A HG1  2  
ATOM 383  H HG21 . THR A 1 13 ? -3.221 4.839  -5.714 1.00 0.00 ? 13 THR A HG21 2  
ATOM 384  H HG22 . THR A 1 13 ? -1.600 5.418  -6.100 1.00 0.00 ? 13 THR A HG22 2  
ATOM 385  H HG23 . THR A 1 13 ? -2.788 5.198  -7.385 1.00 0.00 ? 13 THR A HG23 2  
ATOM 386  N N    . GLY A 1 14 ? -3.634 0.272  -6.034 1.00 0.00 ? 14 GLY A N    2  
ATOM 387  C CA   . GLY A 1 14 ? -3.580 -1.163 -6.429 1.00 0.00 ? 14 GLY A CA   2  
ATOM 388  C C    . GLY A 1 14 ? -2.848 -1.954 -5.345 1.00 0.00 ? 14 GLY A C    2  
ATOM 389  O O    . GLY A 1 14 ? -2.071 -2.846 -5.628 1.00 0.00 ? 14 GLY A O    2  
ATOM 390  H H    . GLY A 1 14 ? -4.483 0.671  -5.751 1.00 0.00 ? 14 GLY A H    2  
ATOM 391  H HA2  . GLY A 1 14 ? -4.584 -1.545 -6.540 1.00 0.00 ? 14 GLY A HA2  2  
ATOM 392  H HA3  . GLY A 1 14 ? -3.052 -1.260 -7.367 1.00 0.00 ? 14 GLY A HA3  2  
ATOM 393  N N    . CYS A 1 15 ? -3.088 -1.634 -4.103 1.00 0.00 ? 15 CYS A N    2  
ATOM 394  C CA   . CYS A 1 15 ? -2.409 -2.362 -2.997 1.00 0.00 ? 15 CYS A CA   2  
ATOM 395  C C    . CYS A 1 15 ? -3.314 -3.471 -2.462 1.00 0.00 ? 15 CYS A C    2  
ATOM 396  O O    . CYS A 1 15 ? -4.132 -3.257 -1.590 1.00 0.00 ? 15 CYS A O    2  
ATOM 397  C CB   . CYS A 1 15 ? -2.165 -1.317 -1.915 1.00 0.00 ? 15 CYS A CB   2  
ATOM 398  S SG   . CYS A 1 15 ? -0.443 -0.764 -1.984 1.00 0.00 ? 15 CYS A SG   2  
ATOM 399  H H    . CYS A 1 15 ? -3.716 -0.914 -3.899 1.00 0.00 ? 15 CYS A H    2  
ATOM 400  H HA   . CYS A 1 15 ? -1.469 -2.772 -3.334 1.00 0.00 ? 15 CYS A HA   2  
ATOM 401  H HB2  . CYS A 1 15 ? -2.823 -0.474 -2.071 1.00 0.00 ? 15 CYS A HB2  2  
ATOM 402  H HB3  . CYS A 1 15 ? -2.364 -1.756 -0.950 1.00 0.00 ? 15 CYS A HB3  2  
ATOM 403  N N    . LEU A 1 16 ? -3.169 -4.652 -2.981 1.00 0.00 ? 16 LEU A N    2  
ATOM 404  C CA   . LEU A 1 16 ? -4.013 -5.787 -2.513 1.00 0.00 ? 16 LEU A CA   2  
ATOM 405  C C    . LEU A 1 16 ? -3.129 -6.942 -2.037 1.00 0.00 ? 16 LEU A C    2  
ATOM 406  O O    . LEU A 1 16 ? -3.132 -7.973 -2.691 1.00 0.00 ? 16 LEU A O    2  
ATOM 407  C CB   . LEU A 1 16 ? -4.829 -6.203 -3.736 1.00 0.00 ? 16 LEU A CB   2  
ATOM 408  C CG   . LEU A 1 16 ? -6.269 -6.498 -3.313 1.00 0.00 ? 16 LEU A CG   2  
ATOM 409  C CD1  . LEU A 1 16 ? -7.142 -6.668 -4.557 1.00 0.00 ? 16 LEU A CD1  2  
ATOM 410  C CD2  . LEU A 1 16 ? -6.304 -7.783 -2.484 1.00 0.00 ? 16 LEU A CD2  2  
ATOM 411  O OXT  . LEU A 1 16 ? -2.464 -6.778 -1.028 1.00 0.00 ? 16 LEU A OXT  2  
ATOM 412  H H    . LEU A 1 16 ? -2.501 -4.792 -3.680 1.00 0.00 ? 16 LEU A H    2  
ATOM 413  H HA   . LEU A 1 16 ? -4.673 -5.466 -1.722 1.00 0.00 ? 16 LEU A HA   2  
ATOM 414  H HB2  . LEU A 1 16 ? -4.823 -5.405 -4.462 1.00 0.00 ? 16 LEU A HB2  2  
ATOM 415  H HB3  . LEU A 1 16 ? -4.394 -7.091 -4.174 1.00 0.00 ? 16 LEU A HB3  2  
ATOM 416  H HG   . LEU A 1 16 ? -6.644 -5.678 -2.719 1.00 0.00 ? 16 LEU A HG   2  
ATOM 417  H HD11 . LEU A 1 16 ? -6.981 -5.836 -5.227 1.00 0.00 ? 16 LEU A HD11 2  
ATOM 418  H HD12 . LEU A 1 16 ? -6.880 -7.589 -5.057 1.00 0.00 ? 16 LEU A HD12 2  
ATOM 419  H HD13 . LEU A 1 16 ? -8.181 -6.700 -4.266 1.00 0.00 ? 16 LEU A HD13 2  
ATOM 420  H HD21 . LEU A 1 16 ? -5.302 -8.174 -2.383 1.00 0.00 ? 16 LEU A HD21 2  
ATOM 421  H HD22 . LEU A 1 16 ? -6.707 -7.571 -1.505 1.00 0.00 ? 16 LEU A HD22 2  
ATOM 422  H HD23 . LEU A 1 16 ? -6.926 -8.514 -2.979 1.00 0.00 ? 16 LEU A HD23 2  
ATOM 423  N N    . ASN A 1 1  ? -7.035 3.233  11.190 1.00 0.00 ? 1  ASN A N    3  
ATOM 424  C CA   . ASN A 1 1  ? -6.559 4.053  10.039 1.00 0.00 ? 1  ASN A CA   3  
ATOM 425  C C    . ASN A 1 1  ? -6.496 3.198  8.771  1.00 0.00 ? 1  ASN A C    3  
ATOM 426  O O    . ASN A 1 1  ? -6.946 2.069  8.750  1.00 0.00 ? 1  ASN A O    3  
ATOM 427  C CB   . ASN A 1 1  ? -5.160 4.524  10.438 1.00 0.00 ? 1  ASN A CB   3  
ATOM 428  C CG   . ASN A 1 1  ? -4.208 3.327  10.463 1.00 0.00 ? 1  ASN A CG   3  
ATOM 429  O OD1  . ASN A 1 1  ? -4.515 2.303  11.040 1.00 0.00 ? 1  ASN A OD1  3  
ATOM 430  N ND2  . ASN A 1 1  ? -3.056 3.412  9.856  1.00 0.00 ? 1  ASN A ND2  3  
ATOM 431  H H1   . ASN A 1 1  ? -7.742 2.546  10.856 1.00 0.00 ? 1  ASN A H1   3  
ATOM 432  H H2   . ASN A 1 1  ? -6.231 2.726  11.612 1.00 0.00 ? 1  ASN A H2   3  
ATOM 433  H H3   . ASN A 1 1  ? -7.463 3.854  11.905 1.00 0.00 ? 1  ASN A H3   3  
ATOM 434  H HA   . ASN A 1 1  ? -7.205 4.904  9.891  1.00 0.00 ? 1  ASN A HA   3  
ATOM 435  H HB2  . ASN A 1 1  ? -4.805 5.250  9.722  1.00 0.00 ? 1  ASN A HB2  3  
ATOM 436  H HB3  . ASN A 1 1  ? -5.197 4.974  11.419 1.00 0.00 ? 1  ASN A HB3  3  
ATOM 437  H HD21 . ASN A 1 1  ? -2.808 4.238  9.389  1.00 0.00 ? 1  ASN A HD21 3  
ATOM 438  H HD22 . ASN A 1 1  ? -2.438 2.650  9.865  1.00 0.00 ? 1  ASN A HD22 3  
ATOM 439  N N    . ASP A 1 2  ? -5.943 3.726  7.714  1.00 0.00 ? 2  ASP A N    3  
ATOM 440  C CA   . ASP A 1 2  ? -5.854 2.943  6.449  1.00 0.00 ? 2  ASP A CA   3  
ATOM 441  C C    . ASP A 1 2  ? -4.428 2.992  5.894  1.00 0.00 ? 2  ASP A C    3  
ATOM 442  O O    . ASP A 1 2  ? -4.213 3.270  4.730  1.00 0.00 ? 2  ASP A O    3  
ATOM 443  C CB   . ASP A 1 2  ? -6.826 3.631  5.489  1.00 0.00 ? 2  ASP A CB   3  
ATOM 444  C CG   . ASP A 1 2  ? -7.483 2.581  4.591  1.00 0.00 ? 2  ASP A CG   3  
ATOM 445  O OD1  . ASP A 1 2  ? -7.209 1.408  4.786  1.00 0.00 ? 2  ASP A OD1  3  
ATOM 446  O OD2  . ASP A 1 2  ? -8.248 2.968  3.724  1.00 0.00 ? 2  ASP A OD2  3  
ATOM 447  H H    . ASP A 1 2  ? -5.588 4.639  7.752  1.00 0.00 ? 2  ASP A H    3  
ATOM 448  H HA   . ASP A 1 2  ? -6.160 1.922  6.614  1.00 0.00 ? 2  ASP A HA   3  
ATOM 449  H HB2  . ASP A 1 2  ? -7.587 4.146  6.056  1.00 0.00 ? 2  ASP A HB2  3  
ATOM 450  H HB3  . ASP A 1 2  ? -6.288 4.339  4.879  1.00 0.00 ? 2  ASP A HB3  3  
ATOM 451  N N    . ASP A 1 3  ? -3.451 2.720  6.717  1.00 0.00 ? 3  ASP A N    3  
ATOM 452  C CA   . ASP A 1 3  ? -2.041 2.750  6.232  1.00 0.00 ? 3  ASP A CA   3  
ATOM 453  C C    . ASP A 1 3  ? -1.873 1.805  5.038  1.00 0.00 ? 3  ASP A C    3  
ATOM 454  O O    . ASP A 1 3  ? -2.798 1.129  4.636  1.00 0.00 ? 3  ASP A O    3  
ATOM 455  C CB   . ASP A 1 3  ? -1.204 2.269  7.418  1.00 0.00 ? 3  ASP A CB   3  
ATOM 456  C CG   . ASP A 1 3  ? -1.610 0.840  7.784  1.00 0.00 ? 3  ASP A CG   3  
ATOM 457  O OD1  . ASP A 1 3  ? -1.490 -0.025 6.932  1.00 0.00 ? 3  ASP A OD1  3  
ATOM 458  O OD2  . ASP A 1 3  ? -2.034 0.635  8.909  1.00 0.00 ? 3  ASP A OD2  3  
ATOM 459  H H    . ASP A 1 3  ? -3.644 2.496  7.651  1.00 0.00 ? 3  ASP A H    3  
ATOM 460  H HA   . ASP A 1 3  ? -1.755 3.753  5.962  1.00 0.00 ? 3  ASP A HA   3  
ATOM 461  H HB2  . ASP A 1 3  ? -0.157 2.289  7.152  1.00 0.00 ? 3  ASP A HB2  3  
ATOM 462  H HB3  . ASP A 1 3  ? -1.371 2.919  8.264  1.00 0.00 ? 3  ASP A HB3  3  
ATOM 463  N N    . CYS A 1 4  ? -0.700 1.756  4.468  1.00 0.00 ? 4  CYS A N    3  
ATOM 464  C CA   . CYS A 1 4  ? -0.479 0.855  3.300  1.00 0.00 ? 4  CYS A CA   3  
ATOM 465  C C    . CYS A 1 4  ? 0.980  0.929  2.840  1.00 0.00 ? 4  CYS A C    3  
ATOM 466  O O    . CYS A 1 4  ? 1.264  1.026  1.664  1.00 0.00 ? 4  CYS A O    3  
ATOM 467  C CB   . CYS A 1 4  ? -1.413 1.384  2.212  1.00 0.00 ? 4  CYS A CB   3  
ATOM 468  S SG   . CYS A 1 4  ? -0.961 3.089  1.805  1.00 0.00 ? 4  CYS A SG   3  
ATOM 469  H H    . CYS A 1 4  ? 0.034  2.310  4.806  1.00 0.00 ? 4  CYS A H    3  
ATOM 470  H HA   . CYS A 1 4  ? -0.744 -0.160 3.552  1.00 0.00 ? 4  CYS A HA   3  
ATOM 471  H HB2  . CYS A 1 4  ? -1.324 0.766  1.330  1.00 0.00 ? 4  CYS A HB2  3  
ATOM 472  H HB3  . CYS A 1 4  ? -2.432 1.355  2.568  1.00 0.00 ? 4  CYS A HB3  3  
ATOM 473  N N    . GLU A 1 5  ? 1.904  0.881  3.759  1.00 0.00 ? 5  GLU A N    3  
ATOM 474  C CA   . GLU A 1 5  ? 3.344  0.946  3.372  1.00 0.00 ? 5  GLU A CA   3  
ATOM 475  C C    . GLU A 1 5  ? 3.913  -0.464 3.238  1.00 0.00 ? 5  GLU A C    3  
ATOM 476  O O    . GLU A 1 5  ? 5.108  -0.675 3.277  1.00 0.00 ? 5  GLU A O    3  
ATOM 477  C CB   . GLU A 1 5  ? 4.027  1.689  4.513  1.00 0.00 ? 5  GLU A CB   3  
ATOM 478  C CG   . GLU A 1 5  ? 5.488  1.960  4.146  1.00 0.00 ? 5  GLU A CG   3  
ATOM 479  C CD   . GLU A 1 5  ? 5.921  3.306  4.731  1.00 0.00 ? 5  GLU A CD   3  
ATOM 480  O OE1  . GLU A 1 5  ? 5.095  4.203  4.778  1.00 0.00 ? 5  GLU A OE1  3  
ATOM 481  O OE2  . GLU A 1 5  ? 7.071  3.418  5.123  1.00 0.00 ? 5  GLU A OE2  3  
ATOM 482  H H    . GLU A 1 5  ? 1.654  0.800  4.703  1.00 0.00 ? 5  GLU A H    3  
ATOM 483  H HA   . GLU A 1 5  ? 3.460  1.488  2.450  1.00 0.00 ? 5  GLU A HA   3  
ATOM 484  H HB2  . GLU A 1 5  ? 3.518  2.625  4.690  1.00 0.00 ? 5  GLU A HB2  3  
ATOM 485  H HB3  . GLU A 1 5  ? 3.986  1.083  5.407  1.00 0.00 ? 5  GLU A HB3  3  
ATOM 486  H HG2  . GLU A 1 5  ? 6.113  1.176  4.548  1.00 0.00 ? 5  GLU A HG2  3  
ATOM 487  H HG3  . GLU A 1 5  ? 5.589  1.986  3.070  1.00 0.00 ? 5  GLU A HG3  3  
ATOM 488  N N    . LEU A 1 6  ? 3.056  -1.427 3.083  1.00 0.00 ? 6  LEU A N    3  
ATOM 489  C CA   . LEU A 1 6  ? 3.526  -2.836 2.946  1.00 0.00 ? 6  LEU A CA   3  
ATOM 490  C C    . LEU A 1 6  ? 2.599  -3.615 2.009  1.00 0.00 ? 6  LEU A C    3  
ATOM 491  O O    . LEU A 1 6  ? 2.502  -4.824 2.083  1.00 0.00 ? 6  LEU A O    3  
ATOM 492  C CB   . LEU A 1 6  ? 3.466  -3.414 4.360  1.00 0.00 ? 6  LEU A CB   3  
ATOM 493  C CG   . LEU A 1 6  ? 4.836  -3.277 5.025  1.00 0.00 ? 6  LEU A CG   3  
ATOM 494  C CD1  . LEU A 1 6  ? 4.706  -2.427 6.290  1.00 0.00 ? 6  LEU A CD1  3  
ATOM 495  C CD2  . LEU A 1 6  ? 5.365  -4.665 5.394  1.00 0.00 ? 6  LEU A CD2  3  
ATOM 496  H H    . LEU A 1 6  ? 2.100  -1.221 3.058  1.00 0.00 ? 6  LEU A H    3  
ATOM 497  H HA   . LEU A 1 6  ? 4.539  -2.861 2.580  1.00 0.00 ? 6  LEU A HA   3  
ATOM 498  H HB2  . LEU A 1 6  ? 2.730  -2.874 4.938  1.00 0.00 ? 6  LEU A HB2  3  
ATOM 499  H HB3  . LEU A 1 6  ? 3.190  -4.457 4.311  1.00 0.00 ? 6  LEU A HB3  3  
ATOM 500  H HG   . LEU A 1 6  ? 5.522  -2.801 4.340  1.00 0.00 ? 6  LEU A HG   3  
ATOM 501  H HD11 . LEU A 1 6  ? 3.901  -2.810 6.900  1.00 0.00 ? 6  LEU A HD11 3  
ATOM 502  H HD12 . LEU A 1 6  ? 5.631  -2.467 6.847  1.00 0.00 ? 6  LEU A HD12 3  
ATOM 503  H HD13 . LEU A 1 6  ? 4.495  -1.405 6.015  1.00 0.00 ? 6  LEU A HD13 3  
ATOM 504  H HD21 . LEU A 1 6  ? 4.535  -5.314 5.633  1.00 0.00 ? 6  LEU A HD21 3  
ATOM 505  H HD22 . LEU A 1 6  ? 5.915  -5.074 4.560  1.00 0.00 ? 6  LEU A HD22 3  
ATOM 506  H HD23 . LEU A 1 6  ? 6.017  -4.583 6.251  1.00 0.00 ? 6  LEU A HD23 3  
ATOM 507  N N    . CYS A 1 7  ? 1.918  -2.936 1.129  1.00 0.00 ? 7  CYS A N    3  
ATOM 508  C CA   . CYS A 1 7  ? 1.002  -3.643 0.190  1.00 0.00 ? 7  CYS A CA   3  
ATOM 509  C C    . CYS A 1 7  ? 1.791  -4.186 -1.006 1.00 0.00 ? 7  CYS A C    3  
ATOM 510  O O    . CYS A 1 7  ? 2.941  -4.559 -0.882 1.00 0.00 ? 7  CYS A O    3  
ATOM 511  C CB   . CYS A 1 7  ? -0.011 -2.583 -0.252 1.00 0.00 ? 7  CYS A CB   3  
ATOM 512  S SG   . CYS A 1 7  ? 0.799  -1.370 -1.322 1.00 0.00 ? 7  CYS A SG   3  
ATOM 513  H H    . CYS A 1 7  ? 2.009  -1.960 1.083  1.00 0.00 ? 7  CYS A H    3  
ATOM 514  H HA   . CYS A 1 7  ? 0.493  -4.446 0.699  1.00 0.00 ? 7  CYS A HA   3  
ATOM 515  H HB2  . CYS A 1 7  ? -0.814 -3.059 -0.793 1.00 0.00 ? 7  CYS A HB2  3  
ATOM 516  H HB3  . CYS A 1 7  ? -0.411 -2.084 0.617  1.00 0.00 ? 7  CYS A HB3  3  
ATOM 517  N N    . VAL A 1 8  ? 1.182  -4.247 -2.160 1.00 0.00 ? 8  VAL A N    3  
ATOM 518  C CA   . VAL A 1 8  ? 1.902  -4.783 -3.355 1.00 0.00 ? 8  VAL A CA   3  
ATOM 519  C C    . VAL A 1 8  ? 2.818  -3.726 -3.982 1.00 0.00 ? 8  VAL A C    3  
ATOM 520  O O    . VAL A 1 8  ? 3.271  -3.876 -5.099 1.00 0.00 ? 8  VAL A O    3  
ATOM 521  C CB   . VAL A 1 8  ? 0.797  -5.185 -4.334 1.00 0.00 ? 8  VAL A CB   3  
ATOM 522  C CG1  . VAL A 1 8  ? 1.415  -5.912 -5.530 1.00 0.00 ? 8  VAL A CG1  3  
ATOM 523  C CG2  . VAL A 1 8  ? -0.195 -6.110 -3.630 1.00 0.00 ? 8  VAL A CG2  3  
ATOM 524  H H    . VAL A 1 8  ? 0.251  -3.958 -2.238 1.00 0.00 ? 8  VAL A H    3  
ATOM 525  H HA   . VAL A 1 8  ? 2.476  -5.646 -3.079 1.00 0.00 ? 8  VAL A HA   3  
ATOM 526  H HB   . VAL A 1 8  ? 0.283  -4.299 -4.678 1.00 0.00 ? 8  VAL A HB   3  
ATOM 527  H HG11 . VAL A 1 8  ? 2.492  -5.849 -5.473 1.00 0.00 ? 8  VAL A HG11 3  
ATOM 528  H HG12 . VAL A 1 8  ? 1.114  -6.949 -5.514 1.00 0.00 ? 8  VAL A HG12 3  
ATOM 529  H HG13 . VAL A 1 8  ? 1.074  -5.452 -6.446 1.00 0.00 ? 8  VAL A HG13 3  
ATOM 530  H HG21 . VAL A 1 8  ? -0.097 -5.998 -2.560 1.00 0.00 ? 8  VAL A HG21 3  
ATOM 531  H HG22 . VAL A 1 8  ? -1.201 -5.853 -3.928 1.00 0.00 ? 8  VAL A HG22 3  
ATOM 532  H HG23 . VAL A 1 8  ? 0.011  -7.135 -3.904 1.00 0.00 ? 8  VAL A HG23 3  
ATOM 533  N N    . ASN A 1 9  ? 3.107  -2.676 -3.270 1.00 0.00 ? 9  ASN A N    3  
ATOM 534  C CA   . ASN A 1 9  ? 4.012  -1.620 -3.822 1.00 0.00 ? 9  ASN A CA   3  
ATOM 535  C C    . ASN A 1 9  ? 4.227  -0.509 -2.791 1.00 0.00 ? 9  ASN A C    3  
ATOM 536  O O    . ASN A 1 9  ? 4.202  -0.743 -1.599 1.00 0.00 ? 9  ASN A O    3  
ATOM 537  C CB   . ASN A 1 9  ? 3.304  -1.079 -5.073 1.00 0.00 ? 9  ASN A CB   3  
ATOM 538  C CG   . ASN A 1 9  ? 2.062  -0.266 -4.685 1.00 0.00 ? 9  ASN A CG   3  
ATOM 539  O OD1  . ASN A 1 9  ? 1.936  0.190  -3.566 1.00 0.00 ? 9  ASN A OD1  3  
ATOM 540  N ND2  . ASN A 1 9  ? 1.130  -0.066 -5.575 1.00 0.00 ? 9  ASN A ND2  3  
ATOM 541  H H    . ASN A 1 9  ? 2.743  -2.588 -2.369 1.00 0.00 ? 9  ASN A H    3  
ATOM 542  H HA   . ASN A 1 9  ? 4.958  -2.054 -4.100 1.00 0.00 ? 9  ASN A HA   3  
ATOM 543  H HB2  . ASN A 1 9  ? 3.986  -0.446 -5.622 1.00 0.00 ? 9  ASN A HB2  3  
ATOM 544  H HB3  . ASN A 1 9  ? 3.005  -1.904 -5.701 1.00 0.00 ? 9  ASN A HB3  3  
ATOM 545  H HD21 . ASN A 1 9  ? 1.227  -0.432 -6.478 1.00 0.00 ? 9  ASN A HD21 3  
ATOM 546  H HD22 . ASN A 1 9  ? 0.332  0.452  -5.339 1.00 0.00 ? 9  ASN A HD22 3  
ATOM 547  N N    . VAL A 1 10 ? 4.438  0.699  -3.239 1.00 0.00 ? 10 VAL A N    3  
ATOM 548  C CA   . VAL A 1 10 ? 4.653  1.822  -2.281 1.00 0.00 ? 10 VAL A CA   3  
ATOM 549  C C    . VAL A 1 10 ? 3.960  3.091  -2.784 1.00 0.00 ? 10 VAL A C    3  
ATOM 550  O O    . VAL A 1 10 ? 4.554  4.149  -2.845 1.00 0.00 ? 10 VAL A O    3  
ATOM 551  C CB   . VAL A 1 10 ? 6.168  2.024  -2.242 1.00 0.00 ? 10 VAL A CB   3  
ATOM 552  C CG1  . VAL A 1 10 ? 6.835  0.782  -1.646 1.00 0.00 ? 10 VAL A CG1  3  
ATOM 553  C CG2  . VAL A 1 10 ? 6.688  2.252  -3.661 1.00 0.00 ? 10 VAL A CG2  3  
ATOM 554  H H    . VAL A 1 10 ? 4.455  0.868  -4.203 1.00 0.00 ? 10 VAL A H    3  
ATOM 555  H HA   . VAL A 1 10 ? 4.291  1.557  -1.302 1.00 0.00 ? 10 VAL A HA   3  
ATOM 556  H HB   . VAL A 1 10 ? 6.400  2.885  -1.632 1.00 0.00 ? 10 VAL A HB   3  
ATOM 557  H HG11 . VAL A 1 10 ? 6.246  0.421  -0.817 1.00 0.00 ? 10 VAL A HG11 3  
ATOM 558  H HG12 . VAL A 1 10 ? 6.903  0.013  -2.401 1.00 0.00 ? 10 VAL A HG12 3  
ATOM 559  H HG13 . VAL A 1 10 ? 7.825  1.037  -1.301 1.00 0.00 ? 10 VAL A HG13 3  
ATOM 560  H HG21 . VAL A 1 10 ? 5.954  2.805  -4.229 1.00 0.00 ? 10 VAL A HG21 3  
ATOM 561  H HG22 . VAL A 1 10 ? 7.608  2.816  -3.623 1.00 0.00 ? 10 VAL A HG22 3  
ATOM 562  H HG23 . VAL A 1 10 ? 6.868  1.300  -4.137 1.00 0.00 ? 10 VAL A HG23 3  
ATOM 563  N N    . ALA A 1 11 ? 2.707  2.998  -3.142 1.00 0.00 ? 11 ALA A N    3  
ATOM 564  C CA   . ALA A 1 11 ? 1.988  4.209  -3.635 1.00 0.00 ? 11 ALA A CA   3  
ATOM 565  C C    . ALA A 1 11 ? 0.510  4.148  -3.253 1.00 0.00 ? 11 ALA A C    3  
ATOM 566  O O    . ALA A 1 11 ? -0.305 4.895  -3.759 1.00 0.00 ? 11 ALA A O    3  
ATOM 567  C CB   . ALA A 1 11 ? 2.154  4.184  -5.155 1.00 0.00 ? 11 ALA A CB   3  
ATOM 568  H H    . ALA A 1 11 ? 2.241  2.139  -3.086 1.00 0.00 ? 11 ALA A H    3  
ATOM 569  H HA   . ALA A 1 11 ? 2.437  5.095  -3.230 1.00 0.00 ? 11 ALA A HA   3  
ATOM 570  H HB1  . ALA A 1 11 ? 3.205  4.209  -5.403 1.00 0.00 ? 11 ALA A HB1  3  
ATOM 571  H HB2  . ALA A 1 11 ? 1.715  3.279  -5.549 1.00 0.00 ? 11 ALA A HB2  3  
ATOM 572  H HB3  . ALA A 1 11 ? 1.661  5.041  -5.586 1.00 0.00 ? 11 ALA A HB3  3  
ATOM 573  N N    . CYS A 1 12 ? 0.166  3.269  -2.358 1.00 0.00 ? 12 CYS A N    3  
ATOM 574  C CA   . CYS A 1 12 ? -1.256 3.147  -1.923 1.00 0.00 ? 12 CYS A CA   3  
ATOM 575  C C    . CYS A 1 12 ? -2.191 3.304  -3.122 1.00 0.00 ? 12 CYS A C    3  
ATOM 576  O O    . CYS A 1 12 ? -3.151 4.049  -3.081 1.00 0.00 ? 12 CYS A O    3  
ATOM 577  C CB   . CYS A 1 12 ? -1.463 4.291  -0.928 1.00 0.00 ? 12 CYS A CB   3  
ATOM 578  S SG   . CYS A 1 12 ? -2.389 3.684  0.505  1.00 0.00 ? 12 CYS A SG   3  
ATOM 579  H H    . CYS A 1 12 ? 0.849  2.689  -1.969 1.00 0.00 ? 12 CYS A H    3  
ATOM 580  H HA   . CYS A 1 12 ? -1.423 2.200  -1.434 1.00 0.00 ? 12 CYS A HA   3  
ATOM 581  H HB2  . CYS A 1 12 ? -0.502 4.665  -0.604 1.00 0.00 ? 12 CYS A HB2  3  
ATOM 582  H HB3  . CYS A 1 12 ? -2.018 5.085  -1.405 1.00 0.00 ? 12 CYS A HB3  3  
ATOM 583  N N    . THR A 1 13 ? -1.917 2.613  -4.192 1.00 0.00 ? 13 THR A N    3  
ATOM 584  C CA   . THR A 1 13 ? -2.788 2.728  -5.395 1.00 0.00 ? 13 THR A CA   3  
ATOM 585  C C    . THR A 1 13 ? -3.023 1.354  -6.022 1.00 0.00 ? 13 THR A C    3  
ATOM 586  O O    . THR A 1 13 ? -2.128 0.752  -6.583 1.00 0.00 ? 13 THR A O    3  
ATOM 587  C CB   . THR A 1 13 ? -2.020 3.633  -6.359 1.00 0.00 ? 13 THR A CB   3  
ATOM 588  O OG1  . THR A 1 13 ? -0.651 3.673  -5.978 1.00 0.00 ? 13 THR A OG1  3  
ATOM 589  C CG2  . THR A 1 13 ? -2.606 5.045  -6.314 1.00 0.00 ? 13 THR A CG2  3  
ATOM 590  H H    . THR A 1 13 ? -1.136 2.020  -4.205 1.00 0.00 ? 13 THR A H    3  
ATOM 591  H HA   . THR A 1 13 ? -3.729 3.185  -5.133 1.00 0.00 ? 13 THR A HA   3  
ATOM 592  H HB   . THR A 1 13 ? -2.104 3.245  -7.362 1.00 0.00 ? 13 THR A HB   3  
ATOM 593  H HG1  . THR A 1 13 ? -0.195 4.272  -6.576 1.00 0.00 ? 13 THR A HG1  3  
ATOM 594  H HG21 . THR A 1 13 ? -2.983 5.246  -5.322 1.00 0.00 ? 13 THR A HG21 3  
ATOM 595  H HG22 . THR A 1 13 ? -1.838 5.762  -6.560 1.00 0.00 ? 13 THR A HG22 3  
ATOM 596  H HG23 . THR A 1 13 ? -3.412 5.123  -7.028 1.00 0.00 ? 13 THR A HG23 3  
ATOM 597  N N    . GLY A 1 14 ? -4.224 0.857  -5.933 1.00 0.00 ? 14 GLY A N    3  
ATOM 598  C CA   . GLY A 1 14 ? -4.525 -0.476 -6.523 1.00 0.00 ? 14 GLY A CA   3  
ATOM 599  C C    . GLY A 1 14 ? -3.621 -1.528 -5.883 1.00 0.00 ? 14 GLY A C    3  
ATOM 600  O O    . GLY A 1 14 ? -3.127 -2.421 -6.542 1.00 0.00 ? 14 GLY A O    3  
ATOM 601  H H    . GLY A 1 14 ? -4.927 1.362  -5.476 1.00 0.00 ? 14 GLY A H    3  
ATOM 602  H HA2  . GLY A 1 14 ? -5.559 -0.727 -6.334 1.00 0.00 ? 14 GLY A HA2  3  
ATOM 603  H HA3  . GLY A 1 14 ? -4.350 -0.448 -7.588 1.00 0.00 ? 14 GLY A HA3  3  
ATOM 604  N N    . CYS A 1 15 ? -3.401 -1.432 -4.601 1.00 0.00 ? 15 CYS A N    3  
ATOM 605  C CA   . CYS A 1 15 ? -2.537 -2.413 -3.919 1.00 0.00 ? 15 CYS A CA   3  
ATOM 606  C C    . CYS A 1 15 ? -3.405 -3.503 -3.288 1.00 0.00 ? 15 CYS A C    3  
ATOM 607  O O    . CYS A 1 15 ? -4.495 -3.785 -3.743 1.00 0.00 ? 15 CYS A O    3  
ATOM 608  C CB   . CYS A 1 15 ? -1.813 -1.586 -2.857 1.00 0.00 ? 15 CYS A CB   3  
ATOM 609  S SG   . CYS A 1 15 ? -0.029 -1.677 -3.141 1.00 0.00 ? 15 CYS A SG   3  
ATOM 610  H H    . CYS A 1 15 ? -3.804 -0.711 -4.082 1.00 0.00 ? 15 CYS A H    3  
ATOM 611  H HA   . CYS A 1 15 ? -1.826 -2.841 -4.607 1.00 0.00 ? 15 CYS A HA   3  
ATOM 612  H HB2  . CYS A 1 15 ? -2.135 -0.557 -2.928 1.00 0.00 ? 15 CYS A HB2  3  
ATOM 613  H HB3  . CYS A 1 15 ? -2.050 -1.963 -1.878 1.00 0.00 ? 15 CYS A HB3  3  
ATOM 614  N N    . LEU A 1 16 ? -2.931 -4.114 -2.245 1.00 0.00 ? 16 LEU A N    3  
ATOM 615  C CA   . LEU A 1 16 ? -3.727 -5.186 -1.580 1.00 0.00 ? 16 LEU A CA   3  
ATOM 616  C C    . LEU A 1 16 ? -4.556 -4.594 -0.437 1.00 0.00 ? 16 LEU A C    3  
ATOM 617  O O    . LEU A 1 16 ? -3.959 -4.120 0.517  1.00 0.00 ? 16 LEU A O    3  
ATOM 618  C CB   . LEU A 1 16 ? -2.692 -6.173 -1.038 1.00 0.00 ? 16 LEU A CB   3  
ATOM 619  C CG   . LEU A 1 16 ? -3.094 -7.597 -1.424 1.00 0.00 ? 16 LEU A CG   3  
ATOM 620  C CD1  . LEU A 1 16 ? -2.901 -7.790 -2.929 1.00 0.00 ? 16 LEU A CD1  3  
ATOM 621  C CD2  . LEU A 1 16 ? -2.221 -8.599 -0.664 1.00 0.00 ? 16 LEU A CD2  3  
ATOM 622  O OXT  . LEU A 1 16 ? -5.771 -4.624 -0.535 1.00 0.00 ? 16 LEU A OXT  3  
ATOM 623  H H    . LEU A 1 16 ? -2.055 -3.868 -1.901 1.00 0.00 ? 16 LEU A H    3  
ATOM 624  H HA   . LEU A 1 16 ? -4.367 -5.678 -2.294 1.00 0.00 ? 16 LEU A HA   3  
ATOM 625  H HB2  . LEU A 1 16 ? -1.724 -5.946 -1.458 1.00 0.00 ? 16 LEU A HB2  3  
ATOM 626  H HB3  . LEU A 1 16 ? -2.644 -6.090 0.039  1.00 0.00 ? 16 LEU A HB3  3  
ATOM 627  H HG   . LEU A 1 16 ? -4.131 -7.758 -1.171 1.00 0.00 ? 16 LEU A HG   3  
ATOM 628  H HD11 . LEU A 1 16 ? -2.908 -6.827 -3.419 1.00 0.00 ? 16 LEU A HD11 3  
ATOM 629  H HD12 . LEU A 1 16 ? -1.954 -8.279 -3.111 1.00 0.00 ? 16 LEU A HD12 3  
ATOM 630  H HD13 . LEU A 1 16 ? -3.702 -8.400 -3.319 1.00 0.00 ? 16 LEU A HD13 3  
ATOM 631  H HD21 . LEU A 1 16 ? -2.331 -8.440 0.399  1.00 0.00 ? 16 LEU A HD21 3  
ATOM 632  H HD22 . LEU A 1 16 ? -2.530 -9.604 -0.911 1.00 0.00 ? 16 LEU A HD22 3  
ATOM 633  H HD23 . LEU A 1 16 ? -1.187 -8.461 -0.943 1.00 0.00 ? 16 LEU A HD23 3  
ATOM 634  N N    . ASN A 1 1  ? -4.715 -1.835 6.943  1.00 0.00 ? 1  ASN A N    4  
ATOM 635  C CA   . ASN A 1 1  ? -4.266 -1.123 8.175  1.00 0.00 ? 1  ASN A CA   4  
ATOM 636  C C    . ASN A 1 1  ? -2.843 -0.592 7.989  1.00 0.00 ? 1  ASN A C    4  
ATOM 637  O O    . ASN A 1 1  ? -2.241 -0.754 6.946  1.00 0.00 ? 1  ASN A O    4  
ATOM 638  C CB   . ASN A 1 1  ? -4.305 -2.181 9.280  1.00 0.00 ? 1  ASN A CB   4  
ATOM 639  C CG   . ASN A 1 1  ? -3.458 -3.386 8.864  1.00 0.00 ? 1  ASN A CG   4  
ATOM 640  O OD1  . ASN A 1 1  ? -2.321 -3.514 9.272  1.00 0.00 ? 1  ASN A OD1  4  
ATOM 641  N ND2  . ASN A 1 1  ? -3.968 -4.281 8.063  1.00 0.00 ? 1  ASN A ND2  4  
ATOM 642  H H1   . ASN A 1 1  ? -3.933 -2.413 6.573  1.00 0.00 ? 1  ASN A H1   4  
ATOM 643  H H2   . ASN A 1 1  ? -5.523 -2.448 7.172  1.00 0.00 ? 1  ASN A H2   4  
ATOM 644  H H3   . ASN A 1 1  ? -5.003 -1.139 6.227  1.00 0.00 ? 1  ASN A H3   4  
ATOM 645  H HA   . ASN A 1 1  ? -4.943 -0.318 8.413  1.00 0.00 ? 1  ASN A HA   4  
ATOM 646  H HB2  . ASN A 1 1  ? -3.910 -1.761 10.193 1.00 0.00 ? 1  ASN A HB2  4  
ATOM 647  H HB3  . ASN A 1 1  ? -5.326 -2.496 9.440  1.00 0.00 ? 1  ASN A HB3  4  
ATOM 648  H HD21 . ASN A 1 1  ? -4.885 -4.177 7.734  1.00 0.00 ? 1  ASN A HD21 4  
ATOM 649  H HD22 . ASN A 1 1  ? -3.434 -5.056 7.790  1.00 0.00 ? 1  ASN A HD22 4  
ATOM 650  N N    . ASP A 1 2  ? -2.300 0.043  8.992  1.00 0.00 ? 2  ASP A N    4  
ATOM 651  C CA   . ASP A 1 2  ? -0.916 0.585  8.868  1.00 0.00 ? 2  ASP A CA   4  
ATOM 652  C C    . ASP A 1 2  ? -0.742 1.276  7.511  1.00 0.00 ? 2  ASP A C    4  
ATOM 653  O O    . ASP A 1 2  ? 0.326  1.266  6.932  1.00 0.00 ? 2  ASP A O    4  
ATOM 654  C CB   . ASP A 1 2  ? -0.001 -0.636 8.970  1.00 0.00 ? 2  ASP A CB   4  
ATOM 655  C CG   . ASP A 1 2  ? 1.001  -0.428 10.108 1.00 0.00 ? 2  ASP A CG   4  
ATOM 656  O OD1  . ASP A 1 2  ? 1.746  0.535  10.047 1.00 0.00 ? 2  ASP A OD1  4  
ATOM 657  O OD2  . ASP A 1 2  ? 1.005  -1.238 11.021 1.00 0.00 ? 2  ASP A OD2  4  
ATOM 658  H H    . ASP A 1 2  ? -2.802 0.165  9.824  1.00 0.00 ? 2  ASP A H    4  
ATOM 659  H HA   . ASP A 1 2  ? -0.706 1.272  9.671  1.00 0.00 ? 2  ASP A HA   4  
ATOM 660  H HB2  . ASP A 1 2  ? -0.595 -1.516 9.168  1.00 0.00 ? 2  ASP A HB2  4  
ATOM 661  H HB3  . ASP A 1 2  ? 0.533  -0.764 8.040  1.00 0.00 ? 2  ASP A HB3  4  
ATOM 662  N N    . ASP A 1 3  ? -1.784 1.875  7.003  1.00 0.00 ? 3  ASP A N    4  
ATOM 663  C CA   . ASP A 1 3  ? -1.680 2.566  5.685  1.00 0.00 ? 3  ASP A CA   4  
ATOM 664  C C    . ASP A 1 3  ? -1.165 1.596  4.617  1.00 0.00 ? 3  ASP A C    4  
ATOM 665  O O    . ASP A 1 3  ? -0.972 0.423  4.871  1.00 0.00 ? 3  ASP A O    4  
ATOM 666  C CB   . ASP A 1 3  ? -0.679 3.698  5.910  1.00 0.00 ? 3  ASP A CB   4  
ATOM 667  C CG   . ASP A 1 3  ? -1.101 4.517  7.132  1.00 0.00 ? 3  ASP A CG   4  
ATOM 668  O OD1  . ASP A 1 3  ? -0.856 4.066  8.238  1.00 0.00 ? 3  ASP A OD1  4  
ATOM 669  O OD2  . ASP A 1 3  ? -1.662 5.583  6.940  1.00 0.00 ? 3  ASP A OD2  4  
ATOM 670  H H    . ASP A 1 3  ? -2.636 1.870  7.487  1.00 0.00 ? 3  ASP A H    4  
ATOM 671  H HA   . ASP A 1 3  ? -2.637 2.971  5.396  1.00 0.00 ? 3  ASP A HA   4  
ATOM 672  H HB2  . ASP A 1 3  ? 0.303  3.282  6.079  1.00 0.00 ? 3  ASP A HB2  4  
ATOM 673  H HB3  . ASP A 1 3  ? -0.655 4.335  5.039  1.00 0.00 ? 3  ASP A HB3  4  
ATOM 674  N N    . CYS A 1 4  ? -0.939 2.077  3.426  1.00 0.00 ? 4  CYS A N    4  
ATOM 675  C CA   . CYS A 1 4  ? -0.437 1.183  2.344  1.00 0.00 ? 4  CYS A CA   4  
ATOM 676  C C    . CYS A 1 4  ? 1.075  0.980  2.482  1.00 0.00 ? 4  CYS A C    4  
ATOM 677  O O    . CYS A 1 4  ? 1.820  1.125  1.534  1.00 0.00 ? 4  CYS A O    4  
ATOM 678  C CB   . CYS A 1 4  ? -0.763 1.913  1.038  1.00 0.00 ? 4  CYS A CB   4  
ATOM 679  S SG   . CYS A 1 4  ? 0.014  3.548  1.048  1.00 0.00 ? 4  CYS A SG   4  
ATOM 680  H H    . CYS A 1 4  ? -1.102 3.026  3.241  1.00 0.00 ? 4  CYS A H    4  
ATOM 681  H HA   . CYS A 1 4  ? -0.949 0.233  2.371  1.00 0.00 ? 4  CYS A HA   4  
ATOM 682  H HB2  . CYS A 1 4  ? -0.388 1.340  0.203  1.00 0.00 ? 4  CYS A HB2  4  
ATOM 683  H HB3  . CYS A 1 4  ? -1.834 2.023  0.947  1.00 0.00 ? 4  CYS A HB3  4  
ATOM 684  N N    . GLU A 1 5  ? 1.533  0.642  3.657  1.00 0.00 ? 5  GLU A N    4  
ATOM 685  C CA   . GLU A 1 5  ? 2.996  0.428  3.854  1.00 0.00 ? 5  GLU A CA   4  
ATOM 686  C C    . GLU A 1 5  ? 3.316  -1.063 3.821  1.00 0.00 ? 5  GLU A C    4  
ATOM 687  O O    . GLU A 1 5  ? 4.343  -1.503 4.298  1.00 0.00 ? 5  GLU A O    4  
ATOM 688  C CB   . GLU A 1 5  ? 3.300  1.010  5.231  1.00 0.00 ? 5  GLU A CB   4  
ATOM 689  C CG   . GLU A 1 5  ? 4.807  1.236  5.368  1.00 0.00 ? 5  GLU A CG   4  
ATOM 690  C CD   . GLU A 1 5  ? 5.075  2.221  6.507  1.00 0.00 ? 5  GLU A CD   4  
ATOM 691  O OE1  . GLU A 1 5  ? 4.260  3.109  6.701  1.00 0.00 ? 5  GLU A OE1  4  
ATOM 692  O OE2  . GLU A 1 5  ? 6.090  2.074  7.167  1.00 0.00 ? 5  GLU A OE2  4  
ATOM 693  H H    . GLU A 1 5  ? 0.916  0.528  4.410  1.00 0.00 ? 5  GLU A H    4  
ATOM 694  H HA   . GLU A 1 5  ? 3.557  0.950  3.097  1.00 0.00 ? 5  GLU A HA   4  
ATOM 695  H HB2  . GLU A 1 5  ? 2.781  1.949  5.347  1.00 0.00 ? 5  GLU A HB2  4  
ATOM 696  H HB3  . GLU A 1 5  ? 2.969  0.317  5.990  1.00 0.00 ? 5  GLU A HB3  4  
ATOM 697  H HG2  . GLU A 1 5  ? 5.294  0.297  5.583  1.00 0.00 ? 5  GLU A HG2  4  
ATOM 698  H HG3  . GLU A 1 5  ? 5.196  1.640  4.445  1.00 0.00 ? 5  GLU A HG3  4  
ATOM 699  N N    . LEU A 1 6  ? 2.437  -1.837 3.261  1.00 0.00 ? 6  LEU A N    4  
ATOM 700  C CA   . LEU A 1 6  ? 2.671  -3.308 3.188  1.00 0.00 ? 6  LEU A CA   4  
ATOM 701  C C    . LEU A 1 6  ? 1.730  -3.943 2.160  1.00 0.00 ? 6  LEU A C    4  
ATOM 702  O O    . LEU A 1 6  ? 0.897  -4.763 2.491  1.00 0.00 ? 6  LEU A O    4  
ATOM 703  C CB   . LEU A 1 6  ? 2.361  -3.828 4.592  1.00 0.00 ? 6  LEU A CB   4  
ATOM 704  C CG   . LEU A 1 6  ? 3.661  -4.257 5.277  1.00 0.00 ? 6  LEU A CG   4  
ATOM 705  C CD1  . LEU A 1 6  ? 3.373  -4.637 6.729  1.00 0.00 ? 6  LEU A CD1  4  
ATOM 706  C CD2  . LEU A 1 6  ? 4.249  -5.464 4.542  1.00 0.00 ? 6  LEU A CD2  4  
ATOM 707  H H    . LEU A 1 6  ? 1.622  -1.449 2.890  1.00 0.00 ? 6  LEU A H    4  
ATOM 708  H HA   . LEU A 1 6  ? 3.699  -3.515 2.937  1.00 0.00 ? 6  LEU A HA   4  
ATOM 709  H HB2  . LEU A 1 6  ? 1.892  -3.046 5.170  1.00 0.00 ? 6  LEU A HB2  4  
ATOM 710  H HB3  . LEU A 1 6  ? 1.694  -4.674 4.522  1.00 0.00 ? 6  LEU A HB3  4  
ATOM 711  H HG   . LEU A 1 6  ? 4.369  -3.441 5.250  1.00 0.00 ? 6  LEU A HG   4  
ATOM 712  H HD11 . LEU A 1 6  ? 2.333  -4.446 6.951  1.00 0.00 ? 6  LEU A HD11 4  
ATOM 713  H HD12 . LEU A 1 6  ? 3.586  -5.685 6.876  1.00 0.00 ? 6  LEU A HD12 4  
ATOM 714  H HD13 . LEU A 1 6  ? 3.993  -4.046 7.386  1.00 0.00 ? 6  LEU A HD13 4  
ATOM 715  H HD21 . LEU A 1 6  ? 4.323  -5.242 3.487  1.00 0.00 ? 6  LEU A HD21 4  
ATOM 716  H HD22 . LEU A 1 6  ? 5.232  -5.681 4.934  1.00 0.00 ? 6  LEU A HD22 4  
ATOM 717  H HD23 . LEU A 1 6  ? 3.606  -6.320 4.686  1.00 0.00 ? 6  LEU A HD23 4  
ATOM 718  N N    . CYS A 1 7  ? 1.855  -3.567 0.917  1.00 0.00 ? 7  CYS A N    4  
ATOM 719  C CA   . CYS A 1 7  ? 0.966  -4.149 -0.131 1.00 0.00 ? 7  CYS A CA   4  
ATOM 720  C C    . CYS A 1 7  ? 1.745  -4.345 -1.435 1.00 0.00 ? 7  CYS A C    4  
ATOM 721  O O    . CYS A 1 7  ? 2.959  -4.322 -1.454 1.00 0.00 ? 7  CYS A O    4  
ATOM 722  C CB   . CYS A 1 7  ? -0.150 -3.121 -0.319 1.00 0.00 ? 7  CYS A CB   4  
ATOM 723  S SG   . CYS A 1 7  ? 0.567  -1.535 -0.812 1.00 0.00 ? 7  CYS A SG   4  
ATOM 724  H H    . CYS A 1 7  ? 2.532  -2.902 0.671  1.00 0.00 ? 7  CYS A H    4  
ATOM 725  H HA   . CYS A 1 7  ? 0.552  -5.086 0.206  1.00 0.00 ? 7  CYS A HA   4  
ATOM 726  H HB2  . CYS A 1 7  ? -0.829 -3.462 -1.087 1.00 0.00 ? 7  CYS A HB2  4  
ATOM 727  H HB3  . CYS A 1 7  ? -0.689 -3.000 0.609  1.00 0.00 ? 7  CYS A HB3  4  
ATOM 728  N N    . VAL A 1 8  ? 1.056  -4.541 -2.527 1.00 0.00 ? 8  VAL A N    4  
ATOM 729  C CA   . VAL A 1 8  ? 1.759  -4.740 -3.825 1.00 0.00 ? 8  VAL A CA   4  
ATOM 730  C C    . VAL A 1 8  ? 1.996  -3.393 -4.515 1.00 0.00 ? 8  VAL A C    4  
ATOM 731  O O    . VAL A 1 8  ? 1.622  -3.197 -5.655 1.00 0.00 ? 8  VAL A O    4  
ATOM 732  C CB   . VAL A 1 8  ? 0.819  -5.610 -4.660 1.00 0.00 ? 8  VAL A CB   4  
ATOM 733  C CG1  . VAL A 1 8  ? 1.567  -6.135 -5.887 1.00 0.00 ? 8  VAL A CG1  4  
ATOM 734  C CG2  . VAL A 1 8  ? 0.328  -6.790 -3.816 1.00 0.00 ? 8  VAL A CG2  4  
ATOM 735  H H    . VAL A 1 8  ? 0.076  -4.558 -2.492 1.00 0.00 ? 8  VAL A H    4  
ATOM 736  H HA   . VAL A 1 8  ? 2.695  -5.254 -3.671 1.00 0.00 ? 8  VAL A HA   4  
ATOM 737  H HB   . VAL A 1 8  ? -0.027 -5.020 -4.979 1.00 0.00 ? 8  VAL A HB   4  
ATOM 738  H HG11 . VAL A 1 8  ? 2.536  -6.505 -5.585 1.00 0.00 ? 8  VAL A HG11 4  
ATOM 739  H HG12 . VAL A 1 8  ? 1.000  -6.935 -6.338 1.00 0.00 ? 8  VAL A HG12 4  
ATOM 740  H HG13 . VAL A 1 8  ? 1.692  -5.334 -6.601 1.00 0.00 ? 8  VAL A HG13 4  
ATOM 741  H HG21 . VAL A 1 8  ? 0.865  -6.812 -2.880 1.00 0.00 ? 8  VAL A HG21 4  
ATOM 742  H HG22 . VAL A 1 8  ? -0.728 -6.678 -3.624 1.00 0.00 ? 8  VAL A HG22 4  
ATOM 743  H HG23 . VAL A 1 8  ? 0.502  -7.710 -4.353 1.00 0.00 ? 8  VAL A HG23 4  
ATOM 744  N N    . ASN A 1 9  ? 2.613  -2.465 -3.838 1.00 0.00 ? 9  ASN A N    4  
ATOM 745  C CA   . ASN A 1 9  ? 2.869  -1.135 -4.465 1.00 0.00 ? 9  ASN A CA   4  
ATOM 746  C C    . ASN A 1 9  ? 3.541  -0.195 -3.461 1.00 0.00 ? 9  ASN A C    4  
ATOM 747  O O    . ASN A 1 9  ? 3.757  -0.543 -2.317 1.00 0.00 ? 9  ASN A O    4  
ATOM 748  C CB   . ASN A 1 9  ? 1.489  -0.604 -4.854 1.00 0.00 ? 9  ASN A CB   4  
ATOM 749  C CG   . ASN A 1 9  ? 1.512  -0.156 -6.316 1.00 0.00 ? 9  ASN A CG   4  
ATOM 750  O OD1  . ASN A 1 9  ? 2.082  0.867  -6.641 1.00 0.00 ? 9  ASN A OD1  4  
ATOM 751  N ND2  . ASN A 1 9  ? 0.913  -0.883 -7.219 1.00 0.00 ? 9  ASN A ND2  4  
ATOM 752  H H    . ASN A 1 9  ? 2.908  -2.639 -2.920 1.00 0.00 ? 9  ASN A H    4  
ATOM 753  H HA   . ASN A 1 9  ? 3.482  -1.246 -5.344 1.00 0.00 ? 9  ASN A HA   4  
ATOM 754  H HB2  . ASN A 1 9  ? 0.754  -1.386 -4.728 1.00 0.00 ? 9  ASN A HB2  4  
ATOM 755  H HB3  . ASN A 1 9  ? 1.234  0.235  -4.223 1.00 0.00 ? 9  ASN A HB3  4  
ATOM 756  H HD21 . ASN A 1 9  ? 0.452  -1.708 -6.956 1.00 0.00 ? 9  ASN A HD21 4  
ATOM 757  H HD22 . ASN A 1 9  ? 0.922  -0.604 -8.158 1.00 0.00 ? 9  ASN A HD22 4  
ATOM 758  N N    . VAL A 1 10 ? 3.874  0.996  -3.882 1.00 0.00 ? 10 VAL A N    4  
ATOM 759  C CA   . VAL A 1 10 ? 4.535  1.959  -2.953 1.00 0.00 ? 10 VAL A CA   4  
ATOM 760  C C    . VAL A 1 10 ? 3.936  3.357  -3.126 1.00 0.00 ? 10 VAL A C    4  
ATOM 761  O O    . VAL A 1 10 ? 4.610  4.355  -2.960 1.00 0.00 ? 10 VAL A O    4  
ATOM 762  C CB   . VAL A 1 10 ? 6.008  1.950  -3.358 1.00 0.00 ? 10 VAL A CB   4  
ATOM 763  C CG1  . VAL A 1 10 ? 6.179  2.695  -4.684 1.00 0.00 ? 10 VAL A CG1  4  
ATOM 764  C CG2  . VAL A 1 10 ? 6.838  2.642  -2.275 1.00 0.00 ? 10 VAL A CG2  4  
ATOM 765  H H    . VAL A 1 10 ? 3.693  1.256  -4.809 1.00 0.00 ? 10 VAL A H    4  
ATOM 766  H HA   . VAL A 1 10 ? 4.431  1.628  -1.932 1.00 0.00 ? 10 VAL A HA   4  
ATOM 767  H HB   . VAL A 1 10 ? 6.345  0.929  -3.471 1.00 0.00 ? 10 VAL A HB   4  
ATOM 768  H HG11 . VAL A 1 10 ? 5.450  2.336  -5.395 1.00 0.00 ? 10 VAL A HG11 4  
ATOM 769  H HG12 . VAL A 1 10 ? 6.034  3.753  -4.523 1.00 0.00 ? 10 VAL A HG12 4  
ATOM 770  H HG13 . VAL A 1 10 ? 7.173  2.520  -5.069 1.00 0.00 ? 10 VAL A HG13 4  
ATOM 771  H HG21 . VAL A 1 10 ? 6.498  3.660  -2.156 1.00 0.00 ? 10 VAL A HG21 4  
ATOM 772  H HG22 . VAL A 1 10 ? 6.723  2.113  -1.340 1.00 0.00 ? 10 VAL A HG22 4  
ATOM 773  H HG23 . VAL A 1 10 ? 7.878  2.641  -2.563 1.00 0.00 ? 10 VAL A HG23 4  
ATOM 774  N N    . ALA A 1 11 ? 2.678  3.439  -3.458 1.00 0.00 ? 11 ALA A N    4  
ATOM 775  C CA   . ALA A 1 11 ? 2.038  4.774  -3.638 1.00 0.00 ? 11 ALA A CA   4  
ATOM 776  C C    . ALA A 1 11 ? 0.577  4.721  -3.192 1.00 0.00 ? 11 ALA A C    4  
ATOM 777  O O    . ALA A 1 11 ? -0.254 5.479  -3.651 1.00 0.00 ? 11 ALA A O    4  
ATOM 778  C CB   . ALA A 1 11 ? 2.129  5.059  -5.137 1.00 0.00 ? 11 ALA A CB   4  
ATOM 779  H H    . ALA A 1 11 ? 2.152  2.622  -3.587 1.00 0.00 ? 11 ALA A H    4  
ATOM 780  H HA   . ALA A 1 11 ? 2.574  5.527  -3.085 1.00 0.00 ? 11 ALA A HA   4  
ATOM 781  H HB1  . ALA A 1 11 ? 2.698  4.279  -5.617 1.00 0.00 ? 11 ALA A HB1  4  
ATOM 782  H HB2  . ALA A 1 11 ? 1.135  5.090  -5.557 1.00 0.00 ? 11 ALA A HB2  4  
ATOM 783  H HB3  . ALA A 1 11 ? 2.617  6.010  -5.293 1.00 0.00 ? 11 ALA A HB3  4  
ATOM 784  N N    . CYS A 1 12 ? 0.261  3.827  -2.299 1.00 0.00 ? 12 CYS A N    4  
ATOM 785  C CA   . CYS A 1 12 ? -1.146 3.716  -1.818 1.00 0.00 ? 12 CYS A CA   4  
ATOM 786  C C    . CYS A 1 12 ? -2.090 3.486  -3.001 1.00 0.00 ? 12 CYS A C    4  
ATOM 787  O O    . CYS A 1 12 ? -3.250 3.847  -2.964 1.00 0.00 ? 12 CYS A O    4  
ATOM 788  C CB   . CYS A 1 12 ? -1.440 5.054  -1.142 1.00 0.00 ? 12 CYS A CB   4  
ATOM 789  S SG   . CYS A 1 12 ? -1.506 4.821  0.654  1.00 0.00 ? 12 CYS A SG   4  
ATOM 790  H H    . CYS A 1 12 ? 0.950  3.228  -1.947 1.00 0.00 ? 12 CYS A H    4  
ATOM 791  H HA   . CYS A 1 12 ? -1.235 2.914  -1.103 1.00 0.00 ? 12 CYS A HA   4  
ATOM 792  H HB2  . CYS A 1 12 ? -0.661 5.760  -1.384 1.00 0.00 ? 12 CYS A HB2  4  
ATOM 793  H HB3  . CYS A 1 12 ? -2.390 5.432  -1.490 1.00 0.00 ? 12 CYS A HB3  4  
ATOM 794  N N    . THR A 1 13 ? -1.600 2.882  -4.050 1.00 0.00 ? 13 THR A N    4  
ATOM 795  C CA   . THR A 1 13 ? -2.464 2.620  -5.237 1.00 0.00 ? 13 THR A CA   4  
ATOM 796  C C    . THR A 1 13 ? -2.118 1.253  -5.832 1.00 0.00 ? 13 THR A C    4  
ATOM 797  O O    . THR A 1 13 ? -1.052 1.056  -6.381 1.00 0.00 ? 13 THR A O    4  
ATOM 798  C CB   . THR A 1 13 ? -2.140 3.738  -6.230 1.00 0.00 ? 13 THR A CB   4  
ATOM 799  O OG1  . THR A 1 13 ? -0.961 4.415  -5.816 1.00 0.00 ? 13 THR A OG1  4  
ATOM 800  C CG2  . THR A 1 13 ? -3.306 4.727  -6.284 1.00 0.00 ? 13 THR A CG2  4  
ATOM 801  H H    . THR A 1 13 ? -0.664 2.597  -4.055 1.00 0.00 ? 13 THR A H    4  
ATOM 802  H HA   . THR A 1 13 ? -3.505 2.657  -4.962 1.00 0.00 ? 13 THR A HA   4  
ATOM 803  H HB   . THR A 1 13 ? -1.986 3.316  -7.211 1.00 0.00 ? 13 THR A HB   4  
ATOM 804  H HG1  . THR A 1 13 ? -0.206 3.913  -6.132 1.00 0.00 ? 13 THR A HG1  4  
ATOM 805  H HG21 . THR A 1 13 ? -4.215 4.198  -6.532 1.00 0.00 ? 13 THR A HG21 4  
ATOM 806  H HG22 . THR A 1 13 ? -3.417 5.205  -5.322 1.00 0.00 ? 13 THR A HG22 4  
ATOM 807  H HG23 . THR A 1 13 ? -3.109 5.474  -7.037 1.00 0.00 ? 13 THR A HG23 4  
ATOM 808  N N    . GLY A 1 14 ? -3.006 0.306  -5.716 1.00 0.00 ? 14 GLY A N    4  
ATOM 809  C CA   . GLY A 1 14 ? -2.725 -1.050 -6.261 1.00 0.00 ? 14 GLY A CA   4  
ATOM 810  C C    . GLY A 1 14 ? -2.196 -1.932 -5.130 1.00 0.00 ? 14 GLY A C    4  
ATOM 811  O O    . GLY A 1 14 ? -1.265 -2.692 -5.303 1.00 0.00 ? 14 GLY A O    4  
ATOM 812  H H    . GLY A 1 14 ? -3.855 0.486  -5.261 1.00 0.00 ? 14 GLY A H    4  
ATOM 813  H HA2  . GLY A 1 14 ? -3.634 -1.476 -6.661 1.00 0.00 ? 14 GLY A HA2  4  
ATOM 814  H HA3  . GLY A 1 14 ? -1.983 -0.979 -7.044 1.00 0.00 ? 14 GLY A HA3  4  
ATOM 815  N N    . CYS A 1 15 ? -2.785 -1.830 -3.971 1.00 0.00 ? 15 CYS A N    4  
ATOM 816  C CA   . CYS A 1 15 ? -2.324 -2.653 -2.819 1.00 0.00 ? 15 CYS A CA   4  
ATOM 817  C C    . CYS A 1 15 ? -3.279 -3.824 -2.591 1.00 0.00 ? 15 CYS A C    4  
ATOM 818  O O    . CYS A 1 15 ? -4.277 -3.704 -1.909 1.00 0.00 ? 15 CYS A O    4  
ATOM 819  C CB   . CYS A 1 15 ? -2.350 -1.707 -1.620 1.00 0.00 ? 15 CYS A CB   4  
ATOM 820  S SG   . CYS A 1 15 ? -0.951 -0.561 -1.723 1.00 0.00 ? 15 CYS A SG   4  
ATOM 821  H H    . CYS A 1 15 ? -3.532 -1.208 -3.857 1.00 0.00 ? 15 CYS A H    4  
ATOM 822  H HA   . CYS A 1 15 ? -1.320 -3.008 -2.986 1.00 0.00 ? 15 CYS A HA   4  
ATOM 823  H HB2  . CYS A 1 15 ? -3.274 -1.148 -1.624 1.00 0.00 ? 15 CYS A HB2  4  
ATOM 824  H HB3  . CYS A 1 15 ? -2.282 -2.282 -0.711 1.00 0.00 ? 15 CYS A HB3  4  
ATOM 825  N N    . LEU A 1 16 ? -2.976 -4.955 -3.155 1.00 0.00 ? 16 LEU A N    4  
ATOM 826  C CA   . LEU A 1 16 ? -3.862 -6.141 -2.976 1.00 0.00 ? 16 LEU A CA   4  
ATOM 827  C C    . LEU A 1 16 ? -3.259 -7.097 -1.941 1.00 0.00 ? 16 LEU A C    4  
ATOM 828  O O    . LEU A 1 16 ? -2.271 -7.738 -2.260 1.00 0.00 ? 16 LEU A O    4  
ATOM 829  C CB   . LEU A 1 16 ? -3.917 -6.807 -4.351 1.00 0.00 ? 16 LEU A CB   4  
ATOM 830  C CG   . LEU A 1 16 ? -4.260 -5.759 -5.412 1.00 0.00 ? 16 LEU A CG   4  
ATOM 831  C CD1  . LEU A 1 16 ? -3.099 -5.637 -6.400 1.00 0.00 ? 16 LEU A CD1  4  
ATOM 832  C CD2  . LEU A 1 16 ? -5.524 -6.185 -6.160 1.00 0.00 ? 16 LEU A CD2  4  
ATOM 833  O OXT  . LEU A 1 16 ? -3.798 -7.173 -0.850 1.00 0.00 ? 16 LEU A OXT  4  
ATOM 834  H H    . LEU A 1 16 ? -2.165 -5.023 -3.698 1.00 0.00 ? 16 LEU A H    4  
ATOM 835  H HA   . LEU A 1 16 ? -4.849 -5.833 -2.675 1.00 0.00 ? 16 LEU A HA   4  
ATOM 836  H HB2  . LEU A 1 16 ? -2.960 -7.249 -4.578 1.00 0.00 ? 16 LEU A HB2  4  
ATOM 837  H HB3  . LEU A 1 16 ? -4.676 -7.577 -4.348 1.00 0.00 ? 16 LEU A HB3  4  
ATOM 838  H HG   . LEU A 1 16 ? -4.429 -4.804 -4.934 1.00 0.00 ? 16 LEU A HG   4  
ATOM 839  H HD11 . LEU A 1 16 ? -2.923 -6.593 -6.868 1.00 0.00 ? 16 LEU A HD11 4  
ATOM 840  H HD12 . LEU A 1 16 ? -3.344 -4.906 -7.156 1.00 0.00 ? 16 LEU A HD12 4  
ATOM 841  H HD13 . LEU A 1 16 ? -2.209 -5.326 -5.873 1.00 0.00 ? 16 LEU A HD13 4  
ATOM 842  H HD21 . LEU A 1 16 ? -6.083 -6.884 -5.555 1.00 0.00 ? 16 LEU A HD21 4  
ATOM 843  H HD22 . LEU A 1 16 ? -6.134 -5.316 -6.362 1.00 0.00 ? 16 LEU A HD22 4  
ATOM 844  H HD23 . LEU A 1 16 ? -5.249 -6.656 -7.092 1.00 0.00 ? 16 LEU A HD23 4  
ATOM 845  N N    . ASN A 1 1  ? -1.735 -0.036 12.817 1.00 0.00 ? 1  ASN A N    5  
ATOM 846  C CA   . ASN A 1 1  ? -1.205 0.572  11.562 1.00 0.00 ? 1  ASN A CA   5  
ATOM 847  C C    . ASN A 1 1  ? -2.360 0.983  10.645 1.00 0.00 ? 1  ASN A C    5  
ATOM 848  O O    . ASN A 1 1  ? -3.493 0.599  10.848 1.00 0.00 ? 1  ASN A O    5  
ATOM 849  C CB   . ASN A 1 1  ? -0.369 -0.529 10.911 1.00 0.00 ? 1  ASN A CB   5  
ATOM 850  C CG   . ASN A 1 1  ? 0.809  -0.881 11.822 1.00 0.00 ? 1  ASN A CG   5  
ATOM 851  O OD1  . ASN A 1 1  ? 1.918  -0.430 11.602 1.00 0.00 ? 1  ASN A OD1  5  
ATOM 852  N ND2  . ASN A 1 1  ? 0.618  -1.671 12.841 1.00 0.00 ? 1  ASN A ND2  5  
ATOM 853  H H1   . ASN A 1 1  ? -2.434 0.606  13.244 1.00 0.00 ? 1  ASN A H1   5  
ATOM 854  H H2   . ASN A 1 1  ? -2.188 -0.945 12.598 1.00 0.00 ? 1  ASN A H2   5  
ATOM 855  H H3   . ASN A 1 1  ? -0.954 -0.192 13.484 1.00 0.00 ? 1  ASN A H3   5  
ATOM 856  H HA   . ASN A 1 1  ? -0.582 1.422  11.789 1.00 0.00 ? 1  ASN A HA   5  
ATOM 857  H HB2  . ASN A 1 1  ? -0.982 -1.406 10.761 1.00 0.00 ? 1  ASN A HB2  5  
ATOM 858  H HB3  . ASN A 1 1  ? 0.003  -0.182 9.959  1.00 0.00 ? 1  ASN A HB3  5  
ATOM 859  H HD21 . ASN A 1 1  ? -0.276 -2.034 13.018 1.00 0.00 ? 1  ASN A HD21 5  
ATOM 860  H HD22 . ASN A 1 1  ? 1.365  -1.903 13.430 1.00 0.00 ? 1  ASN A HD22 5  
ATOM 861  N N    . ASP A 1 2  ? -2.078 1.761  9.637  1.00 0.00 ? 2  ASP A N    5  
ATOM 862  C CA   . ASP A 1 2  ? -3.159 2.196  8.706  1.00 0.00 ? 2  ASP A CA   5  
ATOM 863  C C    . ASP A 1 2  ? -2.555 2.911  7.494  1.00 0.00 ? 2  ASP A C    5  
ATOM 864  O O    . ASP A 1 2  ? -2.897 4.038  7.191  1.00 0.00 ? 2  ASP A O    5  
ATOM 865  C CB   . ASP A 1 2  ? -4.021 3.160  9.522  1.00 0.00 ? 2  ASP A CB   5  
ATOM 866  C CG   . ASP A 1 2  ? -5.230 3.592  8.689  1.00 0.00 ? 2  ASP A CG   5  
ATOM 867  O OD1  . ASP A 1 2  ? -5.729 2.771  7.935  1.00 0.00 ? 2  ASP A OD1  5  
ATOM 868  O OD2  . ASP A 1 2  ? -5.637 4.735  8.819  1.00 0.00 ? 2  ASP A OD2  5  
ATOM 869  H H    . ASP A 1 2  ? -1.157 2.060  9.490  1.00 0.00 ? 2  ASP A H    5  
ATOM 870  H HA   . ASP A 1 2  ? -3.749 1.351  8.391  1.00 0.00 ? 2  ASP A HA   5  
ATOM 871  H HB2  . ASP A 1 2  ? -4.361 2.665  10.420 1.00 0.00 ? 2  ASP A HB2  5  
ATOM 872  H HB3  . ASP A 1 2  ? -3.438 4.029  9.787  1.00 0.00 ? 2  ASP A HB3  5  
ATOM 873  N N    . ASP A 1 3  ? -1.659 2.266  6.799  1.00 0.00 ? 3  ASP A N    5  
ATOM 874  C CA   . ASP A 1 3  ? -1.034 2.910  5.607  1.00 0.00 ? 3  ASP A CA   5  
ATOM 875  C C    . ASP A 1 3  ? -0.982 1.921  4.440  1.00 0.00 ? 3  ASP A C    5  
ATOM 876  O O    . ASP A 1 3  ? -1.490 0.821  4.522  1.00 0.00 ? 3  ASP A O    5  
ATOM 877  C CB   . ASP A 1 3  ? 0.379  3.286  6.056  1.00 0.00 ? 3  ASP A CB   5  
ATOM 878  C CG   . ASP A 1 3  ? 0.864  4.495  5.252  1.00 0.00 ? 3  ASP A CG   5  
ATOM 879  O OD1  . ASP A 1 3  ? 0.321  5.570  5.450  1.00 0.00 ? 3  ASP A OD1  5  
ATOM 880  O OD2  . ASP A 1 3  ? 1.769  4.325  4.453  1.00 0.00 ? 3  ASP A OD2  5  
ATOM 881  H H    . ASP A 1 3  ? -1.397 1.359  7.059  1.00 0.00 ? 3  ASP A H    5  
ATOM 882  H HA   . ASP A 1 3  ? -1.581 3.796  5.328  1.00 0.00 ? 3  ASP A HA   5  
ATOM 883  H HB2  . ASP A 1 3  ? 0.368  3.534  7.107  1.00 0.00 ? 3  ASP A HB2  5  
ATOM 884  H HB3  . ASP A 1 3  ? 1.044  2.452  5.888  1.00 0.00 ? 3  ASP A HB3  5  
ATOM 885  N N    . CYS A 1 4  ? -0.369 2.305  3.352  1.00 0.00 ? 4  CYS A N    5  
ATOM 886  C CA   . CYS A 1 4  ? -0.284 1.386  2.181  1.00 0.00 ? 4  CYS A CA   5  
ATOM 887  C C    . CYS A 1 4  ? 1.176  1.015  1.904  1.00 0.00 ? 4  CYS A C    5  
ATOM 888  O O    . CYS A 1 4  ? 1.560  0.768  0.777  1.00 0.00 ? 4  CYS A O    5  
ATOM 889  C CB   . CYS A 1 4  ? -0.868 2.180  1.010  1.00 0.00 ? 4  CYS A CB   5  
ATOM 890  S SG   . CYS A 1 4  ? 0.021  3.748  0.842  1.00 0.00 ? 4  CYS A SG   5  
ATOM 891  H H    . CYS A 1 4  ? 0.035  3.197  3.306  1.00 0.00 ? 4  CYS A H    5  
ATOM 892  H HA   . CYS A 1 4  ? -0.872 0.499  2.354  1.00 0.00 ? 4  CYS A HA   5  
ATOM 893  H HB2  . CYS A 1 4  ? -0.765 1.608  0.101  1.00 0.00 ? 4  CYS A HB2  5  
ATOM 894  H HB3  . CYS A 1 4  ? -1.914 2.376  1.196  1.00 0.00 ? 4  CYS A HB3  5  
ATOM 895  N N    . GLU A 1 5  ? 1.989  0.976  2.922  1.00 0.00 ? 5  GLU A N    5  
ATOM 896  C CA   . GLU A 1 5  ? 3.424  0.620  2.717  1.00 0.00 ? 5  GLU A CA   5  
ATOM 897  C C    . GLU A 1 5  ? 3.621  -0.883 2.896  1.00 0.00 ? 5  GLU A C    5  
ATOM 898  O O    . GLU A 1 5  ? 4.719  -1.362 3.092  1.00 0.00 ? 5  GLU A O    5  
ATOM 899  C CB   . GLU A 1 5  ? 4.181  1.390  3.794  1.00 0.00 ? 5  GLU A CB   5  
ATOM 900  C CG   . GLU A 1 5  ? 5.680  1.112  3.666  1.00 0.00 ? 5  GLU A CG   5  
ATOM 901  C CD   . GLU A 1 5  ? 6.461  2.133  4.493  1.00 0.00 ? 5  GLU A CD   5  
ATOM 902  O OE1  . GLU A 1 5  ? 6.242  2.187  5.693  1.00 0.00 ? 5  GLU A OE1  5  
ATOM 903  O OE2  . GLU A 1 5  ? 7.266  2.846  3.914  1.00 0.00 ? 5  GLU A OE2  5  
ATOM 904  H H    . GLU A 1 5  ? 1.659  1.178  3.821  1.00 0.00 ? 5  GLU A H    5  
ATOM 905  H HA   . GLU A 1 5  ? 3.750  0.927  1.740  1.00 0.00 ? 5  GLU A HA   5  
ATOM 906  H HB2  . GLU A 1 5  ? 3.997  2.447  3.676  1.00 0.00 ? 5  GLU A HB2  5  
ATOM 907  H HB3  . GLU A 1 5  ? 3.837  1.070  4.767  1.00 0.00 ? 5  GLU A HB3  5  
ATOM 908  H HG2  . GLU A 1 5  ? 5.893  0.117  4.026  1.00 0.00 ? 5  GLU A HG2  5  
ATOM 909  H HG3  . GLU A 1 5  ? 5.972  1.190  2.629  1.00 0.00 ? 5  GLU A HG3  5  
ATOM 910  N N    . LEU A 1 6  ? 2.558  -1.623 2.826  1.00 0.00 ? 6  LEU A N    5  
ATOM 911  C CA   . LEU A 1 6  ? 2.659  -3.101 2.989  1.00 0.00 ? 6  LEU A CA   5  
ATOM 912  C C    . LEU A 1 6  ? 1.708  -3.805 2.015  1.00 0.00 ? 6  LEU A C    5  
ATOM 913  O O    . LEU A 1 6  ? 0.851  -4.570 2.412  1.00 0.00 ? 6  LEU A O    5  
ATOM 914  C CB   . LEU A 1 6  ? 2.242  -3.370 4.435  1.00 0.00 ? 6  LEU A CB   5  
ATOM 915  C CG   . LEU A 1 6  ? 3.489  -3.622 5.285  1.00 0.00 ? 6  LEU A CG   5  
ATOM 916  C CD1  . LEU A 1 6  ? 3.609  -2.529 6.351  1.00 0.00 ? 6  LEU A CD1  5  
ATOM 917  C CD2  . LEU A 1 6  ? 3.377  -4.986 5.966  1.00 0.00 ? 6  LEU A CD2  5  
ATOM 918  H H    . LEU A 1 6  ? 1.689  -1.203 2.667  1.00 0.00 ? 6  LEU A H    5  
ATOM 919  H HA   . LEU A 1 6  ? 3.674  -3.429 2.829  1.00 0.00 ? 6  LEU A HA   5  
ATOM 920  H HB2  . LEU A 1 6  ? 1.708  -2.515 4.822  1.00 0.00 ? 6  LEU A HB2  5  
ATOM 921  H HB3  . LEU A 1 6  ? 1.602  -4.240 4.469  1.00 0.00 ? 6  LEU A HB3  5  
ATOM 922  H HG   . LEU A 1 6  ? 4.365  -3.605 4.654  1.00 0.00 ? 6  LEU A HG   5  
ATOM 923  H HD11 . LEU A 1 6  ? 3.161  -1.617 5.984  1.00 0.00 ? 6  LEU A HD11 5  
ATOM 924  H HD12 . LEU A 1 6  ? 3.099  -2.844 7.249  1.00 0.00 ? 6  LEU A HD12 5  
ATOM 925  H HD13 . LEU A 1 6  ? 4.651  -2.354 6.570  1.00 0.00 ? 6  LEU A HD13 5  
ATOM 926  H HD21 . LEU A 1 6  ? 2.350  -5.165 6.248  1.00 0.00 ? 6  LEU A HD21 5  
ATOM 927  H HD22 . LEU A 1 6  ? 3.701  -5.756 5.283  1.00 0.00 ? 6  LEU A HD22 5  
ATOM 928  H HD23 . LEU A 1 6  ? 3.999  -5.000 6.849  1.00 0.00 ? 6  LEU A HD23 5  
ATOM 929  N N    . CYS A 1 7  ? 1.855  -3.552 0.744  1.00 0.00 ? 7  CYS A N    5  
ATOM 930  C CA   . CYS A 1 7  ? 0.961  -4.205 -0.256 1.00 0.00 ? 7  CYS A CA   5  
ATOM 931  C C    . CYS A 1 7  ? 1.740  -4.509 -1.539 1.00 0.00 ? 7  CYS A C    5  
ATOM 932  O O    . CYS A 1 7  ? 2.905  -4.853 -1.501 1.00 0.00 ? 7  CYS A O    5  
ATOM 933  C CB   . CYS A 1 7  ? -0.146 -3.183 -0.521 1.00 0.00 ? 7  CYS A CB   5  
ATOM 934  S SG   . CYS A 1 7  ? 0.528  -1.787 -1.456 1.00 0.00 ? 7  CYS A SG   5  
ATOM 935  H H    . CYS A 1 7  ? 2.552  -2.933 0.446  1.00 0.00 ? 7  CYS A H    5  
ATOM 936  H HA   . CYS A 1 7  ? 0.536  -5.109 0.149  1.00 0.00 ? 7  CYS A HA   5  
ATOM 937  H HB2  . CYS A 1 7  ? -0.938 -3.648 -1.089 1.00 0.00 ? 7  CYS A HB2  5  
ATOM 938  H HB3  . CYS A 1 7  ? -0.540 -2.829 0.419  1.00 0.00 ? 7  CYS A HB3  5  
ATOM 939  N N    . VAL A 1 8  ? 1.109  -4.387 -2.674 1.00 0.00 ? 8  VAL A N    5  
ATOM 940  C CA   . VAL A 1 8  ? 1.819  -4.672 -3.955 1.00 0.00 ? 8  VAL A CA   5  
ATOM 941  C C    . VAL A 1 8  ? 2.522  -3.413 -4.463 1.00 0.00 ? 8  VAL A C    5  
ATOM 942  O O    . VAL A 1 8  ? 2.806  -3.279 -5.637 1.00 0.00 ? 8  VAL A O    5  
ATOM 943  C CB   . VAL A 1 8  ? 0.725  -5.108 -4.931 1.00 0.00 ? 8  VAL A CB   5  
ATOM 944  C CG1  . VAL A 1 8  ? 1.357  -5.481 -6.272 1.00 0.00 ? 8  VAL A CG1  5  
ATOM 945  C CG2  . VAL A 1 8  ? -0.015 -6.320 -4.361 1.00 0.00 ? 8  VAL A CG2  5  
ATOM 946  H H    . VAL A 1 8  ? 0.170  -4.110 -2.685 1.00 0.00 ? 8  VAL A H    5  
ATOM 947  H HA   . VAL A 1 8  ? 2.531  -5.468 -3.818 1.00 0.00 ? 8  VAL A HA   5  
ATOM 948  H HB   . VAL A 1 8  ? 0.028  -4.296 -5.074 1.00 0.00 ? 8  VAL A HB   5  
ATOM 949  H HG11 . VAL A 1 8  ? 2.433  -5.428 -6.191 1.00 0.00 ? 8  VAL A HG11 5  
ATOM 950  H HG12 . VAL A 1 8  ? 1.066  -6.486 -6.541 1.00 0.00 ? 8  VAL A HG12 5  
ATOM 951  H HG13 . VAL A 1 8  ? 1.021  -4.793 -7.033 1.00 0.00 ? 8  VAL A HG13 5  
ATOM 952  H HG21 . VAL A 1 8  ? 0.696  -7.102 -4.133 1.00 0.00 ? 8  VAL A HG21 5  
ATOM 953  H HG22 . VAL A 1 8  ? -0.536 -6.033 -3.458 1.00 0.00 ? 8  VAL A HG22 5  
ATOM 954  H HG23 . VAL A 1 8  ? -0.727 -6.682 -5.087 1.00 0.00 ? 8  VAL A HG23 5  
ATOM 955  N N    . ASN A 1 9  ? 2.806  -2.494 -3.586 1.00 0.00 ? 9  ASN A N    5  
ATOM 956  C CA   . ASN A 1 9  ? 3.495  -1.237 -4.002 1.00 0.00 ? 9  ASN A CA   5  
ATOM 957  C C    . ASN A 1 9  ? 3.527  -0.248 -2.834 1.00 0.00 ? 9  ASN A C    5  
ATOM 958  O O    . ASN A 1 9  ? 2.924  -0.469 -1.803 1.00 0.00 ? 9  ASN A O    5  
ATOM 959  C CB   . ASN A 1 9  ? 2.654  -0.674 -5.150 1.00 0.00 ? 9  ASN A CB   5  
ATOM 960  C CG   . ASN A 1 9  ? 1.170  -0.763 -4.790 1.00 0.00 ? 9  ASN A CG   5  
ATOM 961  O OD1  . ASN A 1 9  ? 0.563  -1.809 -4.917 1.00 0.00 ? 9  ASN A OD1  5  
ATOM 962  N ND2  . ASN A 1 9  ? 0.555  0.298  -4.345 1.00 0.00 ? 9  ASN A ND2  5  
ATOM 963  H H    . ASN A 1 9  ? 2.569  -2.633 -2.646 1.00 0.00 ? 9  ASN A H    5  
ATOM 964  H HA   . ASN A 1 9  ? 4.494  -1.451 -4.346 1.00 0.00 ? 9  ASN A HA   5  
ATOM 965  H HB2  . ASN A 1 9  ? 2.922  0.359  -5.317 1.00 0.00 ? 9  ASN A HB2  5  
ATOM 966  H HB3  . ASN A 1 9  ? 2.842  -1.242 -6.049 1.00 0.00 ? 9  ASN A HB3  5  
ATOM 967  H HD21 . ASN A 1 9  ? 1.045  1.141  -4.244 1.00 0.00 ? 9  ASN A HD21 5  
ATOM 968  H HD22 . ASN A 1 9  ? -0.396 0.253  -4.111 1.00 0.00 ? 9  ASN A HD22 5  
ATOM 969  N N    . VAL A 1 10 ? 4.227  0.843  -2.988 1.00 0.00 ? 10 VAL A N    5  
ATOM 970  C CA   . VAL A 1 10 ? 4.293  1.846  -1.887 1.00 0.00 ? 10 VAL A CA   5  
ATOM 971  C C    . VAL A 1 10 ? 3.760  3.196  -2.372 1.00 0.00 ? 10 VAL A C    5  
ATOM 972  O O    . VAL A 1 10 ? 4.420  4.210  -2.264 1.00 0.00 ? 10 VAL A O    5  
ATOM 973  C CB   . VAL A 1 10 ? 5.777  1.947  -1.532 1.00 0.00 ? 10 VAL A CB   5  
ATOM 974  C CG1  . VAL A 1 10 ? 5.957  2.935  -0.376 1.00 0.00 ? 10 VAL A CG1  5  
ATOM 975  C CG2  . VAL A 1 10 ? 6.297  0.571  -1.113 1.00 0.00 ? 10 VAL A CG2  5  
ATOM 976  H H    . VAL A 1 10 ? 4.705  1.005  -3.828 1.00 0.00 ? 10 VAL A H    5  
ATOM 977  H HA   . VAL A 1 10 ? 3.732  1.503  -1.031 1.00 0.00 ? 10 VAL A HA   5  
ATOM 978  H HB   . VAL A 1 10 ? 6.329  2.296  -2.393 1.00 0.00 ? 10 VAL A HB   5  
ATOM 979  H HG11 . VAL A 1 10 ? 5.067  2.937  0.236  1.00 0.00 ? 10 VAL A HG11 5  
ATOM 980  H HG12 . VAL A 1 10 ? 6.805  2.636  0.221  1.00 0.00 ? 10 VAL A HG12 5  
ATOM 981  H HG13 . VAL A 1 10 ? 6.124  3.925  -0.773 1.00 0.00 ? 10 VAL A HG13 5  
ATOM 982  H HG21 . VAL A 1 10 ? 5.679  -0.197 -1.555 1.00 0.00 ? 10 VAL A HG21 5  
ATOM 983  H HG22 . VAL A 1 10 ? 7.315  0.453  -1.454 1.00 0.00 ? 10 VAL A HG22 5  
ATOM 984  H HG23 . VAL A 1 10 ? 6.264  0.485  -0.038 1.00 0.00 ? 10 VAL A HG23 5  
ATOM 985  N N    . ALA A 1 11 ? 2.570  3.217  -2.906 1.00 0.00 ? 11 ALA A N    5  
ATOM 986  C CA   . ALA A 1 11 ? 1.994  4.502  -3.400 1.00 0.00 ? 11 ALA A CA   5  
ATOM 987  C C    . ALA A 1 11 ? 0.490  4.546  -3.126 1.00 0.00 ? 11 ALA A C    5  
ATOM 988  O O    . ALA A 1 11 ? -0.258 5.211  -3.814 1.00 0.00 ? 11 ALA A O    5  
ATOM 989  C CB   . ALA A 1 11 ? 2.267  4.504  -4.903 1.00 0.00 ? 11 ALA A CB   5  
ATOM 990  H H    . ALA A 1 11 ? 2.053  2.388  -2.985 1.00 0.00 ? 11 ALA A H    5  
ATOM 991  H HA   . ALA A 1 11 ? 2.487  5.339  -2.932 1.00 0.00 ? 11 ALA A HA   5  
ATOM 992  H HB1  . ALA A 1 11 ? 1.938  3.568  -5.328 1.00 0.00 ? 11 ALA A HB1  5  
ATOM 993  H HB2  . ALA A 1 11 ? 1.729  5.319  -5.364 1.00 0.00 ? 11 ALA A HB2  5  
ATOM 994  H HB3  . ALA A 1 11 ? 3.326  4.627  -5.077 1.00 0.00 ? 11 ALA A HB3  5  
ATOM 995  N N    . CYS A 1 12 ? 0.046  3.839  -2.128 1.00 0.00 ? 12 CYS A N    5  
ATOM 996  C CA   . CYS A 1 12 ? -1.409 3.833  -1.801 1.00 0.00 ? 12 CYS A CA   5  
ATOM 997  C C    . CYS A 1 12 ? -2.237 3.637  -3.075 1.00 0.00 ? 12 CYS A C    5  
ATOM 998  O O    . CYS A 1 12 ? -3.302 4.200  -3.228 1.00 0.00 ? 12 CYS A O    5  
ATOM 999  C CB   . CYS A 1 12 ? -1.682 5.206  -1.190 1.00 0.00 ? 12 CYS A CB   5  
ATOM 1000 S SG   . CYS A 1 12 ? -1.440 5.124  0.603  1.00 0.00 ? 12 CYS A SG   5  
ATOM 1001 H H    . CYS A 1 12 ? 0.672  3.311  -1.590 1.00 0.00 ? 12 CYS A H    5  
ATOM 1002 H HA   . CYS A 1 12 ? -1.632 3.060  -1.084 1.00 0.00 ? 12 CYS A HA   5  
ATOM 1003 H HB2  . CYS A 1 12 ? -1.002 5.931  -1.611 1.00 0.00 ? 12 CYS A HB2  5  
ATOM 1004 H HB3  . CYS A 1 12 ? -2.699 5.500  -1.401 1.00 0.00 ? 12 CYS A HB3  5  
ATOM 1005 N N    . THR A 1 13 ? -1.754 2.840  -3.988 1.00 0.00 ? 13 THR A N    5  
ATOM 1006 C CA   . THR A 1 13 ? -2.513 2.603  -5.249 1.00 0.00 ? 13 THR A CA   5  
ATOM 1007 C C    . THR A 1 13 ? -2.222 1.199  -5.782 1.00 0.00 ? 13 THR A C    5  
ATOM 1008 O O    . THR A 1 13 ? -1.137 0.916  -6.252 1.00 0.00 ? 13 THR A O    5  
ATOM 1009 C CB   . THR A 1 13 ? -2.003 3.665  -6.226 1.00 0.00 ? 13 THR A CB   5  
ATOM 1010 O OG1  . THR A 1 13 ? -0.595 3.794  -6.088 1.00 0.00 ? 13 THR A OG1  5  
ATOM 1011 C CG2  . THR A 1 13 ? -2.671 5.006  -5.922 1.00 0.00 ? 13 THR A CG2  5  
ATOM 1012 H H    . THR A 1 13 ? -0.893 2.394  -3.844 1.00 0.00 ? 13 THR A H    5  
ATOM 1013 H HA   . THR A 1 13 ? -3.571 2.733  -5.084 1.00 0.00 ? 13 THR A HA   5  
ATOM 1014 H HB   . THR A 1 13 ? -2.241 3.370  -7.236 1.00 0.00 ? 13 THR A HB   5  
ATOM 1015 H HG1  . THR A 1 13 ? -0.223 3.938  -6.962 1.00 0.00 ? 13 THR A HG1  5  
ATOM 1016 H HG21 . THR A 1 13 ? -3.739 4.865  -5.841 1.00 0.00 ? 13 THR A HG21 5  
ATOM 1017 H HG22 . THR A 1 13 ? -2.289 5.398  -4.991 1.00 0.00 ? 13 THR A HG22 5  
ATOM 1018 H HG23 . THR A 1 13 ? -2.459 5.703  -6.719 1.00 0.00 ? 13 THR A HG23 5  
ATOM 1019 N N    . GLY A 1 14 ? -3.179 0.316  -5.710 1.00 0.00 ? 14 GLY A N    5  
ATOM 1020 C CA   . GLY A 1 14 ? -2.953 -1.068 -6.209 1.00 0.00 ? 14 GLY A CA   5  
ATOM 1021 C C    . GLY A 1 14 ? -2.445 -1.942 -5.061 1.00 0.00 ? 14 GLY A C    5  
ATOM 1022 O O    . GLY A 1 14 ? -1.600 -2.794 -5.243 1.00 0.00 ? 14 GLY A O    5  
ATOM 1023 H H    . GLY A 1 14 ? -4.046 0.565  -5.326 1.00 0.00 ? 14 GLY A H    5  
ATOM 1024 H HA2  . GLY A 1 14 ? -3.882 -1.472 -6.586 1.00 0.00 ? 14 GLY A HA2  5  
ATOM 1025 H HA3  . GLY A 1 14 ? -2.220 -1.052 -7.002 1.00 0.00 ? 14 GLY A HA3  5  
ATOM 1026 N N    . CYS A 1 15 ? -2.956 -1.735 -3.878 1.00 0.00 ? 15 CYS A N    5  
ATOM 1027 C CA   . CYS A 1 15 ? -2.504 -2.553 -2.719 1.00 0.00 ? 15 CYS A CA   5  
ATOM 1028 C C    . CYS A 1 15 ? -3.487 -3.695 -2.467 1.00 0.00 ? 15 CYS A C    5  
ATOM 1029 O O    . CYS A 1 15 ? -4.463 -3.547 -1.757 1.00 0.00 ? 15 CYS A O    5  
ATOM 1030 C CB   . CYS A 1 15 ? -2.488 -1.593 -1.532 1.00 0.00 ? 15 CYS A CB   5  
ATOM 1031 S SG   . CYS A 1 15 ? -1.034 -0.521 -1.642 1.00 0.00 ? 15 CYS A SG   5  
ATOM 1032 H H    . CYS A 1 15 ? -3.637 -1.044 -3.752 1.00 0.00 ? 15 CYS A H    5  
ATOM 1033 H HA   . CYS A 1 15 ? -1.513 -2.940 -2.893 1.00 0.00 ? 15 CYS A HA   5  
ATOM 1034 H HB2  . CYS A 1 15 ? -3.383 -0.991 -1.542 1.00 0.00 ? 15 CYS A HB2  5  
ATOM 1035 H HB3  . CYS A 1 15 ? -2.447 -2.164 -0.617 1.00 0.00 ? 15 CYS A HB3  5  
ATOM 1036 N N    . LEU A 1 16 ? -3.236 -4.829 -3.047 1.00 0.00 ? 16 LEU A N    5  
ATOM 1037 C CA   . LEU A 1 16 ? -4.150 -5.992 -2.853 1.00 0.00 ? 16 LEU A CA   5  
ATOM 1038 C C    . LEU A 1 16 ? -3.950 -6.594 -1.459 1.00 0.00 ? 16 LEU A C    5  
ATOM 1039 O O    . LEU A 1 16 ? -2.834 -6.979 -1.157 1.00 0.00 ? 16 LEU A O    5  
ATOM 1040 C CB   . LEU A 1 16 ? -3.750 -6.996 -3.934 1.00 0.00 ? 16 LEU A CB   5  
ATOM 1041 C CG   . LEU A 1 16 ? -4.977 -7.367 -4.766 1.00 0.00 ? 16 LEU A CG   5  
ATOM 1042 C CD1  . LEU A 1 16 ? -5.500 -6.124 -5.489 1.00 0.00 ? 16 LEU A CD1  5  
ATOM 1043 C CD2  . LEU A 1 16 ? -4.593 -8.433 -5.795 1.00 0.00 ? 16 LEU A CD2  5  
ATOM 1044 O OXT  . LEU A 1 16 ? -4.919 -6.660 -0.720 1.00 0.00 ? 16 LEU A OXT  5  
ATOM 1045 H H    . LEU A 1 16 ? -2.443 -4.918 -3.614 1.00 0.00 ? 16 LEU A H    5  
ATOM 1046 H HA   . LEU A 1 16 ? -5.177 -5.692 -2.991 1.00 0.00 ? 16 LEU A HA   5  
ATOM 1047 H HB2  . LEU A 1 16 ? -3.001 -6.555 -4.575 1.00 0.00 ? 16 LEU A HB2  5  
ATOM 1048 H HB3  . LEU A 1 16 ? -3.347 -7.884 -3.469 1.00 0.00 ? 16 LEU A HB3  5  
ATOM 1049 H HG   . LEU A 1 16 ? -5.748 -7.756 -4.117 1.00 0.00 ? 16 LEU A HG   5  
ATOM 1050 H HD11 . LEU A 1 16 ? -4.672 -5.473 -5.730 1.00 0.00 ? 16 LEU A HD11 5  
ATOM 1051 H HD12 . LEU A 1 16 ? -6.001 -6.421 -6.399 1.00 0.00 ? 16 LEU A HD12 5  
ATOM 1052 H HD13 . LEU A 1 16 ? -6.195 -5.601 -4.850 1.00 0.00 ? 16 LEU A HD13 5  
ATOM 1053 H HD21 . LEU A 1 16 ? -4.022 -9.212 -5.310 1.00 0.00 ? 16 LEU A HD21 5  
ATOM 1054 H HD22 . LEU A 1 16 ? -5.487 -8.857 -6.226 1.00 0.00 ? 16 LEU A HD22 5  
ATOM 1055 H HD23 . LEU A 1 16 ? -3.997 -7.982 -6.573 1.00 0.00 ? 16 LEU A HD23 5  
ATOM 1056 N N    . ASN A 1 1  ? -3.354 -1.215 11.427 1.00 0.00 ? 1  ASN A N    6  
ATOM 1057 C CA   . ASN A 1 1  ? -3.490 0.160  10.863 1.00 0.00 ? 1  ASN A CA   6  
ATOM 1058 C C    . ASN A 1 1  ? -4.168 0.103  9.493  1.00 0.00 ? 1  ASN A C    6  
ATOM 1059 O O    . ASN A 1 1  ? -4.625 -0.934 9.056  1.00 0.00 ? 1  ASN A O    6  
ATOM 1060 C CB   . ASN A 1 1  ? -2.059 0.683  10.730 1.00 0.00 ? 1  ASN A CB   6  
ATOM 1061 C CG   . ASN A 1 1  ? -1.389 0.699  12.105 1.00 0.00 ? 1  ASN A CG   6  
ATOM 1062 O OD1  . ASN A 1 1  ? -1.788 1.444  12.979 1.00 0.00 ? 1  ASN A OD1  6  
ATOM 1063 N ND2  . ASN A 1 1  ? -0.382 -0.097 12.337 1.00 0.00 ? 1  ASN A ND2  6  
ATOM 1064 H H1   . ASN A 1 1  ? -4.041 -1.847 10.972 1.00 0.00 ? 1  ASN A H1   6  
ATOM 1065 H H2   . ASN A 1 1  ? -2.389 -1.566 11.256 1.00 0.00 ? 1  ASN A H2   6  
ATOM 1066 H H3   . ASN A 1 1  ? -3.536 -1.190 12.450 1.00 0.00 ? 1  ASN A H3   6  
ATOM 1067 H HA   . ASN A 1 1  ? -4.051 0.791  11.536 1.00 0.00 ? 1  ASN A HA   6  
ATOM 1068 H HB2  . ASN A 1 1  ? -1.502 0.039  10.066 1.00 0.00 ? 1  ASN A HB2  6  
ATOM 1069 H HB3  . ASN A 1 1  ? -2.079 1.685  10.327 1.00 0.00 ? 1  ASN A HB3  6  
ATOM 1070 H HD21 . ASN A 1 1  ? -0.059 -0.696 11.631 1.00 0.00 ? 1  ASN A HD21 6  
ATOM 1071 H HD22 . ASN A 1 1  ? 0.053  -0.094 13.214 1.00 0.00 ? 1  ASN A HD22 6  
ATOM 1072 N N    . ASP A 1 2  ? -4.237 1.213  8.808  1.00 0.00 ? 2  ASP A N    6  
ATOM 1073 C CA   . ASP A 1 2  ? -4.883 1.223  7.464  1.00 0.00 ? 2  ASP A CA   6  
ATOM 1074 C C    . ASP A 1 2  ? -4.018 2.002  6.471  1.00 0.00 ? 2  ASP A C    6  
ATOM 1075 O O    . ASP A 1 2  ? -4.504 2.823  5.719  1.00 0.00 ? 2  ASP A O    6  
ATOM 1076 C CB   . ASP A 1 2  ? -6.225 1.926  7.675  1.00 0.00 ? 2  ASP A CB   6  
ATOM 1077 C CG   . ASP A 1 2  ? -7.307 0.885  7.970  1.00 0.00 ? 2  ASP A CG   6  
ATOM 1078 O OD1  . ASP A 1 2  ? -7.251 0.286  9.031  1.00 0.00 ? 2  ASP A OD1  6  
ATOM 1079 O OD2  . ASP A 1 2  ? -8.172 0.705  7.129  1.00 0.00 ? 2  ASP A OD2  6  
ATOM 1080 H H    . ASP A 1 2  ? -3.861 2.040  9.177  1.00 0.00 ? 2  ASP A H    6  
ATOM 1081 H HA   . ASP A 1 2  ? -5.044 0.216  7.116  1.00 0.00 ? 2  ASP A HA   6  
ATOM 1082 H HB2  . ASP A 1 2  ? -6.146 2.610  8.507  1.00 0.00 ? 2  ASP A HB2  6  
ATOM 1083 H HB3  . ASP A 1 2  ? -6.486 2.475  6.782  1.00 0.00 ? 2  ASP A HB3  6  
ATOM 1084 N N    . ASP A 1 3  ? -2.736 1.752  6.464  1.00 0.00 ? 3  ASP A N    6  
ATOM 1085 C CA   . ASP A 1 3  ? -1.840 2.478  5.519  1.00 0.00 ? 3  ASP A CA   6  
ATOM 1086 C C    . ASP A 1 3  ? -1.434 1.563  4.363  1.00 0.00 ? 3  ASP A C    6  
ATOM 1087 O O    . ASP A 1 3  ? -1.774 0.396  4.332  1.00 0.00 ? 3  ASP A O    6  
ATOM 1088 C CB   . ASP A 1 3  ? -0.615 2.862  6.351  1.00 0.00 ? 3  ASP A CB   6  
ATOM 1089 C CG   . ASP A 1 3  ? -1.023 3.870  7.426  1.00 0.00 ? 3  ASP A CG   6  
ATOM 1090 O OD1  . ASP A 1 3  ? -2.171 4.280  7.420  1.00 0.00 ? 3  ASP A OD1  6  
ATOM 1091 O OD2  . ASP A 1 3  ? -0.180 4.213  8.238  1.00 0.00 ? 3  ASP A OD2  6  
ATOM 1092 H H    . ASP A 1 3  ? -2.363 1.087  7.079  1.00 0.00 ? 3  ASP A H    6  
ATOM 1093 H HA   . ASP A 1 3  ? -2.324 3.367  5.147  1.00 0.00 ? 3  ASP A HA   6  
ATOM 1094 H HB2  . ASP A 1 3  ? -0.209 1.978  6.820  1.00 0.00 ? 3  ASP A HB2  6  
ATOM 1095 H HB3  . ASP A 1 3  ? 0.132  3.303  5.708  1.00 0.00 ? 3  ASP A HB3  6  
ATOM 1096 N N    . CYS A 1 4  ? -0.708 2.084  3.411  1.00 0.00 ? 4  CYS A N    6  
ATOM 1097 C CA   . CYS A 1 4  ? -0.278 1.245  2.256  1.00 0.00 ? 4  CYS A CA   6  
ATOM 1098 C C    . CYS A 1 4  ? 1.246  1.094  2.255  1.00 0.00 ? 4  CYS A C    6  
ATOM 1099 O O    . CYS A 1 4  ? 1.891  1.206  1.231  1.00 0.00 ? 4  CYS A O    6  
ATOM 1100 C CB   . CYS A 1 4  ? -0.746 2.012  1.019  1.00 0.00 ? 4  CYS A CB   6  
ATOM 1101 S SG   . CYS A 1 4  ? 0.126  3.597  0.924  1.00 0.00 ? 4  CYS A SG   6  
ATOM 1102 H H    . CYS A 1 4  ? -0.445 3.026  3.457  1.00 0.00 ? 4  CYS A H    6  
ATOM 1103 H HA   . CYS A 1 4  ? -0.753 0.279  2.292  1.00 0.00 ? 4  CYS A HA   6  
ATOM 1104 H HB2  . CYS A 1 4  ? -0.534 1.430  0.133  1.00 0.00 ? 4  CYS A HB2  6  
ATOM 1105 H HB3  . CYS A 1 4  ? -1.809 2.189  1.086  1.00 0.00 ? 4  CYS A HB3  6  
ATOM 1106 N N    . GLU A 1 5  ? 1.824  0.844  3.398  1.00 0.00 ? 5  GLU A N    6  
ATOM 1107 C CA   . GLU A 1 5  ? 3.307  0.687  3.468  1.00 0.00 ? 5  GLU A CA   6  
ATOM 1108 C C    . GLU A 1 5  ? 3.683  -0.792 3.505  1.00 0.00 ? 5  GLU A C    6  
ATOM 1109 O O    . GLU A 1 5  ? 4.776  -1.161 3.882  1.00 0.00 ? 5  GLU A O    6  
ATOM 1110 C CB   . GLU A 1 5  ? 3.711  1.372  4.770  1.00 0.00 ? 5  GLU A CB   6  
ATOM 1111 C CG   . GLU A 1 5  ? 3.024  2.737  4.859  1.00 0.00 ? 5  GLU A CG   6  
ATOM 1112 C CD   . GLU A 1 5  ? 3.807  3.641  5.812  1.00 0.00 ? 5  GLU A CD   6  
ATOM 1113 O OE1  . GLU A 1 5  ? 4.455  3.112  6.700  1.00 0.00 ? 5  GLU A OE1  6  
ATOM 1114 O OE2  . GLU A 1 5  ? 3.744  4.847  5.638  1.00 0.00 ? 5  GLU A OE2  6  
ATOM 1115 H H    . GLU A 1 5  ? 1.283  0.761  4.211  1.00 0.00 ? 5  GLU A H    6  
ATOM 1116 H HA   . GLU A 1 5  ? 3.775  1.171  2.631  1.00 0.00 ? 5  GLU A HA   6  
ATOM 1117 H HB2  . GLU A 1 5  ? 3.405  0.759  5.603  1.00 0.00 ? 5  GLU A HB2  6  
ATOM 1118 H HB3  . GLU A 1 5  ? 4.782  1.504  4.790  1.00 0.00 ? 5  GLU A HB3  6  
ATOM 1119 H HG2  . GLU A 1 5  ? 2.994  3.188  3.877  1.00 0.00 ? 5  GLU A HG2  6  
ATOM 1120 H HG3  . GLU A 1 5  ? 2.018  2.611  5.227  1.00 0.00 ? 5  GLU A HG3  6  
ATOM 1121 N N    . LEU A 1 6  ? 2.781  -1.637 3.114  1.00 0.00 ? 6  LEU A N    6  
ATOM 1122 C CA   . LEU A 1 6  ? 3.067  -3.102 3.120  1.00 0.00 ? 6  LEU A CA   6  
ATOM 1123 C C    . LEU A 1 6  ? 2.088  -3.836 2.201  1.00 0.00 ? 6  LEU A C    6  
ATOM 1124 O O    . LEU A 1 6  ? 1.303  -4.653 2.639  1.00 0.00 ? 6  LEU A O    6  
ATOM 1125 C CB   . LEU A 1 6  ? 2.875  -3.547 4.573  1.00 0.00 ? 6  LEU A CB   6  
ATOM 1126 C CG   . LEU A 1 6  ? 1.651  -2.851 5.174  1.00 0.00 ? 6  LEU A CG   6  
ATOM 1127 C CD1  . LEU A 1 6  ? 0.926  -3.816 6.115  1.00 0.00 ? 6  LEU A CD1  6  
ATOM 1128 C CD2  . LEU A 1 6  ? 2.100  -1.618 5.961  1.00 0.00 ? 6  LEU A CD2  6  
ATOM 1129 H H    . LEU A 1 6  ? 1.911  -1.307 2.816  1.00 0.00 ? 6  LEU A H    6  
ATOM 1130 H HA   . LEU A 1 6  ? 4.083  -3.287 2.810  1.00 0.00 ? 6  LEU A HA   6  
ATOM 1131 H HB2  . LEU A 1 6  ? 2.731  -4.615 4.605  1.00 0.00 ? 6  LEU A HB2  6  
ATOM 1132 H HB3  . LEU A 1 6  ? 3.753  -3.286 5.147  1.00 0.00 ? 6  LEU A HB3  6  
ATOM 1133 H HG   . LEU A 1 6  ? 0.981  -2.549 4.383  1.00 0.00 ? 6  LEU A HG   6  
ATOM 1134 H HD11 . LEU A 1 6  ? 1.651  -4.411 6.649  1.00 0.00 ? 6  LEU A HD11 6  
ATOM 1135 H HD12 . LEU A 1 6  ? 0.330  -3.254 6.820  1.00 0.00 ? 6  LEU A HD12 6  
ATOM 1136 H HD13 . LEU A 1 6  ? 0.283  -4.465 5.538  1.00 0.00 ? 6  LEU A HD13 6  
ATOM 1137 H HD21 . LEU A 1 6  ? 3.114  -1.759 6.303  1.00 0.00 ? 6  LEU A HD21 6  
ATOM 1138 H HD22 . LEU A 1 6  ? 2.054  -0.747 5.324  1.00 0.00 ? 6  LEU A HD22 6  
ATOM 1139 H HD23 . LEU A 1 6  ? 1.449  -1.476 6.812  1.00 0.00 ? 6  LEU A HD23 6  
ATOM 1140 N N    . CYS A 1 7  ? 2.130  -3.550 0.929  1.00 0.00 ? 7  CYS A N    6  
ATOM 1141 C CA   . CYS A 1 7  ? 1.204  -4.230 -0.023 1.00 0.00 ? 7  CYS A CA   6  
ATOM 1142 C C    . CYS A 1 7  ? 1.757  -4.145 -1.448 1.00 0.00 ? 7  CYS A C    6  
ATOM 1143 O O    . CYS A 1 7  ? 2.793  -3.558 -1.683 1.00 0.00 ? 7  CYS A O    6  
ATOM 1144 C CB   . CYS A 1 7  ? -0.122 -3.472 0.088  1.00 0.00 ? 7  CYS A CB   6  
ATOM 1145 S SG   . CYS A 1 7  ? 0.186  -1.686 0.092  1.00 0.00 ? 7  CYS A SG   6  
ATOM 1146 H H    . CYS A 1 7  ? 2.772  -2.888 0.597  1.00 0.00 ? 7  CYS A H    6  
ATOM 1147 H HA   . CYS A 1 7  ? 1.062  -5.261 0.263  1.00 0.00 ? 7  CYS A HA   6  
ATOM 1148 H HB2  . CYS A 1 7  ? -0.749 -3.724 -0.755 1.00 0.00 ? 7  CYS A HB2  6  
ATOM 1149 H HB3  . CYS A 1 7  ? -0.621 -3.751 1.002  1.00 0.00 ? 7  CYS A HB3  6  
ATOM 1150 N N    . VAL A 1 8  ? 1.073  -4.730 -2.396 1.00 0.00 ? 8  VAL A N    6  
ATOM 1151 C CA   . VAL A 1 8  ? 1.549  -4.690 -3.807 1.00 0.00 ? 8  VAL A CA   6  
ATOM 1152 C C    . VAL A 1 8  ? 2.067  -3.295 -4.148 1.00 0.00 ? 8  VAL A C    6  
ATOM 1153 O O    . VAL A 1 8  ? 1.326  -2.424 -4.558 1.00 0.00 ? 8  VAL A O    6  
ATOM 1154 C CB   . VAL A 1 8  ? 0.323  -5.034 -4.654 1.00 0.00 ? 8  VAL A CB   6  
ATOM 1155 C CG1  . VAL A 1 8  ? 0.681  -4.921 -6.138 1.00 0.00 ? 8  VAL A CG1  6  
ATOM 1156 C CG2  . VAL A 1 8  ? -0.123 -6.464 -4.344 1.00 0.00 ? 8  VAL A CG2  6  
ATOM 1157 H H    . VAL A 1 8  ? 0.249  -5.196 -2.180 1.00 0.00 ? 8  VAL A H    6  
ATOM 1158 H HA   . VAL A 1 8  ? 2.321  -5.426 -3.963 1.00 0.00 ? 8  VAL A HA   6  
ATOM 1159 H HB   . VAL A 1 8  ? -0.478 -4.349 -4.424 1.00 0.00 ? 8  VAL A HB   6  
ATOM 1160 H HG11 . VAL A 1 8  ? 1.083  -3.938 -6.337 1.00 0.00 ? 8  VAL A HG11 6  
ATOM 1161 H HG12 . VAL A 1 8  ? 1.417  -5.670 -6.390 1.00 0.00 ? 8  VAL A HG12 6  
ATOM 1162 H HG13 . VAL A 1 8  ? -0.206 -5.074 -6.735 1.00 0.00 ? 8  VAL A HG13 6  
ATOM 1163 H HG21 . VAL A 1 8  ? 0.678  -6.992 -3.849 1.00 0.00 ? 8  VAL A HG21 6  
ATOM 1164 H HG22 . VAL A 1 8  ? -0.990 -6.438 -3.701 1.00 0.00 ? 8  VAL A HG22 6  
ATOM 1165 H HG23 . VAL A 1 8  ? -0.373 -6.970 -5.265 1.00 0.00 ? 8  VAL A HG23 6  
ATOM 1166 N N    . ASN A 1 9  ? 3.336  -3.084 -3.970 1.00 0.00 ? 9  ASN A N    6  
ATOM 1167 C CA   . ASN A 1 9  ? 3.937  -1.747 -4.269 1.00 0.00 ? 9  ASN A CA   6  
ATOM 1168 C C    . ASN A 1 9  ? 3.520  -0.741 -3.187 1.00 0.00 ? 9  ASN A C    6  
ATOM 1169 O O    . ASN A 1 9  ? 2.536  -0.926 -2.498 1.00 0.00 ? 9  ASN A O    6  
ATOM 1170 C CB   . ASN A 1 9  ? 3.402  -1.365 -5.668 1.00 0.00 ? 9  ASN A CB   6  
ATOM 1171 C CG   . ASN A 1 9  ? 2.578  -0.070 -5.618 1.00 0.00 ? 9  ASN A CG   6  
ATOM 1172 O OD1  . ASN A 1 9  ? 3.115  1.010  -5.757 1.00 0.00 ? 9  ASN A OD1  6  
ATOM 1173 N ND2  . ASN A 1 9  ? 1.289  -0.138 -5.422 1.00 0.00 ? 9  ASN A ND2  6  
ATOM 1174 H H    . ASN A 1 9  ? 3.900  -3.808 -3.628 1.00 0.00 ? 9  ASN A H    6  
ATOM 1175 H HA   . ASN A 1 9  ? 5.012  -1.828 -4.301 1.00 0.00 ? 9  ASN A HA   6  
ATOM 1176 H HB2  . ASN A 1 9  ? 4.237  -1.224 -6.338 1.00 0.00 ? 9  ASN A HB2  6  
ATOM 1177 H HB3  . ASN A 1 9  ? 2.782  -2.164 -6.045 1.00 0.00 ? 9  ASN A HB3  6  
ATOM 1178 H HD21 . ASN A 1 9  ? 0.856  -1.009 -5.311 1.00 0.00 ? 9  ASN A HD21 6  
ATOM 1179 H HD22 . ASN A 1 9  ? 0.756  0.685  -5.386 1.00 0.00 ? 9  ASN A HD22 6  
ATOM 1180 N N    . VAL A 1 10 ? 4.266  0.320  -3.029 1.00 0.00 ? 10 VAL A N    6  
ATOM 1181 C CA   . VAL A 1 10 ? 3.911  1.328  -1.989 1.00 0.00 ? 10 VAL A CA   6  
ATOM 1182 C C    . VAL A 1 10 ? 3.459  2.636  -2.644 1.00 0.00 ? 10 VAL A C    6  
ATOM 1183 O O    . VAL A 1 10 ? 4.184  3.611  -2.673 1.00 0.00 ? 10 VAL A O    6  
ATOM 1184 C CB   . VAL A 1 10 ? 5.201  1.547  -1.195 1.00 0.00 ? 10 VAL A CB   6  
ATOM 1185 C CG1  . VAL A 1 10 ? 6.294  2.064  -2.130 1.00 0.00 ? 10 VAL A CG1  6  
ATOM 1186 C CG2  . VAL A 1 10 ? 4.950  2.573  -0.089 1.00 0.00 ? 10 VAL A CG2  6  
ATOM 1187 H H    . VAL A 1 10 ? 5.058  0.451  -3.591 1.00 0.00 ? 10 VAL A H    6  
ATOM 1188 H HA   . VAL A 1 10 ? 3.141  0.945  -1.340 1.00 0.00 ? 10 VAL A HA   6  
ATOM 1189 H HB   . VAL A 1 10 ? 5.515  0.612  -0.755 1.00 0.00 ? 10 VAL A HB   6  
ATOM 1190 H HG11 . VAL A 1 10 ? 5.849  2.384  -3.062 1.00 0.00 ? 10 VAL A HG11 6  
ATOM 1191 H HG12 . VAL A 1 10 ? 6.799  2.900  -1.667 1.00 0.00 ? 10 VAL A HG12 6  
ATOM 1192 H HG13 . VAL A 1 10 ? 7.006  1.275  -2.325 1.00 0.00 ? 10 VAL A HG13 6  
ATOM 1193 H HG21 . VAL A 1 10 ? 4.618  3.501  -0.527 1.00 0.00 ? 10 VAL A HG21 6  
ATOM 1194 H HG22 . VAL A 1 10 ? 4.190  2.200  0.584  1.00 0.00 ? 10 VAL A HG22 6  
ATOM 1195 H HG23 . VAL A 1 10 ? 5.864  2.740  0.462  1.00 0.00 ? 10 VAL A HG23 6  
ATOM 1196 N N    . ALA A 1 11 ? 2.262  2.666  -3.162 1.00 0.00 ? 11 ALA A N    6  
ATOM 1197 C CA   . ALA A 1 11 ? 1.759  3.914  -3.807 1.00 0.00 ? 11 ALA A CA   6  
ATOM 1198 C C    . ALA A 1 11 ? 0.312  4.172  -3.382 1.00 0.00 ? 11 ALA A C    6  
ATOM 1199 O O    . ALA A 1 11 ? -0.429 4.869  -4.045 1.00 0.00 ? 11 ALA A O    6  
ATOM 1200 C CB   . ALA A 1 11 ? 1.843  3.653  -5.310 1.00 0.00 ? 11 ALA A CB   6  
ATOM 1201 H H    . ALA A 1 11 ? 1.690  1.872  -3.124 1.00 0.00 ? 11 ALA A H    6  
ATOM 1202 H HA   . ALA A 1 11 ? 2.381  4.751  -3.539 1.00 0.00 ? 11 ALA A HA   6  
ATOM 1203 H HB1  . ALA A 1 11 ? 1.718  2.597  -5.500 1.00 0.00 ? 11 ALA A HB1  6  
ATOM 1204 H HB2  . ALA A 1 11 ? 1.063  4.204  -5.816 1.00 0.00 ? 11 ALA A HB2  6  
ATOM 1205 H HB3  . ALA A 1 11 ? 2.807  3.974  -5.678 1.00 0.00 ? 11 ALA A HB3  6  
ATOM 1206 N N    . CYS A 1 12 ? -0.085 3.610  -2.275 1.00 0.00 ? 12 CYS A N    6  
ATOM 1207 C CA   . CYS A 1 12 ? -1.480 3.807  -1.781 1.00 0.00 ? 12 CYS A CA   6  
ATOM 1208 C C    . CYS A 1 12 ? -2.477 3.784  -2.944 1.00 0.00 ? 12 CYS A C    6  
ATOM 1209 O O    . CYS A 1 12 ? -3.533 4.382  -2.881 1.00 0.00 ? 12 CYS A O    6  
ATOM 1210 C CB   . CYS A 1 12 ? -1.470 5.177  -1.107 1.00 0.00 ? 12 CYS A CB   6  
ATOM 1211 S SG   . CYS A 1 12 ? -1.346 4.962  0.688  1.00 0.00 ? 12 CYS A SG   6  
ATOM 1212 H H    . CYS A 1 12 ? 0.540  3.057  -1.763 1.00 0.00 ? 12 CYS A H    6  
ATOM 1213 H HA   . CYS A 1 12 ? -1.732 3.047  -1.058 1.00 0.00 ? 12 CYS A HA   6  
ATOM 1214 H HB2  . CYS A 1 12 ? -0.622 5.746  -1.460 1.00 0.00 ? 12 CYS A HB2  6  
ATOM 1215 H HB3  . CYS A 1 12 ? -2.382 5.704  -1.346 1.00 0.00 ? 12 CYS A HB3  6  
ATOM 1216 N N    . THR A 1 13 ? -2.153 3.093  -4.003 1.00 0.00 ? 13 THR A N    6  
ATOM 1217 C CA   . THR A 1 13 ? -3.088 3.028  -5.165 1.00 0.00 ? 13 THR A CA   6  
ATOM 1218 C C    . THR A 1 13 ? -2.767 1.806  -6.027 1.00 0.00 ? 13 THR A C    6  
ATOM 1219 O O    . THR A 1 13 ? -3.015 1.787  -7.217 1.00 0.00 ? 13 THR A O    6  
ATOM 1220 C CB   . THR A 1 13 ? -2.846 4.321  -5.947 1.00 0.00 ? 13 THR A CB   6  
ATOM 1221 O OG1  . THR A 1 13 ? -2.481 5.357  -5.043 1.00 0.00 ? 13 THR A OG1  6  
ATOM 1222 C CG2  . THR A 1 13 ? -4.123 4.717  -6.688 1.00 0.00 ? 13 THR A CG2  6  
ATOM 1223 H H    . THR A 1 13 ? -1.300 2.614  -4.035 1.00 0.00 ? 13 THR A H    6  
ATOM 1224 H HA   . THR A 1 13 ? -4.109 2.986  -4.823 1.00 0.00 ? 13 THR A HA   6  
ATOM 1225 H HB   . THR A 1 13 ? -2.053 4.169  -6.661 1.00 0.00 ? 13 THR A HB   6  
ATOM 1226 H HG1  . THR A 1 13 ? -3.243 5.556  -4.495 1.00 0.00 ? 13 THR A HG1  6  
ATOM 1227 H HG21 . THR A 1 13 ? -4.972 4.232  -6.228 1.00 0.00 ? 13 THR A HG21 6  
ATOM 1228 H HG22 . THR A 1 13 ? -4.251 5.789  -6.640 1.00 0.00 ? 13 THR A HG22 6  
ATOM 1229 H HG23 . THR A 1 13 ? -4.049 4.410  -7.721 1.00 0.00 ? 13 THR A HG23 6  
ATOM 1230 N N    . GLY A 1 14 ? -2.224 0.785  -5.428 1.00 0.00 ? 14 GLY A N    6  
ATOM 1231 C CA   . GLY A 1 14 ? -1.888 -0.445 -6.194 1.00 0.00 ? 14 GLY A CA   6  
ATOM 1232 C C    . GLY A 1 14 ? -1.698 -1.597 -5.209 1.00 0.00 ? 14 GLY A C    6  
ATOM 1233 O O    . GLY A 1 14 ? -0.924 -2.506 -5.438 1.00 0.00 ? 14 GLY A O    6  
ATOM 1234 H H    . GLY A 1 14 ? -2.040 0.827  -4.467 1.00 0.00 ? 14 GLY A H    6  
ATOM 1235 H HA2  . GLY A 1 14 ? -2.693 -0.679 -6.875 1.00 0.00 ? 14 GLY A HA2  6  
ATOM 1236 H HA3  . GLY A 1 14 ? -0.975 -0.288 -6.749 1.00 0.00 ? 14 GLY A HA3  6  
ATOM 1237 N N    . CYS A 1 15 ? -2.399 -1.562 -4.110 1.00 0.00 ? 15 CYS A N    6  
ATOM 1238 C CA   . CYS A 1 15 ? -2.260 -2.650 -3.102 1.00 0.00 ? 15 CYS A CA   6  
ATOM 1239 C C    . CYS A 1 15 ? -3.462 -3.592 -3.172 1.00 0.00 ? 15 CYS A C    6  
ATOM 1240 O O    . CYS A 1 15 ? -4.485 -3.364 -2.556 1.00 0.00 ? 15 CYS A O    6  
ATOM 1241 C CB   . CYS A 1 15 ? -2.210 -1.939 -1.753 1.00 0.00 ? 15 CYS A CB   6  
ATOM 1242 S SG   . CYS A 1 15 ? -0.657 -1.019 -1.620 1.00 0.00 ? 15 CYS A SG   6  
ATOM 1243 H H    . CYS A 1 15 ? -3.016 -0.818 -3.944 1.00 0.00 ? 15 CYS A H    6  
ATOM 1244 H HA   . CYS A 1 15 ? -1.346 -3.195 -3.262 1.00 0.00 ? 15 CYS A HA   6  
ATOM 1245 H HB2  . CYS A 1 15 ? -3.042 -1.254 -1.673 1.00 0.00 ? 15 CYS A HB2  6  
ATOM 1246 H HB3  . CYS A 1 15 ? -2.268 -2.669 -0.961 1.00 0.00 ? 15 CYS A HB3  6  
ATOM 1247 N N    . LEU A 1 16 ? -3.340 -4.648 -3.922 1.00 0.00 ? 16 LEU A N    6  
ATOM 1248 C CA   . LEU A 1 16 ? -4.466 -5.618 -4.046 1.00 0.00 ? 16 LEU A CA   6  
ATOM 1249 C C    . LEU A 1 16 ? -4.752 -6.274 -2.693 1.00 0.00 ? 16 LEU A C    6  
ATOM 1250 O O    . LEU A 1 16 ? -4.593 -5.604 -1.685 1.00 0.00 ? 16 LEU A O    6  
ATOM 1251 C CB   . LEU A 1 16 ? -3.979 -6.659 -5.055 1.00 0.00 ? 16 LEU A CB   6  
ATOM 1252 C CG   . LEU A 1 16 ? -5.031 -6.838 -6.151 1.00 0.00 ? 16 LEU A CG   6  
ATOM 1253 C CD1  . LEU A 1 16 ? -4.347 -6.822 -7.521 1.00 0.00 ? 16 LEU A CD1  6  
ATOM 1254 C CD2  . LEU A 1 16 ? -5.751 -8.174 -5.957 1.00 0.00 ? 16 LEU A CD2  6  
ATOM 1255 O OXT  . LEU A 1 16 ? -5.126 -7.436 -2.687 1.00 0.00 ? 16 LEU A OXT  6  
ATOM 1256 H H    . LEU A 1 16 ? -2.504 -4.803 -4.406 1.00 0.00 ? 16 LEU A H    6  
ATOM 1257 H HA   . LEU A 1 16 ? -5.349 -5.126 -4.421 1.00 0.00 ? 16 LEU A HA   6  
ATOM 1258 H HB2  . LEU A 1 16 ? -3.051 -6.326 -5.497 1.00 0.00 ? 16 LEU A HB2  6  
ATOM 1259 H HB3  . LEU A 1 16 ? -3.821 -7.602 -4.551 1.00 0.00 ? 16 LEU A HB3  6  
ATOM 1260 H HG   . LEU A 1 16 ? -5.748 -6.031 -6.098 1.00 0.00 ? 16 LEU A HG   6  
ATOM 1261 H HD11 . LEU A 1 16 ? -3.557 -7.557 -7.536 1.00 0.00 ? 16 LEU A HD11 6  
ATOM 1262 H HD12 . LEU A 1 16 ? -5.070 -7.053 -8.287 1.00 0.00 ? 16 LEU A HD12 6  
ATOM 1263 H HD13 . LEU A 1 16 ? -3.929 -5.843 -7.703 1.00 0.00 ? 16 LEU A HD13 6  
ATOM 1264 H HD21 . LEU A 1 16 ? -5.655 -8.487 -4.927 1.00 0.00 ? 16 LEU A HD21 6  
ATOM 1265 H HD22 . LEU A 1 16 ? -6.796 -8.059 -6.202 1.00 0.00 ? 16 LEU A HD22 6  
ATOM 1266 H HD23 . LEU A 1 16 ? -5.310 -8.918 -6.602 1.00 0.00 ? 16 LEU A HD23 6  
ATOM 1267 N N    . ASN A 1 1  ? 1.217  -0.290 11.747 1.00 0.00 ? 1  ASN A N    7  
ATOM 1268 C CA   . ASN A 1 1  ? 0.973  1.101  11.269 1.00 0.00 ? 1  ASN A CA   7  
ATOM 1269 C C    . ASN A 1 1  ? -0.452 1.231  10.722 1.00 0.00 ? 1  ASN A C    7  
ATOM 1270 O O    . ASN A 1 1  ? -1.172 0.260  10.604 1.00 0.00 ? 1  ASN A O    7  
ATOM 1271 C CB   . ASN A 1 1  ? 1.997  1.323  10.155 1.00 0.00 ? 1  ASN A CB   7  
ATOM 1272 C CG   . ASN A 1 1  ? 3.298  1.855  10.757 1.00 0.00 ? 1  ASN A CG   7  
ATOM 1273 O OD1  . ASN A 1 1  ? 3.820  1.290  11.699 1.00 0.00 ? 1  ASN A OD1  7  
ATOM 1274 N ND2  . ASN A 1 1  ? 3.847  2.924  10.252 1.00 0.00 ? 1  ASN A ND2  7  
ATOM 1275 H H1   . ASN A 1 1  ? 0.496  -0.547 12.450 1.00 0.00 ? 1  ASN A H1   7  
ATOM 1276 H H2   . ASN A 1 1  ? 1.163  -0.947 10.943 1.00 0.00 ? 1  ASN A H2   7  
ATOM 1277 H H3   . ASN A 1 1  ? 2.162  -0.346 12.179 1.00 0.00 ? 1  ASN A H3   7  
ATOM 1278 H HA   . ASN A 1 1  ? 1.136  1.808  12.067 1.00 0.00 ? 1  ASN A HA   7  
ATOM 1279 H HB2  . ASN A 1 1  ? 2.187  0.387  9.651  1.00 0.00 ? 1  ASN A HB2  7  
ATOM 1280 H HB3  . ASN A 1 1  ? 1.608  2.041  9.447  1.00 0.00 ? 1  ASN A HB3  7  
ATOM 1281 H HD21 . ASN A 1 1  ? 3.426  3.380  9.493  1.00 0.00 ? 1  ASN A HD21 7  
ATOM 1282 H HD22 . ASN A 1 1  ? 4.681  3.273  10.630 1.00 0.00 ? 1  ASN A HD22 7  
ATOM 1283 N N    . ASP A 1 2  ? -0.861 2.424  10.387 1.00 0.00 ? 2  ASP A N    7  
ATOM 1284 C CA   . ASP A 1 2  ? -2.238 2.616  9.849  1.00 0.00 ? 2  ASP A CA   7  
ATOM 1285 C C    . ASP A 1 2  ? -2.172 3.133  8.409  1.00 0.00 ? 2  ASP A C    7  
ATOM 1286 O O    . ASP A 1 2  ? -3.012 3.893  7.973  1.00 0.00 ? 2  ASP A O    7  
ATOM 1287 C CB   . ASP A 1 2  ? -2.879 3.659  10.764 1.00 0.00 ? 2  ASP A CB   7  
ATOM 1288 C CG   . ASP A 1 2  ? -1.930 4.849  10.922 1.00 0.00 ? 2  ASP A CG   7  
ATOM 1289 O OD1  . ASP A 1 2  ? -1.090 4.798  11.806 1.00 0.00 ? 2  ASP A OD1  7  
ATOM 1290 O OD2  . ASP A 1 2  ? -2.060 5.791  10.158 1.00 0.00 ? 2  ASP A OD2  7  
ATOM 1291 H H    . ASP A 1 2  ? -0.264 3.194  10.491 1.00 0.00 ? 2  ASP A H    7  
ATOM 1292 H HA   . ASP A 1 2  ? -2.795 1.694  9.895  1.00 0.00 ? 2  ASP A HA   7  
ATOM 1293 H HB2  . ASP A 1 2  ? -3.809 3.996  10.331 1.00 0.00 ? 2  ASP A HB2  7  
ATOM 1294 H HB3  . ASP A 1 2  ? -3.069 3.220  11.732 1.00 0.00 ? 2  ASP A HB3  7  
ATOM 1295 N N    . ASP A 1 3  ? -1.176 2.724  7.669  1.00 0.00 ? 3  ASP A N    7  
ATOM 1296 C CA   . ASP A 1 3  ? -1.053 3.191  6.259  1.00 0.00 ? 3  ASP A CA   7  
ATOM 1297 C C    . ASP A 1 3  ? -0.922 1.994  5.314  1.00 0.00 ? 3  ASP A C    7  
ATOM 1298 O O    . ASP A 1 3  ? -1.101 0.858  5.707  1.00 0.00 ? 3  ASP A O    7  
ATOM 1299 C CB   . ASP A 1 3  ? 0.220  4.037  6.231  1.00 0.00 ? 3  ASP A CB   7  
ATOM 1300 C CG   . ASP A 1 3  ? -0.151 5.510  6.054  1.00 0.00 ? 3  ASP A CG   7  
ATOM 1301 O OD1  . ASP A 1 3  ? -0.862 6.028  6.899  1.00 0.00 ? 3  ASP A OD1  7  
ATOM 1302 O OD2  . ASP A 1 3  ? 0.283  6.098  5.076  1.00 0.00 ? 3  ASP A OD2  7  
ATOM 1303 H H    . ASP A 1 3  ? -0.509 2.111  8.042  1.00 0.00 ? 3  ASP A H    7  
ATOM 1304 H HA   . ASP A 1 3  ? -1.904 3.796  5.987  1.00 0.00 ? 3  ASP A HA   7  
ATOM 1305 H HB2  . ASP A 1 3  ? 0.758  3.909  7.157  1.00 0.00 ? 3  ASP A HB2  7  
ATOM 1306 H HB3  . ASP A 1 3  ? 0.842  3.722  5.406  1.00 0.00 ? 3  ASP A HB3  7  
ATOM 1307 N N    . CYS A 1 4  ? -0.609 2.240  4.071  1.00 0.00 ? 4  CYS A N    7  
ATOM 1308 C CA   . CYS A 1 4  ? -0.465 1.117  3.101  1.00 0.00 ? 4  CYS A CA   7  
ATOM 1309 C C    . CYS A 1 4  ? 1.010  0.914  2.742  1.00 0.00 ? 4  CYS A C    7  
ATOM 1310 O O    . CYS A 1 4  ? 1.400  1.013  1.596  1.00 0.00 ? 4  CYS A O    7  
ATOM 1311 C CB   . CYS A 1 4  ? -1.260 1.554  1.870  1.00 0.00 ? 4  CYS A CB   7  
ATOM 1312 S SG   . CYS A 1 4  ? -0.449 2.980  1.103  1.00 0.00 ? 4  CYS A SG   7  
ATOM 1313 H H    . CYS A 1 4  ? -0.468 3.164  3.775  1.00 0.00 ? 4  CYS A H    7  
ATOM 1314 H HA   . CYS A 1 4  ? -0.884 0.211  3.508  1.00 0.00 ? 4  CYS A HA   7  
ATOM 1315 H HB2  . CYS A 1 4  ? -1.303 0.740  1.163  1.00 0.00 ? 4  CYS A HB2  7  
ATOM 1316 H HB3  . CYS A 1 4  ? -2.262 1.826  2.167  1.00 0.00 ? 4  CYS A HB3  7  
ATOM 1317 N N    . GLU A 1 5  ? 1.833  0.632  3.715  1.00 0.00 ? 5  GLU A N    7  
ATOM 1318 C CA   . GLU A 1 5  ? 3.282  0.425  3.427  1.00 0.00 ? 5  GLU A CA   7  
ATOM 1319 C C    . GLU A 1 5  ? 3.575  -1.065 3.265  1.00 0.00 ? 5  GLU A C    7  
ATOM 1320 O O    . GLU A 1 5  ? 4.704  -1.505 3.354  1.00 0.00 ? 5  GLU A O    7  
ATOM 1321 C CB   . GLU A 1 5  ? 4.012  0.989  4.642  1.00 0.00 ? 5  GLU A CB   7  
ATOM 1322 C CG   . GLU A 1 5  ? 5.377  1.533  4.215  1.00 0.00 ? 5  GLU A CG   7  
ATOM 1323 C CD   . GLU A 1 5  ? 5.323  3.061  4.162  1.00 0.00 ? 5  GLU A CD   7  
ATOM 1324 O OE1  . GLU A 1 5  ? 4.228  3.597  4.218  1.00 0.00 ? 5  GLU A OE1  7  
ATOM 1325 O OE2  . GLU A 1 5  ? 6.376  3.668  4.067  1.00 0.00 ? 5  GLU A OE2  7  
ATOM 1326 H H    . GLU A 1 5  ? 1.501  0.558  4.634  1.00 0.00 ? 5  GLU A H    7  
ATOM 1327 H HA   . GLU A 1 5  ? 3.566  0.960  2.539  1.00 0.00 ? 5  GLU A HA   7  
ATOM 1328 H HB2  . GLU A 1 5  ? 3.425  1.784  5.076  1.00 0.00 ? 5  GLU A HB2  7  
ATOM 1329 H HB3  . GLU A 1 5  ? 4.147  0.204  5.372  1.00 0.00 ? 5  GLU A HB3  7  
ATOM 1330 H HG2  . GLU A 1 5  ? 6.126  1.224  4.929  1.00 0.00 ? 5  GLU A HG2  7  
ATOM 1331 H HG3  . GLU A 1 5  ? 5.629  1.147  3.239  1.00 0.00 ? 5  GLU A HG3  7  
ATOM 1332 N N    . LEU A 1 6  ? 2.560  -1.841 3.030  1.00 0.00 ? 6  LEU A N    7  
ATOM 1333 C CA   . LEU A 1 6  ? 2.759  -3.309 2.861  1.00 0.00 ? 6  LEU A CA   7  
ATOM 1334 C C    . LEU A 1 6  ? 1.891  -3.833 1.712  1.00 0.00 ? 6  LEU A C    7  
ATOM 1335 O O    . LEU A 1 6  ? 1.660  -5.019 1.587  1.00 0.00 ? 6  LEU A O    7  
ATOM 1336 C CB   . LEU A 1 6  ? 2.321  -3.923 4.191  1.00 0.00 ? 6  LEU A CB   7  
ATOM 1337 C CG   . LEU A 1 6  ? 3.075  -3.246 5.337  1.00 0.00 ? 6  LEU A CG   7  
ATOM 1338 C CD1  . LEU A 1 6  ? 2.121  -2.324 6.099  1.00 0.00 ? 6  LEU A CD1  7  
ATOM 1339 C CD2  . LEU A 1 6  ? 3.623  -4.310 6.289  1.00 0.00 ? 6  LEU A CD2  7  
ATOM 1340 H H    . LEU A 1 6  ? 1.665  -1.454 2.965  1.00 0.00 ? 6  LEU A H    7  
ATOM 1341 H HA   . LEU A 1 6  ? 3.798  -3.530 2.677  1.00 0.00 ? 6  LEU A HA   7  
ATOM 1342 H HB2  . LEU A 1 6  ? 1.259  -3.777 4.321  1.00 0.00 ? 6  LEU A HB2  7  
ATOM 1343 H HB3  . LEU A 1 6  ? 2.541  -4.980 4.190  1.00 0.00 ? 6  LEU A HB3  7  
ATOM 1344 H HG   . LEU A 1 6  ? 3.894  -2.665 4.937  1.00 0.00 ? 6  LEU A HG   7  
ATOM 1345 H HD11 . LEU A 1 6  ? 1.193  -2.844 6.287  1.00 0.00 ? 6  LEU A HD11 7  
ATOM 1346 H HD12 . LEU A 1 6  ? 2.571  -2.039 7.038  1.00 0.00 ? 6  LEU A HD12 7  
ATOM 1347 H HD13 . LEU A 1 6  ? 1.926  -1.441 5.510  1.00 0.00 ? 6  LEU A HD13 7  
ATOM 1348 H HD21 . LEU A 1 6  ? 3.427  -5.292 5.883  1.00 0.00 ? 6  LEU A HD21 7  
ATOM 1349 H HD22 . LEU A 1 6  ? 4.687  -4.176 6.405  1.00 0.00 ? 6  LEU A HD22 7  
ATOM 1350 H HD23 . LEU A 1 6  ? 3.140  -4.217 7.251  1.00 0.00 ? 6  LEU A HD23 7  
ATOM 1351 N N    . CYS A 1 7  ? 1.408  -2.957 0.873  1.00 0.00 ? 7  CYS A N    7  
ATOM 1352 C CA   . CYS A 1 7  ? 0.556  -3.406 -0.266 1.00 0.00 ? 7  CYS A CA   7  
ATOM 1353 C C    . CYS A 1 7  ? 1.434  -3.895 -1.423 1.00 0.00 ? 7  CYS A C    7  
ATOM 1354 O O    . CYS A 1 7  ? 2.624  -4.088 -1.272 1.00 0.00 ? 7  CYS A O    7  
ATOM 1355 C CB   . CYS A 1 7  ? -0.239 -2.167 -0.676 1.00 0.00 ? 7  CYS A CB   7  
ATOM 1356 S SG   . CYS A 1 7  ? -1.780 -2.105 0.271  1.00 0.00 ? 7  CYS A SG   7  
ATOM 1357 H H    . CYS A 1 7  ? 1.606  -2.005 0.991  1.00 0.00 ? 7  CYS A H    7  
ATOM 1358 H HA   . CYS A 1 7  ? -0.117 -4.186 0.051  1.00 0.00 ? 7  CYS A HA   7  
ATOM 1359 H HB2  . CYS A 1 7  ? 0.344  -1.281 -0.473 1.00 0.00 ? 7  CYS A HB2  7  
ATOM 1360 H HB3  . CYS A 1 7  ? -0.466 -2.214 -1.731 1.00 0.00 ? 7  CYS A HB3  7  
ATOM 1361 N N    . VAL A 1 8  ? 0.856  -4.103 -2.575 1.00 0.00 ? 8  VAL A N    7  
ATOM 1362 C CA   . VAL A 1 8  ? 1.659  -4.586 -3.736 1.00 0.00 ? 8  VAL A CA   7  
ATOM 1363 C C    . VAL A 1 8  ? 2.288  -3.406 -4.485 1.00 0.00 ? 8  VAL A C    7  
ATOM 1364 O O    . VAL A 1 8  ? 2.451  -3.443 -5.689 1.00 0.00 ? 8  VAL A O    7  
ATOM 1365 C CB   . VAL A 1 8  ? 0.658  -5.318 -4.632 1.00 0.00 ? 8  VAL A CB   7  
ATOM 1366 C CG1  . VAL A 1 8  ? 1.394  -5.941 -5.820 1.00 0.00 ? 8  VAL A CG1  7  
ATOM 1367 C CG2  . VAL A 1 8  ? -0.033 -6.420 -3.825 1.00 0.00 ? 8  VAL A CG2  7  
ATOM 1368 H H    . VAL A 1 8  ? -0.105 -3.946 -2.676 1.00 0.00 ? 8  VAL A H    7  
ATOM 1369 H HA   . VAL A 1 8  ? 2.423  -5.271 -3.405 1.00 0.00 ? 8  VAL A HA   7  
ATOM 1370 H HB   . VAL A 1 8  ? -0.080 -4.618 -4.991 1.00 0.00 ? 8  VAL A HB   7  
ATOM 1371 H HG11 . VAL A 1 8  ? 2.447  -6.017 -5.592 1.00 0.00 ? 8  VAL A HG11 7  
ATOM 1372 H HG12 . VAL A 1 8  ? 0.995  -6.926 -6.014 1.00 0.00 ? 8  VAL A HG12 7  
ATOM 1373 H HG13 . VAL A 1 8  ? 1.258  -5.319 -6.692 1.00 0.00 ? 8  VAL A HG13 7  
ATOM 1374 H HG21 . VAL A 1 8  ? -0.251 -6.055 -2.831 1.00 0.00 ? 8  VAL A HG21 7  
ATOM 1375 H HG22 . VAL A 1 8  ? -0.954 -6.701 -4.315 1.00 0.00 ? 8  VAL A HG22 7  
ATOM 1376 H HG23 . VAL A 1 8  ? 0.617  -7.280 -3.759 1.00 0.00 ? 8  VAL A HG23 7  
ATOM 1377 N N    . ASN A 1 9  ? 2.646  -2.365 -3.785 1.00 0.00 ? 9  ASN A N    7  
ATOM 1378 C CA   . ASN A 1 9  ? 3.267  -1.191 -4.465 1.00 0.00 ? 9  ASN A CA   7  
ATOM 1379 C C    . ASN A 1 9  ? 3.835  -0.214 -3.430 1.00 0.00 ? 9  ASN A C    7  
ATOM 1380 O O    . ASN A 1 9  ? 4.076  -0.571 -2.293 1.00 0.00 ? 9  ASN A O    7  
ATOM 1381 C CB   . ASN A 1 9  ? 2.131  -0.543 -5.264 1.00 0.00 ? 9  ASN A CB   7  
ATOM 1382 C CG   . ASN A 1 9  ? 1.264  0.315  -4.340 1.00 0.00 ? 9  ASN A CG   7  
ATOM 1383 O OD1  . ASN A 1 9  ? 1.375  1.524  -4.335 1.00 0.00 ? 9  ASN A OD1  7  
ATOM 1384 N ND2  . ASN A 1 9  ? 0.396  -0.261 -3.555 1.00 0.00 ? 9  ASN A ND2  7  
ATOM 1385 H H    . ASN A 1 9  ? 2.510  -2.354 -2.816 1.00 0.00 ? 9  ASN A H    7  
ATOM 1386 H HA   . ASN A 1 9  ? 4.046  -1.517 -5.136 1.00 0.00 ? 9  ASN A HA   7  
ATOM 1387 H HB2  . ASN A 1 9  ? 2.550  0.079  -6.042 1.00 0.00 ? 9  ASN A HB2  7  
ATOM 1388 H HB3  . ASN A 1 9  ? 1.523  -1.314 -5.712 1.00 0.00 ? 9  ASN A HB3  7  
ATOM 1389 H HD21 . ASN A 1 9  ? 0.304  -1.236 -3.557 1.00 0.00 ? 9  ASN A HD21 7  
ATOM 1390 H HD22 . ASN A 1 9  ? -0.162 0.283  -2.960 1.00 0.00 ? 9  ASN A HD22 7  
ATOM 1391 N N    . VAL A 1 10 ? 4.046  1.014  -3.814 1.00 0.00 ? 10 VAL A N    7  
ATOM 1392 C CA   . VAL A 1 10 ? 4.596  2.013  -2.853 1.00 0.00 ? 10 VAL A CA   7  
ATOM 1393 C C    . VAL A 1 10 ? 3.910  3.369  -3.048 1.00 0.00 ? 10 VAL A C    7  
ATOM 1394 O O    . VAL A 1 10 ? 4.511  4.411  -2.869 1.00 0.00 ? 10 VAL A O    7  
ATOM 1395 C CB   . VAL A 1 10 ? 6.084  2.112  -3.187 1.00 0.00 ? 10 VAL A CB   7  
ATOM 1396 C CG1  . VAL A 1 10 ? 6.802  0.850  -2.704 1.00 0.00 ? 10 VAL A CG1  7  
ATOM 1397 C CG2  . VAL A 1 10 ? 6.261  2.251  -4.702 1.00 0.00 ? 10 VAL A CG2  7  
ATOM 1398 H H    . VAL A 1 10 ? 3.844  1.282  -4.736 1.00 0.00 ? 10 VAL A H    7  
ATOM 1399 H HA   . VAL A 1 10 ? 4.469  1.669  -1.839 1.00 0.00 ? 10 VAL A HA   7  
ATOM 1400 H HB   . VAL A 1 10 ? 6.507  2.976  -2.696 1.00 0.00 ? 10 VAL A HB   7  
ATOM 1401 H HG11 . VAL A 1 10 ? 6.594  0.697  -1.655 1.00 0.00 ? 10 VAL A HG11 7  
ATOM 1402 H HG12 . VAL A 1 10 ? 6.453  -0.002 -3.268 1.00 0.00 ? 10 VAL A HG12 7  
ATOM 1403 H HG13 . VAL A 1 10 ? 7.866  0.964  -2.847 1.00 0.00 ? 10 VAL A HG13 7  
ATOM 1404 H HG21 . VAL A 1 10 ? 5.304  2.459  -5.157 1.00 0.00 ? 10 VAL A HG21 7  
ATOM 1405 H HG22 . VAL A 1 10 ? 6.943  3.060  -4.911 1.00 0.00 ? 10 VAL A HG22 7  
ATOM 1406 H HG23 . VAL A 1 10 ? 6.658  1.331  -5.104 1.00 0.00 ? 10 VAL A HG23 7  
ATOM 1407 N N    . ALA A 1 11 ? 2.657  3.364  -3.413 1.00 0.00 ? 11 ALA A N    7  
ATOM 1408 C CA   . ALA A 1 11 ? 1.934  4.652  -3.619 1.00 0.00 ? 11 ALA A CA   7  
ATOM 1409 C C    . ALA A 1 11 ? 0.461  4.495  -3.234 1.00 0.00 ? 11 ALA A C    7  
ATOM 1410 O O    . ALA A 1 11 ? -0.399 5.201  -3.722 1.00 0.00 ? 11 ALA A O    7  
ATOM 1411 C CB   . ALA A 1 11 ? 2.072  4.948  -5.112 1.00 0.00 ? 11 ALA A CB   7  
ATOM 1412 H H    . ALA A 1 11 ? 2.192  2.513  -3.553 1.00 0.00 ? 11 ALA A H    7  
ATOM 1413 H HA   . ALA A 1 11 ? 2.394  5.438  -3.042 1.00 0.00 ? 11 ALA A HA   7  
ATOM 1414 H HB1  . ALA A 1 11 ? 2.921  4.411  -5.509 1.00 0.00 ? 11 ALA A HB1  7  
ATOM 1415 H HB2  . ALA A 1 11 ? 1.175  4.633  -5.624 1.00 0.00 ? 11 ALA A HB2  7  
ATOM 1416 H HB3  . ALA A 1 11 ? 2.218  6.009  -5.256 1.00 0.00 ? 11 ALA A HB3  7  
ATOM 1417 N N    . CYS A 1 12 ? 0.169  3.576  -2.360 1.00 0.00 ? 12 CYS A N    7  
ATOM 1418 C CA   . CYS A 1 12 ? -1.245 3.364  -1.932 1.00 0.00 ? 12 CYS A CA   7  
ATOM 1419 C C    . CYS A 1 12 ? -2.153 3.197  -3.153 1.00 0.00 ? 12 CYS A C    7  
ATOM 1420 O O    . CYS A 1 12 ? -3.352 3.378  -3.075 1.00 0.00 ? 12 CYS A O    7  
ATOM 1421 C CB   . CYS A 1 12 ? -1.618 4.627  -1.154 1.00 0.00 ? 12 CYS A CB   7  
ATOM 1422 S SG   . CYS A 1 12 ? -1.975 4.191  0.568  1.00 0.00 ? 12 CYS A SG   7  
ATOM 1423 H H    . CYS A 1 12 ? 0.883  3.022  -1.981 1.00 0.00 ? 12 CYS A H    7  
ATOM 1424 H HA   . CYS A 1 12 ? -1.319 2.501  -1.289 1.00 0.00 ? 12 CYS A HA   7  
ATOM 1425 H HB2  . CYS A 1 12 ? -0.796 5.325  -1.184 1.00 0.00 ? 12 CYS A HB2  7  
ATOM 1426 H HB3  . CYS A 1 12 ? -2.491 5.079  -1.599 1.00 0.00 ? 12 CYS A HB3  7  
ATOM 1427 N N    . THR A 1 13 ? -1.593 2.845  -4.278 1.00 0.00 ? 13 THR A N    7  
ATOM 1428 C CA   . THR A 1 13 ? -2.430 2.658  -5.499 1.00 0.00 ? 13 THR A CA   7  
ATOM 1429 C C    . THR A 1 13 ? -2.218 1.252  -6.060 1.00 0.00 ? 13 THR A C    7  
ATOM 1430 O O    . THR A 1 13 ? -2.402 1.002  -7.236 1.00 0.00 ? 13 THR A O    7  
ATOM 1431 C CB   . THR A 1 13 ? -1.936 3.715  -6.488 1.00 0.00 ? 13 THR A CB   7  
ATOM 1432 O OG1  . THR A 1 13 ? -2.141 5.007  -5.935 1.00 0.00 ? 13 THR A OG1  7  
ATOM 1433 C CG2  . THR A 1 13 ? -2.711 3.591  -7.799 1.00 0.00 ? 13 THR A CG2  7  
ATOM 1434 H H    . THR A 1 13 ? -0.626 2.699  -4.318 1.00 0.00 ? 13 THR A H    7  
ATOM 1435 H HA   . THR A 1 13 ? -3.470 2.818  -5.271 1.00 0.00 ? 13 THR A HA   7  
ATOM 1436 H HB   . THR A 1 13 ? -0.885 3.566  -6.679 1.00 0.00 ? 13 THR A HB   7  
ATOM 1437 H HG1  . THR A 1 13 ? -3.060 5.073  -5.665 1.00 0.00 ? 13 THR A HG1  7  
ATOM 1438 H HG21 . THR A 1 13 ? -3.712 3.239  -7.594 1.00 0.00 ? 13 THR A HG21 7  
ATOM 1439 H HG22 . THR A 1 13 ? -2.762 4.556  -8.281 1.00 0.00 ? 13 THR A HG22 7  
ATOM 1440 H HG23 . THR A 1 13 ? -2.209 2.889  -8.449 1.00 0.00 ? 13 THR A HG23 7  
ATOM 1441 N N    . GLY A 1 14 ? -1.840 0.334  -5.219 1.00 0.00 ? 14 GLY A N    7  
ATOM 1442 C CA   . GLY A 1 14 ? -1.619 -1.064 -5.675 1.00 0.00 ? 14 GLY A CA   7  
ATOM 1443 C C    . GLY A 1 14 ? -1.889 -2.004 -4.502 1.00 0.00 ? 14 GLY A C    7  
ATOM 1444 O O    . GLY A 1 14 ? -1.136 -2.919 -4.234 1.00 0.00 ? 14 GLY A O    7  
ATOM 1445 H H    . GLY A 1 14 ? -1.706 0.567  -4.277 1.00 0.00 ? 14 GLY A H    7  
ATOM 1446 H HA2  . GLY A 1 14 ? -2.293 -1.293 -6.487 1.00 0.00 ? 14 GLY A HA2  7  
ATOM 1447 H HA3  . GLY A 1 14 ? -0.597 -1.180 -6.006 1.00 0.00 ? 14 GLY A HA3  7  
ATOM 1448 N N    . CYS A 1 15 ? -2.962 -1.774 -3.796 1.00 0.00 ? 15 CYS A N    7  
ATOM 1449 C CA   . CYS A 1 15 ? -3.290 -2.639 -2.632 1.00 0.00 ? 15 CYS A CA   7  
ATOM 1450 C C    . CYS A 1 15 ? -4.156 -3.817 -3.071 1.00 0.00 ? 15 CYS A C    7  
ATOM 1451 O O    . CYS A 1 15 ? -5.368 -3.740 -3.100 1.00 0.00 ? 15 CYS A O    7  
ATOM 1452 C CB   . CYS A 1 15 ? -4.064 -1.739 -1.675 1.00 0.00 ? 15 CYS A CB   7  
ATOM 1453 S SG   . CYS A 1 15 ? -2.905 -0.744 -0.704 1.00 0.00 ? 15 CYS A SG   7  
ATOM 1454 H H    . CYS A 1 15 ? -3.549 -1.028 -4.029 1.00 0.00 ? 15 CYS A H    7  
ATOM 1455 H HA   . CYS A 1 15 ? -2.388 -2.990 -2.156 1.00 0.00 ? 15 CYS A HA   7  
ATOM 1456 H HB2  . CYS A 1 15 ? -4.712 -1.086 -2.239 1.00 0.00 ? 15 CYS A HB2  7  
ATOM 1457 H HB3  . CYS A 1 15 ? -4.655 -2.352 -1.014 1.00 0.00 ? 15 CYS A HB3  7  
ATOM 1458 N N    . LEU A 1 16 ? -3.538 -4.907 -3.412 1.00 0.00 ? 16 LEU A N    7  
ATOM 1459 C CA   . LEU A 1 16 ? -4.308 -6.106 -3.852 1.00 0.00 ? 16 LEU A CA   7  
ATOM 1460 C C    . LEU A 1 16 ? -3.827 -7.349 -3.099 1.00 0.00 ? 16 LEU A C    7  
ATOM 1461 O O    . LEU A 1 16 ? -2.625 -7.553 -3.040 1.00 0.00 ? 16 LEU A O    7  
ATOM 1462 C CB   . LEU A 1 16 ? -4.018 -6.237 -5.347 1.00 0.00 ? 16 LEU A CB   7  
ATOM 1463 C CG   . LEU A 1 16 ? -5.240 -6.825 -6.055 1.00 0.00 ? 16 LEU A CG   7  
ATOM 1464 C CD1  . LEU A 1 16 ? -5.555 -8.204 -5.470 1.00 0.00 ? 16 LEU A CD1  7  
ATOM 1465 C CD2  . LEU A 1 16 ? -6.440 -5.899 -5.850 1.00 0.00 ? 16 LEU A CD2  7  
ATOM 1466 O OXT  . LEU A 1 16 ? -4.668 -8.076 -2.596 1.00 0.00 ? 16 LEU A OXT  7  
ATOM 1467 H H    . LEU A 1 16 ? -2.561 -4.935 -3.376 1.00 0.00 ? 16 LEU A H    7  
ATOM 1468 H HA   . LEU A 1 16 ? -5.364 -5.953 -3.694 1.00 0.00 ? 16 LEU A HA   7  
ATOM 1469 H HB2  . LEU A 1 16 ? -3.797 -5.262 -5.757 1.00 0.00 ? 16 LEU A HB2  7  
ATOM 1470 H HB3  . LEU A 1 16 ? -3.169 -6.889 -5.492 1.00 0.00 ? 16 LEU A HB3  7  
ATOM 1471 H HG   . LEU A 1 16 ? -5.035 -6.922 -7.109 1.00 0.00 ? 16 LEU A HG   7  
ATOM 1472 H HD11 . LEU A 1 16 ? -5.732 -8.113 -4.408 1.00 0.00 ? 16 LEU A HD11 7  
ATOM 1473 H HD12 . LEU A 1 16 ? -6.436 -8.606 -5.948 1.00 0.00 ? 16 LEU A HD12 7  
ATOM 1474 H HD13 . LEU A 1 16 ? -4.720 -8.867 -5.640 1.00 0.00 ? 16 LEU A HD13 7  
ATOM 1475 H HD21 . LEU A 1 16 ? -6.112 -4.982 -5.381 1.00 0.00 ? 16 LEU A HD21 7  
ATOM 1476 H HD22 . LEU A 1 16 ? -6.889 -5.675 -6.805 1.00 0.00 ? 16 LEU A HD22 7  
ATOM 1477 H HD23 . LEU A 1 16 ? -7.167 -6.386 -5.215 1.00 0.00 ? 16 LEU A HD23 7  
ATOM 1478 N N    . ASN A 1 1  ? 4.207  4.461  11.509 1.00 0.00 ? 1  ASN A N    8  
ATOM 1479 C CA   . ASN A 1 1  ? 4.133  5.080  10.154 1.00 0.00 ? 1  ASN A CA   8  
ATOM 1480 C C    . ASN A 1 1  ? 2.681  5.133  9.673  1.00 0.00 ? 1  ASN A C    8  
ATOM 1481 O O    . ASN A 1 1  ? 1.840  4.375  10.114 1.00 0.00 ? 1  ASN A O    8  
ATOM 1482 C CB   . ASN A 1 1  ? 4.965  4.167  9.256  1.00 0.00 ? 1  ASN A CB   8  
ATOM 1483 C CG   . ASN A 1 1  ? 6.452  4.381  9.550  1.00 0.00 ? 1  ASN A CG   8  
ATOM 1484 O OD1  . ASN A 1 1  ? 7.173  3.439  9.812  1.00 0.00 ? 1  ASN A OD1  8  
ATOM 1485 N ND2  . ASN A 1 1  ? 6.942  5.590  9.522  1.00 0.00 ? 1  ASN A ND2  8  
ATOM 1486 H H1   . ASN A 1 1  ? 3.476  3.724  11.593 1.00 0.00 ? 1  ASN A H1   8  
ATOM 1487 H H2   . ASN A 1 1  ? 5.146  4.036  11.645 1.00 0.00 ? 1  ASN A H2   8  
ATOM 1488 H H3   . ASN A 1 1  ? 4.050  5.189  12.234 1.00 0.00 ? 1  ASN A H3   8  
ATOM 1489 H HA   . ASN A 1 1  ? 4.562  6.070  10.170 1.00 0.00 ? 1  ASN A HA   8  
ATOM 1490 H HB2  . ASN A 1 1  ? 4.705  3.136  9.449  1.00 0.00 ? 1  ASN A HB2  8  
ATOM 1491 H HB3  . ASN A 1 1  ? 4.766  4.400  8.221  1.00 0.00 ? 1  ASN A HB3  8  
ATOM 1492 H HD21 . ASN A 1 1  ? 6.360  6.350  9.313  1.00 0.00 ? 1  ASN A HD21 8  
ATOM 1493 H HD22 . ASN A 1 1  ? 7.892  5.737  9.712  1.00 0.00 ? 1  ASN A HD22 8  
ATOM 1494 N N    . ASP A 1 2  ? 2.379  6.026  8.768  1.00 0.00 ? 2  ASP A N    8  
ATOM 1495 C CA   . ASP A 1 2  ? 0.981  6.130  8.258  1.00 0.00 ? 2  ASP A CA   8  
ATOM 1496 C C    . ASP A 1 2  ? 0.970  6.072  6.728  1.00 0.00 ? 2  ASP A C    8  
ATOM 1497 O O    . ASP A 1 2  ? 0.255  6.804  6.075  1.00 0.00 ? 2  ASP A O    8  
ATOM 1498 C CB   . ASP A 1 2  ? 0.484  7.492  8.742  1.00 0.00 ? 2  ASP A CB   8  
ATOM 1499 C CG   . ASP A 1 2  ? -0.130 7.345  10.135 1.00 0.00 ? 2  ASP A CG   8  
ATOM 1500 O OD1  . ASP A 1 2  ? -0.135 6.237  10.645 1.00 0.00 ? 2  ASP A OD1  8  
ATOM 1501 O OD2  . ASP A 1 2  ? -0.584 8.344  10.670 1.00 0.00 ? 2  ASP A OD2  8  
ATOM 1502 H H    . ASP A 1 2  ? 3.071  6.629  8.426  1.00 0.00 ? 2  ASP A H    8  
ATOM 1503 H HA   . ASP A 1 2  ? 0.368  5.345  8.671  1.00 0.00 ? 2  ASP A HA   8  
ATOM 1504 H HB2  . ASP A 1 2  ? 1.312  8.184  8.785  1.00 0.00 ? 2  ASP A HB2  8  
ATOM 1505 H HB3  . ASP A 1 2  ? -0.263 7.866  8.058  1.00 0.00 ? 2  ASP A HB3  8  
ATOM 1506 N N    . ASP A 1 3  ? 1.760  5.207  6.152  1.00 0.00 ? 3  ASP A N    8  
ATOM 1507 C CA   . ASP A 1 3  ? 1.793  5.107  4.665  1.00 0.00 ? 3  ASP A CA   8  
ATOM 1508 C C    . ASP A 1 3  ? 1.529  3.664  4.224  1.00 0.00 ? 3  ASP A C    8  
ATOM 1509 O O    . ASP A 1 3  ? 1.081  2.841  4.996  1.00 0.00 ? 3  ASP A O    8  
ATOM 1510 C CB   . ASP A 1 3  ? 3.204  5.540  4.270  1.00 0.00 ? 3  ASP A CB   8  
ATOM 1511 C CG   . ASP A 1 3  ? 3.185  6.108  2.850  1.00 0.00 ? 3  ASP A CG   8  
ATOM 1512 O OD1  . ASP A 1 3  ? 2.877  7.280  2.706  1.00 0.00 ? 3  ASP A OD1  8  
ATOM 1513 O OD2  . ASP A 1 3  ? 3.477  5.362  1.930  1.00 0.00 ? 3  ASP A OD2  8  
ATOM 1514 H H    . ASP A 1 3  ? 2.331  4.626  6.696  1.00 0.00 ? 3  ASP A H    8  
ATOM 1515 H HA   . ASP A 1 3  ? 1.068  5.772  4.227  1.00 0.00 ? 3  ASP A HA   8  
ATOM 1516 H HB2  . ASP A 1 3  ? 3.553  6.298  4.956  1.00 0.00 ? 3  ASP A HB2  8  
ATOM 1517 H HB3  . ASP A 1 3  ? 3.867  4.688  4.308  1.00 0.00 ? 3  ASP A HB3  8  
ATOM 1518 N N    . CYS A 1 4  ? 1.801  3.355  2.985  1.00 0.00 ? 4  CYS A N    8  
ATOM 1519 C CA   . CYS A 1 4  ? 1.563  1.968  2.494  1.00 0.00 ? 4  CYS A CA   8  
ATOM 1520 C C    . CYS A 1 4  ? 2.846  1.136  2.604  1.00 0.00 ? 4  CYS A C    8  
ATOM 1521 O O    . CYS A 1 4  ? 3.414  0.721  1.614  1.00 0.00 ? 4  CYS A O    8  
ATOM 1522 C CB   . CYS A 1 4  ? 1.153  2.134  1.030  1.00 0.00 ? 4  CYS A CB   8  
ATOM 1523 S SG   . CYS A 1 4  ? -0.651 2.247  0.918  1.00 0.00 ? 4  CYS A SG   8  
ATOM 1524 H H    . CYS A 1 4  ? 2.161  4.034  2.378  1.00 0.00 ? 4  CYS A H    8  
ATOM 1525 H HA   . CYS A 1 4  ? 0.764  1.504  3.050  1.00 0.00 ? 4  CYS A HA   8  
ATOM 1526 H HB2  . CYS A 1 4  ? 1.595  3.034  0.632  1.00 0.00 ? 4  CYS A HB2  8  
ATOM 1527 H HB3  . CYS A 1 4  ? 1.496  1.282  0.462  1.00 0.00 ? 4  CYS A HB3  8  
ATOM 1528 N N    . GLU A 1 5  ? 3.301  0.886  3.802  1.00 0.00 ? 5  GLU A N    8  
ATOM 1529 C CA   . GLU A 1 5  ? 4.543  0.077  3.972  1.00 0.00 ? 5  GLU A CA   8  
ATOM 1530 C C    . GLU A 1 5  ? 4.180  -1.394 4.178  1.00 0.00 ? 5  GLU A C    8  
ATOM 1531 O O    . GLU A 1 5  ? 4.965  -2.183 4.662  1.00 0.00 ? 5  GLU A O    8  
ATOM 1532 C CB   . GLU A 1 5  ? 5.220  0.646  5.216  1.00 0.00 ? 5  GLU A CB   8  
ATOM 1533 C CG   . GLU A 1 5  ? 6.734  0.470  5.099  1.00 0.00 ? 5  GLU A CG   8  
ATOM 1534 C CD   . GLU A 1 5  ? 7.347  1.723  4.469  1.00 0.00 ? 5  GLU A CD   8  
ATOM 1535 O OE1  . GLU A 1 5  ? 6.684  2.749  4.472  1.00 0.00 ? 5  GLU A OE1  8  
ATOM 1536 O OE2  . GLU A 1 5  ? 8.466  1.636  3.991  1.00 0.00 ? 5  GLU A OE2  8  
ATOM 1537 H H    . GLU A 1 5  ? 2.825  1.225  4.587  1.00 0.00 ? 5  GLU A H    8  
ATOM 1538 H HA   . GLU A 1 5  ? 5.183  0.188  3.116  1.00 0.00 ? 5  GLU A HA   8  
ATOM 1539 H HB2  . GLU A 1 5  ? 4.983  1.694  5.305  1.00 0.00 ? 5  GLU A HB2  8  
ATOM 1540 H HB3  . GLU A 1 5  ? 4.863  0.121  6.090  1.00 0.00 ? 5  GLU A HB3  8  
ATOM 1541 H HG2  . GLU A 1 5  ? 7.157  0.321  6.081  1.00 0.00 ? 5  GLU A HG2  8  
ATOM 1542 H HG3  . GLU A 1 5  ? 6.952  -0.387 4.479  1.00 0.00 ? 5  GLU A HG3  8  
ATOM 1543 N N    . LEU A 1 6  ? 2.992  -1.753 3.803  1.00 0.00 ? 6  LEU A N    8  
ATOM 1544 C CA   . LEU A 1 6  ? 2.541  -3.167 3.955  1.00 0.00 ? 6  LEU A CA   8  
ATOM 1545 C C    . LEU A 1 6  ? 1.492  -3.485 2.887  1.00 0.00 ? 6  LEU A C    8  
ATOM 1546 O O    . LEU A 1 6  ? 0.420  -3.974 3.180  1.00 0.00 ? 6  LEU A O    8  
ATOM 1547 C CB   . LEU A 1 6  ? 1.923  -3.240 5.353  1.00 0.00 ? 6  LEU A CB   8  
ATOM 1548 C CG   . LEU A 1 6  ? 3.036  -3.329 6.399  1.00 0.00 ? 6  LEU A CG   8  
ATOM 1549 C CD1  . LEU A 1 6  ? 3.170  -1.984 7.116  1.00 0.00 ? 6  LEU A CD1  8  
ATOM 1550 C CD2  . LEU A 1 6  ? 2.689  -4.417 7.419  1.00 0.00 ? 6  LEU A CD2  8  
ATOM 1551 H H    . LEU A 1 6  ? 2.390  -1.088 3.414  1.00 0.00 ? 6  LEU A H    8  
ATOM 1552 H HA   . LEU A 1 6  ? 3.378  -3.844 3.881  1.00 0.00 ? 6  LEU A HA   8  
ATOM 1553 H HB2  . LEU A 1 6  ? 1.332  -2.355 5.531  1.00 0.00 ? 6  LEU A HB2  8  
ATOM 1554 H HB3  . LEU A 1 6  ? 1.294  -4.114 5.421  1.00 0.00 ? 6  LEU A HB3  8  
ATOM 1555 H HG   . LEU A 1 6  ? 3.969  -3.575 5.915  1.00 0.00 ? 6  LEU A HG   8  
ATOM 1556 H HD11 . LEU A 1 6  ? 2.187  -1.578 7.306  1.00 0.00 ? 6  LEU A HD11 8  
ATOM 1557 H HD12 . LEU A 1 6  ? 3.688  -2.125 8.053  1.00 0.00 ? 6  LEU A HD12 8  
ATOM 1558 H HD13 . LEU A 1 6  ? 3.727  -1.301 6.495  1.00 0.00 ? 6  LEU A HD13 8  
ATOM 1559 H HD21 . LEU A 1 6  ? 1.687  -4.777 7.233  1.00 0.00 ? 6  LEU A HD21 8  
ATOM 1560 H HD22 . LEU A 1 6  ? 3.387  -5.233 7.325  1.00 0.00 ? 6  LEU A HD22 8  
ATOM 1561 H HD23 . LEU A 1 6  ? 2.744  -4.007 8.416  1.00 0.00 ? 6  LEU A HD23 8  
ATOM 1562 N N    . CYS A 1 7  ? 1.792  -3.194 1.650  1.00 0.00 ? 7  CYS A N    8  
ATOM 1563 C CA   . CYS A 1 7  ? 0.812  -3.459 0.560  1.00 0.00 ? 7  CYS A CA   8  
ATOM 1564 C C    . CYS A 1 7  ? 1.534  -3.981 -0.691 1.00 0.00 ? 7  CYS A C    8  
ATOM 1565 O O    . CYS A 1 7  ? 2.726  -4.214 -0.677 1.00 0.00 ? 7  CYS A O    8  
ATOM 1566 C CB   . CYS A 1 7  ? 0.176  -2.094 0.289  1.00 0.00 ? 7  CYS A CB   8  
ATOM 1567 S SG   . CYS A 1 7  ? -1.450 -2.309 -0.467 1.00 0.00 ? 7  CYS A SG   8  
ATOM 1568 H H    . CYS A 1 7  ? 2.659  -2.788 1.441  1.00 0.00 ? 7  CYS A H    8  
ATOM 1569 H HA   . CYS A 1 7  ? 0.059  -4.159 0.886  1.00 0.00 ? 7  CYS A HA   8  
ATOM 1570 H HB2  . CYS A 1 7  ? 0.069  -1.559 1.222  1.00 0.00 ? 7  CYS A HB2  8  
ATOM 1571 H HB3  . CYS A 1 7  ? 0.810  -1.528 -0.377 1.00 0.00 ? 7  CYS A HB3  8  
ATOM 1572 N N    . VAL A 1 8  ? 0.820  -4.166 -1.772 1.00 0.00 ? 8  VAL A N    8  
ATOM 1573 C CA   . VAL A 1 8  ? 1.462  -4.672 -3.022 1.00 0.00 ? 8  VAL A CA   8  
ATOM 1574 C C    . VAL A 1 8  ? 2.091  -3.519 -3.816 1.00 0.00 ? 8  VAL A C    8  
ATOM 1575 O O    . VAL A 1 8  ? 2.197  -3.578 -5.024 1.00 0.00 ? 8  VAL A O    8  
ATOM 1576 C CB   . VAL A 1 8  ? 0.324  -5.308 -3.821 1.00 0.00 ? 8  VAL A CB   8  
ATOM 1577 C CG1  . VAL A 1 8  ? 0.882  -5.898 -5.119 1.00 0.00 ? 8  VAL A CG1  8  
ATOM 1578 C CG2  . VAL A 1 8  ? -0.327 -6.419 -2.996 1.00 0.00 ? 8  VAL A CG2  8  
ATOM 1579 H H    . VAL A 1 8  ? -0.139 -3.977 -1.761 1.00 0.00 ? 8  VAL A H    8  
ATOM 1580 H HA   . VAL A 1 8  ? 2.204  -5.415 -2.786 1.00 0.00 ? 8  VAL A HA   8  
ATOM 1581 H HB   . VAL A 1 8  ? -0.413 -4.555 -4.057 1.00 0.00 ? 8  VAL A HB   8  
ATOM 1582 H HG11 . VAL A 1 8  ? 1.958  -5.802 -5.126 1.00 0.00 ? 8  VAL A HG11 8  
ATOM 1583 H HG12 . VAL A 1 8  ? 0.612  -6.941 -5.185 1.00 0.00 ? 8  VAL A HG12 8  
ATOM 1584 H HG13 . VAL A 1 8  ? 0.469  -5.366 -5.964 1.00 0.00 ? 8  VAL A HG13 8  
ATOM 1585 H HG21 . VAL A 1 8  ? 0.332  -6.700 -2.188 1.00 0.00 ? 8  VAL A HG21 8  
ATOM 1586 H HG22 . VAL A 1 8  ? -1.262 -6.062 -2.589 1.00 0.00 ? 8  VAL A HG22 8  
ATOM 1587 H HG23 . VAL A 1 8  ? -0.512 -7.276 -3.626 1.00 0.00 ? 8  VAL A HG23 8  
ATOM 1588 N N    . ASN A 1 9  ? 2.507  -2.478 -3.150 1.00 0.00 ? 9  ASN A N    8  
ATOM 1589 C CA   . ASN A 1 9  ? 3.129  -1.328 -3.869 1.00 0.00 ? 9  ASN A CA   8  
ATOM 1590 C C    . ASN A 1 9  ? 3.563  -0.256 -2.865 1.00 0.00 ? 9  ASN A C    8  
ATOM 1591 O O    . ASN A 1 9  ? 3.748  -0.530 -1.696 1.00 0.00 ? 9  ASN A O    8  
ATOM 1592 C CB   . ASN A 1 9  ? 2.033  -0.793 -4.793 1.00 0.00 ? 9  ASN A CB   8  
ATOM 1593 C CG   . ASN A 1 9  ? 0.865  -0.274 -3.957 1.00 0.00 ? 9  ASN A CG   8  
ATOM 1594 O OD1  . ASN A 1 9  ? 0.988  -0.095 -2.762 1.00 0.00 ? 9  ASN A OD1  8  
ATOM 1595 N ND2  . ASN A 1 9  ? -0.276 -0.024 -4.540 1.00 0.00 ? 9  ASN A ND2  8  
ATOM 1596 H H    . ASN A 1 9  ? 2.415  -2.452 -2.176 1.00 0.00 ? 9  ASN A H    8  
ATOM 1597 H HA   . ASN A 1 9  ? 3.972  -1.661 -4.452 1.00 0.00 ? 9  ASN A HA   8  
ATOM 1598 H HB2  . ASN A 1 9  ? 2.431  0.009  -5.396 1.00 0.00 ? 9  ASN A HB2  8  
ATOM 1599 H HB3  . ASN A 1 9  ? 1.688  -1.588 -5.437 1.00 0.00 ? 9  ASN A HB3  8  
ATOM 1600 H HD21 . ASN A 1 9  ? -0.376 -0.170 -5.505 1.00 0.00 ? 9  ASN A HD21 8  
ATOM 1601 H HD22 . ASN A 1 9  ? -1.034 0.308  -4.014 1.00 0.00 ? 9  ASN A HD22 8  
ATOM 1602 N N    . VAL A 1 10 ? 3.731  0.962  -3.308 1.00 0.00 ? 10 VAL A N    8  
ATOM 1603 C CA   . VAL A 1 10 ? 4.158  2.041  -2.370 1.00 0.00 ? 10 VAL A CA   8  
ATOM 1604 C C    . VAL A 1 10 ? 3.388  3.335  -2.650 1.00 0.00 ? 10 VAL A C    8  
ATOM 1605 O O    . VAL A 1 10 ? 3.915  4.421  -2.507 1.00 0.00 ? 10 VAL A O    8  
ATOM 1606 C CB   . VAL A 1 10 ? 5.650  2.237  -2.643 1.00 0.00 ? 10 VAL A CB   8  
ATOM 1607 C CG1  . VAL A 1 10 ? 6.418  0.983  -2.222 1.00 0.00 ? 10 VAL A CG1  8  
ATOM 1608 C CG2  . VAL A 1 10 ? 5.864  2.490  -4.136 1.00 0.00 ? 10 VAL A CG2  8  
ATOM 1609 H H    . VAL A 1 10 ? 3.580  1.166  -4.254 1.00 0.00 ? 10 VAL A H    8  
ATOM 1610 H HA   . VAL A 1 10 ? 4.011  1.730  -1.348 1.00 0.00 ? 10 VAL A HA   8  
ATOM 1611 H HB   . VAL A 1 10 ? 6.009  3.086  -2.079 1.00 0.00 ? 10 VAL A HB   8  
ATOM 1612 H HG11 . VAL A 1 10 ? 5.724  0.170  -2.069 1.00 0.00 ? 10 VAL A HG11 8  
ATOM 1613 H HG12 . VAL A 1 10 ? 7.121  0.715  -2.997 1.00 0.00 ? 10 VAL A HG12 8  
ATOM 1614 H HG13 . VAL A 1 10 ? 6.953  1.178  -1.304 1.00 0.00 ? 10 VAL A HG13 8  
ATOM 1615 H HG21 . VAL A 1 10 ? 5.034  3.060  -4.528 1.00 0.00 ? 10 VAL A HG21 8  
ATOM 1616 H HG22 . VAL A 1 10 ? 6.780  3.044  -4.279 1.00 0.00 ? 10 VAL A HG22 8  
ATOM 1617 H HG23 . VAL A 1 10 ? 5.929  1.546  -4.657 1.00 0.00 ? 10 VAL A HG23 8  
ATOM 1618 N N    . ALA A 1 11 ? 2.148  3.233  -3.046 1.00 0.00 ? 11 ALA A N    8  
ATOM 1619 C CA   . ALA A 1 11 ? 1.359  4.468  -3.327 1.00 0.00 ? 11 ALA A CA   8  
ATOM 1620 C C    . ALA A 1 11 ? -0.125 4.230  -3.044 1.00 0.00 ? 11 ALA A C    8  
ATOM 1621 O O    . ALA A 1 11 ? -0.983 4.927  -3.547 1.00 0.00 ? 11 ALA A O    8  
ATOM 1622 C CB   . ALA A 1 11 ? 1.586  4.756  -4.812 1.00 0.00 ? 11 ALA A CB   8  
ATOM 1623 H H    . ALA A 1 11 ? 1.737  2.350  -3.154 1.00 0.00 ? 11 ALA A H    8  
ATOM 1624 H HA   . ALA A 1 11 ? 1.724  5.287  -2.733 1.00 0.00 ? 11 ALA A HA   8  
ATOM 1625 H HB1  . ALA A 1 11 ? 2.179  3.965  -5.245 1.00 0.00 ? 11 ALA A HB1  8  
ATOM 1626 H HB2  . ALA A 1 11 ? 0.632  4.809  -5.316 1.00 0.00 ? 11 ALA A HB2  8  
ATOM 1627 H HB3  . ALA A 1 11 ? 2.103  5.697  -4.921 1.00 0.00 ? 11 ALA A HB3  8  
ATOM 1628 N N    . CYS A 1 12 ? -0.430 3.256  -2.240 1.00 0.00 ? 12 CYS A N    8  
ATOM 1629 C CA   . CYS A 1 12 ? -1.858 2.970  -1.914 1.00 0.00 ? 12 CYS A CA   8  
ATOM 1630 C C    . CYS A 1 12 ? -2.724 3.058  -3.177 1.00 0.00 ? 12 CYS A C    8  
ATOM 1631 O O    . CYS A 1 12 ? -3.827 3.568  -3.151 1.00 0.00 ? 12 CYS A O    8  
ATOM 1632 C CB   . CYS A 1 12 ? -2.259 4.049  -0.908 1.00 0.00 ? 12 CYS A CB   8  
ATOM 1633 S SG   . CYS A 1 12 ? -0.999 4.168  0.387  1.00 0.00 ? 12 CYS A SG   8  
ATOM 1634 H H    . CYS A 1 12 ? 0.284  2.715  -1.844 1.00 0.00 ? 12 CYS A H    8  
ATOM 1635 H HA   . CYS A 1 12 ? -1.953 1.993  -1.463 1.00 0.00 ? 12 CYS A HA   8  
ATOM 1636 H HB2  . CYS A 1 12 ? -2.346 5.000  -1.414 1.00 0.00 ? 12 CYS A HB2  8  
ATOM 1637 H HB3  . CYS A 1 12 ? -3.209 3.791  -0.463 1.00 0.00 ? 12 CYS A HB3  8  
ATOM 1638 N N    . THR A 1 13 ? -2.237 2.548  -4.274 1.00 0.00 ? 13 THR A N    8  
ATOM 1639 C CA   . THR A 1 13 ? -3.023 2.577  -5.537 1.00 0.00 ? 13 THR A CA   8  
ATOM 1640 C C    . THR A 1 13 ? -2.651 1.360  -6.380 1.00 0.00 ? 13 THR A C    8  
ATOM 1641 O O    . THR A 1 13 ? -1.494 1.115  -6.660 1.00 0.00 ? 13 THR A O    8  
ATOM 1642 C CB   . THR A 1 13 ? -2.624 3.866  -6.252 1.00 0.00 ? 13 THR A CB   8  
ATOM 1643 O OG1  . THR A 1 13 ? -2.503 4.917  -5.305 1.00 0.00 ? 13 THR A OG1  8  
ATOM 1644 C CG2  . THR A 1 13 ? -3.691 4.227  -7.287 1.00 0.00 ? 13 THR A CG2  8  
ATOM 1645 H H    . THR A 1 13 ? -1.355 2.130  -4.266 1.00 0.00 ? 13 THR A H    8  
ATOM 1646 H HA   . THR A 1 13 ? -4.081 2.580  -5.324 1.00 0.00 ? 13 THR A HA   8  
ATOM 1647 H HB   . THR A 1 13 ? -1.682 3.717  -6.753 1.00 0.00 ? 13 THR A HB   8  
ATOM 1648 H HG1  . THR A 1 13 ? -1.727 5.433  -5.532 1.00 0.00 ? 13 THR A HG1  8  
ATOM 1649 H HG21 . THR A 1 13 ? -4.636 3.793  -6.997 1.00 0.00 ? 13 THR A HG21 8  
ATOM 1650 H HG22 . THR A 1 13 ? -3.789 5.301  -7.344 1.00 0.00 ? 13 THR A HG22 8  
ATOM 1651 H HG23 . THR A 1 13 ? -3.401 3.841  -8.253 1.00 0.00 ? 13 THR A HG23 8  
ATOM 1652 N N    . GLY A 1 14 ? -3.618 0.589  -6.765 1.00 0.00 ? 14 GLY A N    8  
ATOM 1653 C CA   . GLY A 1 14 ? -3.323 -0.629 -7.569 1.00 0.00 ? 14 GLY A CA   8  
ATOM 1654 C C    . GLY A 1 14 ? -2.626 -1.642 -6.662 1.00 0.00 ? 14 GLY A C    8  
ATOM 1655 O O    . GLY A 1 14 ? -1.620 -2.225 -7.014 1.00 0.00 ? 14 GLY A O    8  
ATOM 1656 H H    . GLY A 1 14 ? -4.535 0.803  -6.511 1.00 0.00 ? 14 GLY A H    8  
ATOM 1657 H HA2  . GLY A 1 14 ? -4.244 -1.050 -7.945 1.00 0.00 ? 14 GLY A HA2  8  
ATOM 1658 H HA3  . GLY A 1 14 ? -2.675 -0.373 -8.395 1.00 0.00 ? 14 GLY A HA3  8  
ATOM 1659 N N    . CYS A 1 15 ? -3.154 -1.841 -5.486 1.00 0.00 ? 15 CYS A N    8  
ATOM 1660 C CA   . CYS A 1 15 ? -2.544 -2.786 -4.529 1.00 0.00 ? 15 CYS A CA   8  
ATOM 1661 C C    . CYS A 1 15 ? -3.273 -4.130 -4.582 1.00 0.00 ? 15 CYS A C    8  
ATOM 1662 O O    . CYS A 1 15 ? -3.860 -4.496 -5.580 1.00 0.00 ? 15 CYS A O    8  
ATOM 1663 C CB   . CYS A 1 15 ? -2.754 -2.101 -3.179 1.00 0.00 ? 15 CYS A CB   8  
ATOM 1664 S SG   . CYS A 1 15 ? -1.158 -1.790 -2.394 1.00 0.00 ? 15 CYS A SG   8  
ATOM 1665 H H    . CYS A 1 15 ? -3.957 -1.356 -5.219 1.00 0.00 ? 15 CYS A H    8  
ATOM 1666 H HA   . CYS A 1 15 ? -1.492 -2.909 -4.725 1.00 0.00 ? 15 CYS A HA   8  
ATOM 1667 H HB2  . CYS A 1 15 ? -3.261 -1.159 -3.337 1.00 0.00 ? 15 CYS A HB2  8  
ATOM 1668 H HB3  . CYS A 1 15 ? -3.357 -2.723 -2.542 1.00 0.00 ? 15 CYS A HB3  8  
ATOM 1669 N N    . LEU A 1 16 ? -3.237 -4.861 -3.511 1.00 0.00 ? 16 LEU A N    8  
ATOM 1670 C CA   . LEU A 1 16 ? -3.924 -6.184 -3.479 1.00 0.00 ? 16 LEU A CA   8  
ATOM 1671 C C    . LEU A 1 16 ? -5.389 -6.029 -3.898 1.00 0.00 ? 16 LEU A C    8  
ATOM 1672 O O    . LEU A 1 16 ? -5.956 -4.983 -3.624 1.00 0.00 ? 16 LEU A O    8  
ATOM 1673 C CB   . LEU A 1 16 ? -3.828 -6.643 -2.023 1.00 0.00 ? 16 LEU A CB   8  
ATOM 1674 C CG   . LEU A 1 16 ? -3.201 -8.036 -1.966 1.00 0.00 ? 16 LEU A CG   8  
ATOM 1675 C CD1  . LEU A 1 16 ? -3.260 -8.563 -0.530 1.00 0.00 ? 16 LEU A CD1  8  
ATOM 1676 C CD2  . LEU A 1 16 ? -3.974 -8.982 -2.889 1.00 0.00 ? 16 LEU A CD2  8  
ATOM 1677 O OXT  . LEU A 1 16 ? -5.918 -6.957 -4.485 1.00 0.00 ? 16 LEU A OXT  8  
ATOM 1678 H H    . LEU A 1 16 ? -2.756 -4.538 -2.724 1.00 0.00 ? 16 LEU A H    8  
ATOM 1679 H HA   . LEU A 1 16 ? -3.419 -6.887 -4.121 1.00 0.00 ? 16 LEU A HA   8  
ATOM 1680 H HB2  . LEU A 1 16 ? -3.214 -5.949 -1.468 1.00 0.00 ? 16 LEU A HB2  8  
ATOM 1681 H HB3  . LEU A 1 16 ? -4.817 -6.675 -1.590 1.00 0.00 ? 16 LEU A HB3  8  
ATOM 1682 H HG   . LEU A 1 16 ? -2.171 -7.982 -2.287 1.00 0.00 ? 16 LEU A HG   8  
ATOM 1683 H HD11 . LEU A 1 16 ? -3.925 -7.942 0.051  1.00 0.00 ? 16 LEU A HD11 8  
ATOM 1684 H HD12 . LEU A 1 16 ? -3.626 -9.578 -0.534 1.00 0.00 ? 16 LEU A HD12 8  
ATOM 1685 H HD13 . LEU A 1 16 ? -2.271 -8.538 -0.098 1.00 0.00 ? 16 LEU A HD13 8  
ATOM 1686 H HD21 . LEU A 1 16 ? -4.874 -8.494 -3.230 1.00 0.00 ? 16 LEU A HD21 8  
ATOM 1687 H HD22 . LEU A 1 16 ? -3.358 -9.239 -3.738 1.00 0.00 ? 16 LEU A HD22 8  
ATOM 1688 H HD23 . LEU A 1 16 ? -4.234 -9.880 -2.348 1.00 0.00 ? 16 LEU A HD23 8  
ATOM 1689 N N    . ASN A 1 1  ? -6.975 5.003  11.635 1.00 0.00 ? 1  ASN A N    9  
ATOM 1690 C CA   . ASN A 1 1  ? -6.284 5.434  10.386 1.00 0.00 ? 1  ASN A CA   9  
ATOM 1691 C C    . ASN A 1 1  ? -6.274 4.292  9.365  1.00 0.00 ? 1  ASN A C    9  
ATOM 1692 O O    . ASN A 1 1  ? -7.048 3.360  9.454  1.00 0.00 ? 1  ASN A O    9  
ATOM 1693 C CB   . ASN A 1 1  ? -4.857 5.778  10.819 1.00 0.00 ? 1  ASN A CB   9  
ATOM 1694 C CG   . ASN A 1 1  ? -4.336 6.947  9.981  1.00 0.00 ? 1  ASN A CG   9  
ATOM 1695 O OD1  . ASN A 1 1  ? -4.686 7.084  8.825  1.00 0.00 ? 1  ASN A OD1  9  
ATOM 1696 N ND2  . ASN A 1 1  ? -3.508 7.803  10.518 1.00 0.00 ? 1  ASN A ND2  9  
ATOM 1697 H H1   . ASN A 1 1  ? -7.892 4.575  11.395 1.00 0.00 ? 1  ASN A H1   9  
ATOM 1698 H H2   . ASN A 1 1  ? -6.386 4.306  12.134 1.00 0.00 ? 1  ASN A H2   9  
ATOM 1699 H H3   . ASN A 1 1  ? -7.130 5.828  12.248 1.00 0.00 ? 1  ASN A H3   9  
ATOM 1700 H HA   . ASN A 1 1  ? -6.763 6.308  9.972  1.00 0.00 ? 1  ASN A HA   9  
ATOM 1701 H HB2  . ASN A 1 1  ? -4.856 6.054  11.864 1.00 0.00 ? 1  ASN A HB2  9  
ATOM 1702 H HB3  . ASN A 1 1  ? -4.220 4.918  10.675 1.00 0.00 ? 1  ASN A HB3  9  
ATOM 1703 H HD21 . ASN A 1 1  ? -3.227 7.693  11.450 1.00 0.00 ? 1  ASN A HD21 9  
ATOM 1704 H HD22 . ASN A 1 1  ? -3.170 8.554  9.988  1.00 0.00 ? 1  ASN A HD22 9  
ATOM 1705 N N    . ASP A 1 2  ? -5.405 4.359  8.395  1.00 0.00 ? 2  ASP A N    9  
ATOM 1706 C CA   . ASP A 1 2  ? -5.344 3.277  7.369  1.00 0.00 ? 2  ASP A CA   9  
ATOM 1707 C C    . ASP A 1 2  ? -4.077 3.425  6.523  1.00 0.00 ? 2  ASP A C    9  
ATOM 1708 O O    . ASP A 1 2  ? -4.136 3.653  5.331  1.00 0.00 ? 2  ASP A O    9  
ATOM 1709 C CB   . ASP A 1 2  ? -6.591 3.476  6.508  1.00 0.00 ? 2  ASP A CB   9  
ATOM 1710 C CG   . ASP A 1 2  ? -6.759 4.961  6.180  1.00 0.00 ? 2  ASP A CG   9  
ATOM 1711 O OD1  . ASP A 1 2  ? -5.971 5.469  5.400  1.00 0.00 ? 2  ASP A OD1  9  
ATOM 1712 O OD2  . ASP A 1 2  ? -7.672 5.566  6.717  1.00 0.00 ? 2  ASP A OD2  9  
ATOM 1713 H H    . ASP A 1 2  ? -4.788 5.119  8.341  1.00 0.00 ? 2  ASP A H    9  
ATOM 1714 H HA   . ASP A 1 2  ? -5.372 2.308  7.841  1.00 0.00 ? 2  ASP A HA   9  
ATOM 1715 H HB2  . ASP A 1 2  ? -6.488 2.916  5.590  1.00 0.00 ? 2  ASP A HB2  9  
ATOM 1716 H HB3  . ASP A 1 2  ? -7.459 3.127  7.047  1.00 0.00 ? 2  ASP A HB3  9  
ATOM 1717 N N    . ASP A 1 3  ? -2.931 3.302  7.134  1.00 0.00 ? 3  ASP A N    9  
ATOM 1718 C CA   . ASP A 1 3  ? -1.659 3.439  6.369  1.00 0.00 ? 3  ASP A CA   9  
ATOM 1719 C C    . ASP A 1 3  ? -1.629 2.452  5.200  1.00 0.00 ? 3  ASP A C    9  
ATOM 1720 O O    . ASP A 1 3  ? -2.629 1.860  4.845  1.00 0.00 ? 3  ASP A O    9  
ATOM 1721 C CB   . ASP A 1 3  ? -0.557 3.111  7.376  1.00 0.00 ? 3  ASP A CB   9  
ATOM 1722 C CG   . ASP A 1 3  ? 0.652  4.014  7.119  1.00 0.00 ? 3  ASP A CG   9  
ATOM 1723 O OD1  . ASP A 1 3  ? 0.609  5.160  7.536  1.00 0.00 ? 3  ASP A OD1  9  
ATOM 1724 O OD2  . ASP A 1 3  ? 1.601  3.544  6.511  1.00 0.00 ? 3  ASP A OD2  9  
ATOM 1725 H H    . ASP A 1 3  ? -2.906 3.122  8.096  1.00 0.00 ? 3  ASP A H    9  
ATOM 1726 H HA   . ASP A 1 3  ? -1.541 4.451  6.012  1.00 0.00 ? 3  ASP A HA   9  
ATOM 1727 H HB2  . ASP A 1 3  ? -0.923 3.275  8.377  1.00 0.00 ? 3  ASP A HB2  9  
ATOM 1728 H HB3  . ASP A 1 3  ? -0.263 2.077  7.263  1.00 0.00 ? 3  ASP A HB3  9  
ATOM 1729 N N    . CYS A 1 4  ? -0.485 2.276  4.597  1.00 0.00 ? 4  CYS A N    9  
ATOM 1730 C CA   . CYS A 1 4  ? -0.381 1.329  3.449  1.00 0.00 ? 4  CYS A CA   9  
ATOM 1731 C C    . CYS A 1 4  ? 1.090  1.053  3.128  1.00 0.00 ? 4  CYS A C    9  
ATOM 1732 O O    . CYS A 1 4  ? 1.481  0.972  1.981  1.00 0.00 ? 4  CYS A O    9  
ATOM 1733 C CB   . CYS A 1 4  ? -1.065 2.039  2.276  1.00 0.00 ? 4  CYS A CB   9  
ATOM 1734 S SG   . CYS A 1 4  ? -0.531 3.769  2.205  1.00 0.00 ? 4  CYS A SG   9  
ATOM 1735 H H    . CYS A 1 4  ? 0.308  2.763  4.900  1.00 0.00 ? 4  CYS A H    9  
ATOM 1736 H HA   . CYS A 1 4  ? -0.896 0.407  3.672  1.00 0.00 ? 4  CYS A HA   9  
ATOM 1737 H HB2  . CYS A 1 4  ? -0.798 1.545  1.354  1.00 0.00 ? 4  CYS A HB2  9  
ATOM 1738 H HB3  . CYS A 1 4  ? -2.137 1.998  2.408  1.00 0.00 ? 4  CYS A HB3  9  
ATOM 1739 N N    . GLU A 1 5  ? 1.909  0.910  4.136  1.00 0.00 ? 5  GLU A N    9  
ATOM 1740 C CA   . GLU A 1 5  ? 3.356  0.641  3.890  1.00 0.00 ? 5  GLU A CA   9  
ATOM 1741 C C    . GLU A 1 5  ? 3.617  -0.863 3.870  1.00 0.00 ? 5  GLU A C    9  
ATOM 1742 O O    . GLU A 1 5  ? 4.735  -1.316 4.020  1.00 0.00 ? 5  GLU A O    9  
ATOM 1743 C CB   . GLU A 1 5  ? 4.084  1.290  5.065  1.00 0.00 ? 5  GLU A CB   9  
ATOM 1744 C CG   . GLU A 1 5  ? 5.313  2.045  4.554  1.00 0.00 ? 5  GLU A CG   9  
ATOM 1745 C CD   . GLU A 1 5  ? 5.832  2.978  5.651  1.00 0.00 ? 5  GLU A CD   9  
ATOM 1746 O OE1  . GLU A 1 5  ? 5.807  2.576  6.803  1.00 0.00 ? 5  GLU A OE1  9  
ATOM 1747 O OE2  . GLU A 1 5  ? 6.247  4.075  5.320  1.00 0.00 ? 5  GLU A OE2  9  
ATOM 1748 H H    . GLU A 1 5  ? 1.574  0.979  5.053  1.00 0.00 ? 5  GLU A H    9  
ATOM 1749 H HA   . GLU A 1 5  ? 3.669  1.088  2.965  1.00 0.00 ? 5  GLU A HA   9  
ATOM 1750 H HB2  . GLU A 1 5  ? 3.417  1.981  5.561  1.00 0.00 ? 5  GLU A HB2  9  
ATOM 1751 H HB3  . GLU A 1 5  ? 4.393  0.524  5.760  1.00 0.00 ? 5  GLU A HB3  9  
ATOM 1752 H HG2  . GLU A 1 5  ? 6.085  1.338  4.288  1.00 0.00 ? 5  GLU A HG2  9  
ATOM 1753 H HG3  . GLU A 1 5  ? 5.043  2.627  3.686  1.00 0.00 ? 5  GLU A HG3  9  
ATOM 1754 N N    . LEU A 1 6  ? 2.591  -1.635 3.684  1.00 0.00 ? 6  LEU A N    9  
ATOM 1755 C CA   . LEU A 1 6  ? 2.762  -3.117 3.651  1.00 0.00 ? 6  LEU A CA   9  
ATOM 1756 C C    . LEU A 1 6  ? 1.872  -3.730 2.566  1.00 0.00 ? 6  LEU A C    9  
ATOM 1757 O O    . LEU A 1 6  ? 1.132  -4.663 2.814  1.00 0.00 ? 6  LEU A O    9  
ATOM 1758 C CB   . LEU A 1 6  ? 2.320  -3.599 5.034  1.00 0.00 ? 6  LEU A CB   9  
ATOM 1759 C CG   . LEU A 1 6  ? 3.316  -3.118 6.091  1.00 0.00 ? 6  LEU A CG   9  
ATOM 1760 C CD1  . LEU A 1 6  ? 2.553  -2.674 7.341  1.00 0.00 ? 6  LEU A CD1  9  
ATOM 1761 C CD2  . LEU A 1 6  ? 4.267  -4.260 6.453  1.00 0.00 ? 6  LEU A CD2  9  
ATOM 1762 H H    . LEU A 1 6  ? 1.705  -1.238 3.567  1.00 0.00 ? 6  LEU A H    9  
ATOM 1763 H HA   . LEU A 1 6  ? 3.795  -3.374 3.484  1.00 0.00 ? 6  LEU A HA   9  
ATOM 1764 H HB2  . LEU A 1 6  ? 1.340  -3.204 5.256  1.00 0.00 ? 6  LEU A HB2  9  
ATOM 1765 H HB3  . LEU A 1 6  ? 2.281  -4.679 5.042  1.00 0.00 ? 6  LEU A HB3  9  
ATOM 1766 H HG   . LEU A 1 6  ? 3.882  -2.287 5.701  1.00 0.00 ? 6  LEU A HG   9  
ATOM 1767 H HD11 . LEU A 1 6  ? 1.530  -3.013 7.277  1.00 0.00 ? 6  LEU A HD11 9  
ATOM 1768 H HD12 . LEU A 1 6  ? 3.018  -3.102 8.218  1.00 0.00 ? 6  LEU A HD12 9  
ATOM 1769 H HD13 . LEU A 1 6  ? 2.572  -1.597 7.413  1.00 0.00 ? 6  LEU A HD13 9  
ATOM 1770 H HD21 . LEU A 1 6  ? 3.790  -5.206 6.249  1.00 0.00 ? 6  LEU A HD21 9  
ATOM 1771 H HD22 . LEU A 1 6  ? 5.168  -4.178 5.862  1.00 0.00 ? 6  LEU A HD22 9  
ATOM 1772 H HD23 . LEU A 1 6  ? 4.518  -4.201 7.502  1.00 0.00 ? 6  LEU A HD23 9  
ATOM 1773 N N    . CYS A 1 7  ? 1.935  -3.217 1.369  1.00 0.00 ? 7  CYS A N    9  
ATOM 1774 C CA   . CYS A 1 7  ? 1.090  -3.777 0.275  1.00 0.00 ? 7  CYS A CA   9  
ATOM 1775 C C    . CYS A 1 7  ? 1.927  -3.990 -0.990 1.00 0.00 ? 7  CYS A C    9  
ATOM 1776 O O    . CYS A 1 7  ? 3.139  -4.052 -0.942 1.00 0.00 ? 7  CYS A O    9  
ATOM 1777 C CB   . CYS A 1 7  ? 0.000  -2.728 0.038  1.00 0.00 ? 7  CYS A CB   9  
ATOM 1778 S SG   . CYS A 1 7  ? 0.699  -1.297 -0.824 1.00 0.00 ? 7  CYS A SG   9  
ATOM 1779 H H    . CYS A 1 7  ? 2.537  -2.466 1.188  1.00 0.00 ? 7  CYS A H    9  
ATOM 1780 H HA   . CYS A 1 7  ? 0.640  -4.708 0.587  1.00 0.00 ? 7  CYS A HA   9  
ATOM 1781 H HB2  . CYS A 1 7  ? -0.789 -3.158 -0.560 1.00 0.00 ? 7  CYS A HB2  9  
ATOM 1782 H HB3  . CYS A 1 7  ? -0.405 -2.411 0.989  1.00 0.00 ? 7  CYS A HB3  9  
ATOM 1783 N N    . VAL A 1 8  ? 1.287  -4.094 -2.123 1.00 0.00 ? 8  VAL A N    9  
ATOM 1784 C CA   . VAL A 1 8  ? 2.047  -4.294 -3.391 1.00 0.00 ? 8  VAL A CA   9  
ATOM 1785 C C    . VAL A 1 8  ? 2.891  -3.053 -3.685 1.00 0.00 ? 8  VAL A C    9  
ATOM 1786 O O    . VAL A 1 8  ? 3.628  -2.582 -2.840 1.00 0.00 ? 8  VAL A O    9  
ATOM 1787 C CB   . VAL A 1 8  ? 0.982  -4.514 -4.473 1.00 0.00 ? 8  VAL A CB   9  
ATOM 1788 C CG1  . VAL A 1 8  ? 1.628  -5.179 -5.691 1.00 0.00 ? 8  VAL A CG1  9  
ATOM 1789 C CG2  . VAL A 1 8  ? -0.129 -5.421 -3.937 1.00 0.00 ? 8  VAL A CG2  9  
ATOM 1790 H H    . VAL A 1 8  ? 0.311  -4.033 -2.141 1.00 0.00 ? 8  VAL A H    9  
ATOM 1791 H HA   . VAL A 1 8  ? 2.678  -5.158 -3.322 1.00 0.00 ? 8  VAL A HA   9  
ATOM 1792 H HB   . VAL A 1 8  ? 0.561  -3.562 -4.763 1.00 0.00 ? 8  VAL A HB   9  
ATOM 1793 H HG11 . VAL A 1 8  ? 2.697  -5.030 -5.659 1.00 0.00 ? 8  VAL A HG11 9  
ATOM 1794 H HG12 . VAL A 1 8  ? 1.412  -6.238 -5.679 1.00 0.00 ? 8  VAL A HG12 9  
ATOM 1795 H HG13 . VAL A 1 8  ? 1.229  -4.742 -6.596 1.00 0.00 ? 8  VAL A HG13 9  
ATOM 1796 H HG21 . VAL A 1 8  ? 0.144  -5.783 -2.957 1.00 0.00 ? 8  VAL A HG21 9  
ATOM 1797 H HG22 . VAL A 1 8  ? -1.051 -4.860 -3.870 1.00 0.00 ? 8  VAL A HG22 9  
ATOM 1798 H HG23 . VAL A 1 8  ? -0.264 -6.258 -4.607 1.00 0.00 ? 8  VAL A HG23 9  
ATOM 1799 N N    . ASN A 1 9  ? 2.796  -2.524 -4.871 1.00 0.00 ? 9  ASN A N    9  
ATOM 1800 C CA   . ASN A 1 9  ? 3.595  -1.313 -5.224 1.00 0.00 ? 9  ASN A CA   9  
ATOM 1801 C C    . ASN A 1 9  ? 3.631  -0.337 -4.044 1.00 0.00 ? 9  ASN A C    9  
ATOM 1802 O O    . ASN A 1 9  ? 2.797  -0.385 -3.162 1.00 0.00 ? 9  ASN A O    9  
ATOM 1803 C CB   . ASN A 1 9  ? 2.864  -0.690 -6.415 1.00 0.00 ? 9  ASN A CB   9  
ATOM 1804 C CG   . ASN A 1 9  ? 1.364  -0.642 -6.124 1.00 0.00 ? 9  ASN A CG   9  
ATOM 1805 O OD1  . ASN A 1 9  ? 0.730  -1.666 -5.954 1.00 0.00 ? 9  ASN A OD1  9  
ATOM 1806 N ND2  . ASN A 1 9  ? 0.762  0.515  -6.062 1.00 0.00 ? 9  ASN A ND2  9  
ATOM 1807 H H    . ASN A 1 9  ? 2.203  -2.926 -5.532 1.00 0.00 ? 9  ASN A H    9  
ATOM 1808 H HA   . ASN A 1 9  ? 4.596  -1.594 -5.513 1.00 0.00 ? 9  ASN A HA   9  
ATOM 1809 H HB2  . ASN A 1 9  ? 3.231  0.311  -6.579 1.00 0.00 ? 9  ASN A HB2  9  
ATOM 1810 H HB3  . ASN A 1 9  ? 3.039  -1.288 -7.297 1.00 0.00 ? 9  ASN A HB3  9  
ATOM 1811 H HD21 . ASN A 1 9  ? 1.271  1.340  -6.200 1.00 0.00 ? 9  ASN A HD21 9  
ATOM 1812 H HD22 . ASN A 1 9  ? -0.200 0.559  -5.875 1.00 0.00 ? 9  ASN A HD22 9  
ATOM 1813 N N    . VAL A 1 10 ? 4.594  0.541  -4.018 1.00 0.00 ? 10 VAL A N    9  
ATOM 1814 C CA   . VAL A 1 10 ? 4.688  1.512  -2.889 1.00 0.00 ? 10 VAL A CA   9  
ATOM 1815 C C    . VAL A 1 10 ? 3.970  2.817  -3.243 1.00 0.00 ? 10 VAL A C    9  
ATOM 1816 O O    . VAL A 1 10 ? 4.559  3.880  -3.236 1.00 0.00 ? 10 VAL A O    9  
ATOM 1817 C CB   . VAL A 1 10 ? 6.185  1.758  -2.706 1.00 0.00 ? 10 VAL A CB   9  
ATOM 1818 C CG1  . VAL A 1 10 ? 6.421  2.533  -1.408 1.00 0.00 ? 10 VAL A CG1  9  
ATOM 1819 C CG2  . VAL A 1 10 ? 6.919  0.417  -2.640 1.00 0.00 ? 10 VAL A CG2  9  
ATOM 1820 H H    . VAL A 1 10 ? 5.261  0.559  -4.736 1.00 0.00 ? 10 VAL A H    9  
ATOM 1821 H HA   . VAL A 1 10 ? 4.272  1.083  -1.990 1.00 0.00 ? 10 VAL A HA   9  
ATOM 1822 H HB   . VAL A 1 10 ? 6.560  2.333  -3.541 1.00 0.00 ? 10 VAL A HB   9  
ATOM 1823 H HG11 . VAL A 1 10 ? 5.593  3.207  -1.236 1.00 0.00 ? 10 VAL A HG11 9  
ATOM 1824 H HG12 . VAL A 1 10 ? 6.496  1.840  -0.583 1.00 0.00 ? 10 VAL A HG12 9  
ATOM 1825 H HG13 . VAL A 1 10 ? 7.336  3.100  -1.488 1.00 0.00 ? 10 VAL A HG13 9  
ATOM 1826 H HG21 . VAL A 1 10 ? 6.323  -0.294 -2.087 1.00 0.00 ? 10 VAL A HG21 9  
ATOM 1827 H HG22 . VAL A 1 10 ? 7.084  0.047  -3.641 1.00 0.00 ? 10 VAL A HG22 9  
ATOM 1828 H HG23 . VAL A 1 10 ? 7.870  0.551  -2.145 1.00 0.00 ? 10 VAL A HG23 9  
ATOM 1829 N N    . ALA A 1 11 ? 2.702  2.751  -3.546 1.00 0.00 ? 11 ALA A N    9  
ATOM 1830 C CA   . ALA A 1 11 ? 1.957  3.995  -3.894 1.00 0.00 ? 11 ALA A CA   9  
ATOM 1831 C C    . ALA A 1 11 ? 0.533  3.936  -3.335 1.00 0.00 ? 11 ALA A C    9  
ATOM 1832 O O    . ALA A 1 11 ? -0.340 4.669  -3.753 1.00 0.00 ? 11 ALA A O    9  
ATOM 1833 C CB   . ALA A 1 11 ? 1.938  4.037  -5.421 1.00 0.00 ? 11 ALA A CB   9  
ATOM 1834 H H    . ALA A 1 11 ? 2.240  1.887  -3.544 1.00 0.00 ? 11 ALA A H    9  
ATOM 1835 H HA   . ALA A 1 11 ? 2.471  4.855  -3.506 1.00 0.00 ? 11 ALA A HA   9  
ATOM 1836 H HB1  . ALA A 1 11 ? 2.756  3.445  -5.807 1.00 0.00 ? 11 ALA A HB1  9  
ATOM 1837 H HB2  . ALA A 1 11 ? 1.002  3.635  -5.781 1.00 0.00 ? 11 ALA A HB2  9  
ATOM 1838 H HB3  . ALA A 1 11 ? 2.043  5.058  -5.755 1.00 0.00 ? 11 ALA A HB3  9  
ATOM 1839 N N    . CYS A 1 12 ? 0.308  3.073  -2.386 1.00 0.00 ? 12 CYS A N    9  
ATOM 1840 C CA   . CYS A 1 12 ? -1.050 2.950  -1.776 1.00 0.00 ? 12 CYS A CA   9  
ATOM 1841 C C    . CYS A 1 12 ? -2.143 3.111  -2.840 1.00 0.00 ? 12 CYS A C    9  
ATOM 1842 O O    . CYS A 1 12 ? -3.227 3.589  -2.564 1.00 0.00 ? 12 CYS A O    9  
ATOM 1843 C CB   . CYS A 1 12 ? -1.125 4.082  -0.749 1.00 0.00 ? 12 CYS A CB   9  
ATOM 1844 S SG   . CYS A 1 12 ? 0.293  3.966  0.372  1.00 0.00 ? 12 CYS A SG   9  
ATOM 1845 H H    . CYS A 1 12 ? 1.039  2.507  -2.068 1.00 0.00 ? 12 CYS A H    9  
ATOM 1846 H HA   . CYS A 1 12 ? -1.151 2.000  -1.278 1.00 0.00 ? 12 CYS A HA   9  
ATOM 1847 H HB2  . CYS A 1 12 ? -1.104 5.034  -1.259 1.00 0.00 ? 12 CYS A HB2  9  
ATOM 1848 H HB3  . CYS A 1 12 ? -2.040 3.996  -0.183 1.00 0.00 ? 12 CYS A HB3  9  
ATOM 1849 N N    . THR A 1 13 ? -1.869 2.709  -4.051 1.00 0.00 ? 13 THR A N    9  
ATOM 1850 C CA   . THR A 1 13 ? -2.894 2.828  -5.131 1.00 0.00 ? 13 THR A CA   9  
ATOM 1851 C C    . THR A 1 13 ? -2.910 1.547  -5.966 1.00 0.00 ? 13 THR A C    9  
ATOM 1852 O O    . THR A 1 13 ? -1.996 1.275  -6.717 1.00 0.00 ? 13 THR A O    9  
ATOM 1853 C CB   . THR A 1 13 ? -2.451 4.020  -5.980 1.00 0.00 ? 13 THR A CB   9  
ATOM 1854 O OG1  . THR A 1 13 ? -1.037 4.148  -5.914 1.00 0.00 ? 13 THR A OG1  9  
ATOM 1855 C CG2  . THR A 1 13 ? -3.110 5.296  -5.454 1.00 0.00 ? 13 THR A CG2  9  
ATOM 1856 H H    . THR A 1 13 ? -0.993 2.321  -4.251 1.00 0.00 ? 13 THR A H    9  
ATOM 1857 H HA   . THR A 1 13 ? -3.868 3.015  -4.707 1.00 0.00 ? 13 THR A HA   9  
ATOM 1858 H HB   . THR A 1 13 ? -2.749 3.862  -7.005 1.00 0.00 ? 13 THR A HB   9  
ATOM 1859 H HG1  . THR A 1 13 ? -0.827 4.742  -5.190 1.00 0.00 ? 13 THR A HG1  9  
ATOM 1860 H HG21 . THR A 1 13 ? -4.111 5.072  -5.120 1.00 0.00 ? 13 THR A HG21 9  
ATOM 1861 H HG22 . THR A 1 13 ? -2.533 5.684  -4.628 1.00 0.00 ? 13 THR A HG22 9  
ATOM 1862 H HG23 . THR A 1 13 ? -3.149 6.032  -6.243 1.00 0.00 ? 13 THR A HG23 9  
ATOM 1863 N N    . GLY A 1 14 ? -3.935 0.754  -5.833 1.00 0.00 ? 14 GLY A N    9  
ATOM 1864 C CA   . GLY A 1 14 ? -3.996 -0.514 -6.610 1.00 0.00 ? 14 GLY A CA   9  
ATOM 1865 C C    . GLY A 1 14 ? -3.095 -1.547 -5.932 1.00 0.00 ? 14 GLY A C    9  
ATOM 1866 O O    . GLY A 1 14 ? -2.480 -2.373 -6.578 1.00 0.00 ? 14 GLY A O    9  
ATOM 1867 H H    . GLY A 1 14 ? -4.658 0.986  -5.214 1.00 0.00 ? 14 GLY A H    9  
ATOM 1868 H HA2  . GLY A 1 14 ? -5.012 -0.877 -6.632 1.00 0.00 ? 14 GLY A HA2  9  
ATOM 1869 H HA3  . GLY A 1 14 ? -3.651 -0.338 -7.618 1.00 0.00 ? 14 GLY A HA3  9  
ATOM 1870 N N    . CYS A 1 15 ? -3.012 -1.501 -4.630 1.00 0.00 ? 15 CYS A N    9  
ATOM 1871 C CA   . CYS A 1 15 ? -2.162 -2.456 -3.894 1.00 0.00 ? 15 CYS A CA   9  
ATOM 1872 C C    . CYS A 1 15 ? -3.005 -3.643 -3.422 1.00 0.00 ? 15 CYS A C    9  
ATOM 1873 O O    . CYS A 1 15 ? -4.001 -3.991 -4.024 1.00 0.00 ? 15 CYS A O    9  
ATOM 1874 C CB   . CYS A 1 15 ? -1.644 -1.638 -2.710 1.00 0.00 ? 15 CYS A CB   9  
ATOM 1875 S SG   . CYS A 1 15 ? 0.164  -1.569 -2.756 1.00 0.00 ? 15 CYS A SG   9  
ATOM 1876 H H    . CYS A 1 15 ? -3.511 -0.829 -4.129 1.00 0.00 ? 15 CYS A H    9  
ATOM 1877 H HA   . CYS A 1 15 ? -1.339 -2.790 -4.505 1.00 0.00 ? 15 CYS A HA   9  
ATOM 1878 H HB2  . CYS A 1 15 ? -2.036 -0.634 -2.775 1.00 0.00 ? 15 CYS A HB2  9  
ATOM 1879 H HB3  . CYS A 1 15 ? -1.970 -2.082 -1.786 1.00 0.00 ? 15 CYS A HB3  9  
ATOM 1880 N N    . LEU A 1 16 ? -2.612 -4.261 -2.351 1.00 0.00 ? 16 LEU A N    9  
ATOM 1881 C CA   . LEU A 1 16 ? -3.383 -5.425 -1.828 1.00 0.00 ? 16 LEU A CA   9  
ATOM 1882 C C    . LEU A 1 16 ? -2.766 -5.919 -0.516 1.00 0.00 ? 16 LEU A C    9  
ATOM 1883 O O    . LEU A 1 16 ? -3.271 -5.549 0.529  1.00 0.00 ? 16 LEU A O    9  
ATOM 1884 C CB   . LEU A 1 16 ? -3.267 -6.497 -2.911 1.00 0.00 ? 16 LEU A CB   9  
ATOM 1885 C CG   . LEU A 1 16 ? -4.634 -7.145 -3.137 1.00 0.00 ? 16 LEU A CG   9  
ATOM 1886 C CD1  . LEU A 1 16 ? -5.230 -7.564 -1.791 1.00 0.00 ? 16 LEU A CD1  9  
ATOM 1887 C CD2  . LEU A 1 16 ? -5.565 -6.142 -3.819 1.00 0.00 ? 16 LEU A CD2  9  
ATOM 1888 O OXT  . LEU A 1 16 ? -1.798 -6.660 -0.583 1.00 0.00 ? 16 LEU A OXT  9  
ATOM 1889 H H    . LEU A 1 16 ? -1.810 -3.959 -1.888 1.00 0.00 ? 16 LEU A H    9  
ATOM 1890 H HA   . LEU A 1 16 ? -4.417 -5.160 -1.681 1.00 0.00 ? 16 LEU A HA   9  
ATOM 1891 H HB2  . LEU A 1 16 ? -2.926 -6.044 -3.831 1.00 0.00 ? 16 LEU A HB2  9  
ATOM 1892 H HB3  . LEU A 1 16 ? -2.558 -7.251 -2.597 1.00 0.00 ? 16 LEU A HB3  9  
ATOM 1893 H HG   . LEU A 1 16 ? -4.520 -8.015 -3.768 1.00 0.00 ? 16 LEU A HG   9  
ATOM 1894 H HD11 . LEU A 1 16 ? -4.533 -8.204 -1.273 1.00 0.00 ? 16 LEU A HD11 9  
ATOM 1895 H HD12 . LEU A 1 16 ? -5.425 -6.684 -1.195 1.00 0.00 ? 16 LEU A HD12 9  
ATOM 1896 H HD13 . LEU A 1 16 ? -6.154 -8.097 -1.957 1.00 0.00 ? 16 LEU A HD13 9  
ATOM 1897 H HD21 . LEU A 1 16 ? -5.551 -5.209 -3.273 1.00 0.00 ? 16 LEU A HD21 9  
ATOM 1898 H HD22 . LEU A 1 16 ? -5.232 -5.971 -4.831 1.00 0.00 ? 16 LEU A HD22 9  
ATOM 1899 H HD23 . LEU A 1 16 ? -6.571 -6.536 -3.832 1.00 0.00 ? 16 LEU A HD23 9  
ATOM 1900 N N    . ASN A 1 1  ? -5.203 0.811  11.271 1.00 0.00 ? 1  ASN A N    10 
ATOM 1901 C CA   . ASN A 1 1  ? -6.363 0.515  10.381 1.00 0.00 ? 1  ASN A CA   10 
ATOM 1902 C C    . ASN A 1 1  ? -6.484 1.586  9.299  1.00 0.00 ? 1  ASN A C    10 
ATOM 1903 O O    . ASN A 1 1  ? -7.523 1.768  8.697  1.00 0.00 ? 1  ASN A O    10 
ATOM 1904 C CB   . ASN A 1 1  ? -7.582 0.544  11.298 1.00 0.00 ? 1  ASN A CB   10 
ATOM 1905 C CG   . ASN A 1 1  ? -8.260 -0.827 11.294 1.00 0.00 ? 1  ASN A CG   10 
ATOM 1906 O OD1  . ASN A 1 1  ? -7.991 -1.654 12.143 1.00 0.00 ? 1  ASN A OD1  10 
ATOM 1907 N ND2  . ASN A 1 1  ? -9.134 -1.106 10.366 1.00 0.00 ? 1  ASN A ND2  10 
ATOM 1908 H H1   . ASN A 1 1  ? -5.144 1.837  11.434 1.00 0.00 ? 1  ASN A H1   10 
ATOM 1909 H H2   . ASN A 1 1  ? -5.330 0.322  12.179 1.00 0.00 ? 1  ASN A H2   10 
ATOM 1910 H H3   . ASN A 1 1  ? -4.326 0.480  10.820 1.00 0.00 ? 1  ASN A H3   10 
ATOM 1911 H HA   . ASN A 1 1  ? -6.256 -0.458 9.935  1.00 0.00 ? 1  ASN A HA   10 
ATOM 1912 H HB2  . ASN A 1 1  ? -7.266 0.788  12.301 1.00 0.00 ? 1  ASN A HB2  10 
ATOM 1913 H HB3  . ASN A 1 1  ? -8.278 1.291  10.948 1.00 0.00 ? 1  ASN A HB3  10 
ATOM 1914 H HD21 . ASN A 1 1  ? -9.350 -0.438 9.682  1.00 0.00 ? 1  ASN A HD21 10 
ATOM 1915 H HD22 . ASN A 1 1  ? -9.575 -1.981 10.354 1.00 0.00 ? 1  ASN A HD22 10 
ATOM 1916 N N    . ASP A 1 2  ? -5.423 2.294  9.054  1.00 0.00 ? 2  ASP A N    10 
ATOM 1917 C CA   . ASP A 1 2  ? -5.458 3.361  8.012  1.00 0.00 ? 2  ASP A CA   10 
ATOM 1918 C C    . ASP A 1 2  ? -4.061 3.568  7.419  1.00 0.00 ? 2  ASP A C    10 
ATOM 1919 O O    . ASP A 1 2  ? -3.655 4.677  7.138  1.00 0.00 ? 2  ASP A O    10 
ATOM 1920 C CB   . ASP A 1 2  ? -5.919 4.619  8.749  1.00 0.00 ? 2  ASP A CB   10 
ATOM 1921 C CG   . ASP A 1 2  ? -6.368 5.670  7.732  1.00 0.00 ? 2  ASP A CG   10 
ATOM 1922 O OD1  . ASP A 1 2  ? -5.511 6.236  7.074  1.00 0.00 ? 2  ASP A OD1  10 
ATOM 1923 O OD2  . ASP A 1 2  ? -7.565 5.892  7.629  1.00 0.00 ? 2  ASP A OD2  10 
ATOM 1924 H H    . ASP A 1 2  ? -4.603 2.122  9.557  1.00 0.00 ? 2  ASP A H    10 
ATOM 1925 H HA   . ASP A 1 2  ? -6.164 3.109  7.237  1.00 0.00 ? 2  ASP A HA   10 
ATOM 1926 H HB2  . ASP A 1 2  ? -6.742 4.373  9.401  1.00 0.00 ? 2  ASP A HB2  10 
ATOM 1927 H HB3  . ASP A 1 2  ? -5.101 5.012  9.335  1.00 0.00 ? 2  ASP A HB3  10 
ATOM 1928 N N    . ASP A 1 3  ? -3.325 2.508  7.227  1.00 0.00 ? 3  ASP A N    10 
ATOM 1929 C CA   . ASP A 1 3  ? -1.956 2.644  6.652  1.00 0.00 ? 3  ASP A CA   10 
ATOM 1930 C C    . ASP A 1 3  ? -1.854 1.858  5.342  1.00 0.00 ? 3  ASP A C    10 
ATOM 1931 O O    . ASP A 1 3  ? -2.690 1.031  5.036  1.00 0.00 ? 3  ASP A O    10 
ATOM 1932 C CB   . ASP A 1 3  ? -1.024 2.052  7.708  1.00 0.00 ? 3  ASP A CB   10 
ATOM 1933 C CG   . ASP A 1 3  ? -1.361 2.647  9.078  1.00 0.00 ? 3  ASP A CG   10 
ATOM 1934 O OD1  . ASP A 1 3  ? -1.837 3.769  9.112  1.00 0.00 ? 3  ASP A OD1  10 
ATOM 1935 O OD2  . ASP A 1 3  ? -1.137 1.970  10.067 1.00 0.00 ? 3  ASP A OD2  10 
ATOM 1936 H H    . ASP A 1 3  ? -3.672 1.621  7.460  1.00 0.00 ? 3  ASP A H    10 
ATOM 1937 H HA   . ASP A 1 3  ? -1.717 3.683  6.488  1.00 0.00 ? 3  ASP A HA   10 
ATOM 1938 H HB2  . ASP A 1 3  ? -1.151 0.979  7.740  1.00 0.00 ? 3  ASP A HB2  10 
ATOM 1939 H HB3  . ASP A 1 3  ? 0.001  2.286  7.456  1.00 0.00 ? 3  ASP A HB3  10 
ATOM 1940 N N    . CYS A 1 4  ? -0.834 2.106  4.566  1.00 0.00 ? 4  CYS A N    10 
ATOM 1941 C CA   . CYS A 1 4  ? -0.681 1.370  3.279  1.00 0.00 ? 4  CYS A CA   10 
ATOM 1942 C C    . CYS A 1 4  ? 0.792  1.034  3.034  1.00 0.00 ? 4  CYS A C    10 
ATOM 1943 O O    . CYS A 1 4  ? 1.309  1.216  1.950  1.00 0.00 ? 4  CYS A O    10 
ATOM 1944 C CB   . CYS A 1 4  ? -1.199 2.329  2.207  1.00 0.00 ? 4  CYS A CB   10 
ATOM 1945 S SG   . CYS A 1 4  ? -0.306 3.899  2.317  1.00 0.00 ? 4  CYS A SG   10 
ATOM 1946 H H    . CYS A 1 4  ? -0.168 2.776  4.830  1.00 0.00 ? 4  CYS A H    10 
ATOM 1947 H HA   . CYS A 1 4  ? -1.275 0.471  3.287  1.00 0.00 ? 4  CYS A HA   10 
ATOM 1948 H HB2  . CYS A 1 4  ? -1.043 1.894  1.230  1.00 0.00 ? 4  CYS A HB2  10 
ATOM 1949 H HB3  . CYS A 1 4  ? -2.254 2.503  2.358  1.00 0.00 ? 4  CYS A HB3  10 
ATOM 1950 N N    . GLU A 1 5  ? 1.473  0.542  4.035  1.00 0.00 ? 5  GLU A N    10 
ATOM 1951 C CA   . GLU A 1 5  ? 2.912  0.191  3.857  1.00 0.00 ? 5  GLU A CA   10 
ATOM 1952 C C    . GLU A 1 5  ? 3.045  -1.274 3.451  1.00 0.00 ? 5  GLU A C    10 
ATOM 1953 O O    . GLU A 1 5  ? 4.100  -1.868 3.547  1.00 0.00 ? 5  GLU A O    10 
ATOM 1954 C CB   . GLU A 1 5  ? 3.548  0.430  5.223  1.00 0.00 ? 5  GLU A CB   10 
ATOM 1955 C CG   . GLU A 1 5  ? 3.245  1.857  5.688  1.00 0.00 ? 5  GLU A CG   10 
ATOM 1956 C CD   . GLU A 1 5  ? 3.541  2.838  4.551  1.00 0.00 ? 5  GLU A CD   10 
ATOM 1957 O OE1  . GLU A 1 5  ? 2.698  2.977  3.681  1.00 0.00 ? 5  GLU A OE1  10 
ATOM 1958 O OE2  . GLU A 1 5  ? 4.606  3.433  4.571  1.00 0.00 ? 5  GLU A OE2  10 
ATOM 1959 H H    . GLU A 1 5  ? 1.036  0.401  4.899  1.00 0.00 ? 5  GLU A H    10 
ATOM 1960 H HA   . GLU A 1 5  ? 3.364  0.828  3.119  1.00 0.00 ? 5  GLU A HA   10 
ATOM 1961 H HB2  . GLU A 1 5  ? 3.139  -0.274 5.934  1.00 0.00 ? 5  GLU A HB2  10 
ATOM 1962 H HB3  . GLU A 1 5  ? 4.616  0.292  5.154  1.00 0.00 ? 5  GLU A HB3  10 
ATOM 1963 H HG2  . GLU A 1 5  ? 2.204  1.933  5.966  1.00 0.00 ? 5  GLU A HG2  10 
ATOM 1964 H HG3  . GLU A 1 5  ? 3.864  2.097  6.540  1.00 0.00 ? 5  GLU A HG3  10 
ATOM 1965 N N    . LEU A 1 6  ? 1.975  -1.851 2.997  1.00 0.00 ? 6  LEU A N    10 
ATOM 1966 C CA   . LEU A 1 6  ? 2.010  -3.281 2.573  1.00 0.00 ? 6  LEU A CA   10 
ATOM 1967 C C    . LEU A 1 6  ? 1.399  -3.425 1.177  1.00 0.00 ? 6  LEU A C    10 
ATOM 1968 O O    . LEU A 1 6  ? 1.178  -4.517 0.692  1.00 0.00 ? 6  LEU A O    10 
ATOM 1969 C CB   . LEU A 1 6  ? 1.168  -4.023 3.610  1.00 0.00 ? 6  LEU A CB   10 
ATOM 1970 C CG   . LEU A 1 6  ? 1.545  -3.542 5.011  1.00 0.00 ? 6  LEU A CG   10 
ATOM 1971 C CD1  . LEU A 1 6  ? 0.555  -2.468 5.465  1.00 0.00 ? 6  LEU A CD1  10 
ATOM 1972 C CD2  . LEU A 1 6  ? 1.502  -4.720 5.986  1.00 0.00 ? 6  LEU A CD2  10 
ATOM 1973 H H    . LEU A 1 6  ? 1.145  -1.340 2.931  1.00 0.00 ? 6  LEU A H    10 
ATOM 1974 H HA   . LEU A 1 6  ? 3.022  -3.653 2.583  1.00 0.00 ? 6  LEU A HA   10 
ATOM 1975 H HB2  . LEU A 1 6  ? 0.120  -3.825 3.431  1.00 0.00 ? 6  LEU A HB2  10 
ATOM 1976 H HB3  . LEU A 1 6  ? 1.352  -5.085 3.532  1.00 0.00 ? 6  LEU A HB3  10 
ATOM 1977 H HG   . LEU A 1 6  ? 2.542  -3.128 4.992  1.00 0.00 ? 6  LEU A HG   10 
ATOM 1978 H HD11 . LEU A 1 6  ? 0.421  -1.745 4.672  1.00 0.00 ? 6  LEU A HD11 10 
ATOM 1979 H HD12 . LEU A 1 6  ? -0.395 -2.928 5.695  1.00 0.00 ? 6  LEU A HD12 10 
ATOM 1980 H HD13 . LEU A 1 6  ? 0.938  -1.972 6.342  1.00 0.00 ? 6  LEU A HD13 10 
ATOM 1981 H HD21 . LEU A 1 6  ? 1.630  -5.644 5.441  1.00 0.00 ? 6  LEU A HD21 10 
ATOM 1982 H HD22 . LEU A 1 6  ? 2.294  -4.617 6.711  1.00 0.00 ? 6  LEU A HD22 10 
ATOM 1983 H HD23 . LEU A 1 6  ? 0.548  -4.733 6.494  1.00 0.00 ? 6  LEU A HD23 10 
ATOM 1984 N N    . CYS A 1 7  ? 1.123  -2.326 0.529  1.00 0.00 ? 7  CYS A N    10 
ATOM 1985 C CA   . CYS A 1 7  ? 0.526  -2.387 -0.835 1.00 0.00 ? 7  CYS A CA   10 
ATOM 1986 C C    . CYS A 1 7  ? 1.425  -3.198 -1.773 1.00 0.00 ? 7  CYS A C    10 
ATOM 1987 O O    . CYS A 1 7  ? 2.507  -3.609 -1.410 1.00 0.00 ? 7  CYS A O    10 
ATOM 1988 C CB   . CYS A 1 7  ? 0.455  -0.928 -1.290 1.00 0.00 ? 7  CYS A CB   10 
ATOM 1989 S SG   . CYS A 1 7  ? -1.249 -0.501 -1.726 1.00 0.00 ? 7  CYS A SG   10 
ATOM 1990 H H    . CYS A 1 7  ? 1.310  -1.457 0.941  1.00 0.00 ? 7  CYS A H    10 
ATOM 1991 H HA   . CYS A 1 7  ? -0.463 -2.812 -0.798 1.00 0.00 ? 7  CYS A HA   10 
ATOM 1992 H HB2  . CYS A 1 7  ? 0.791  -0.288 -0.487 1.00 0.00 ? 7  CYS A HB2  10 
ATOM 1993 H HB3  . CYS A 1 7  ? 1.091  -0.790 -2.151 1.00 0.00 ? 7  CYS A HB3  10 
ATOM 1994 N N    . VAL A 1 8  ? 0.984  -3.426 -2.984 1.00 0.00 ? 8  VAL A N    10 
ATOM 1995 C CA   . VAL A 1 8  ? 1.818  -4.206 -3.943 1.00 0.00 ? 8  VAL A CA   10 
ATOM 1996 C C    . VAL A 1 8  ? 2.749  -3.263 -4.712 1.00 0.00 ? 8  VAL A C    10 
ATOM 1997 O O    . VAL A 1 8  ? 3.121  -3.522 -5.839 1.00 0.00 ? 8  VAL A O    10 
ATOM 1998 C CB   . VAL A 1 8  ? 0.819  -4.868 -4.895 1.00 0.00 ? 8  VAL A CB   10 
ATOM 1999 C CG1  . VAL A 1 8  ? 1.577  -5.723 -5.912 1.00 0.00 ? 8  VAL A CG1  10 
ATOM 2000 C CG2  . VAL A 1 8  ? -0.135 -5.754 -4.094 1.00 0.00 ? 8  VAL A CG2  10 
ATOM 2001 H H    . VAL A 1 8  ? 0.109  -3.082 -3.260 1.00 0.00 ? 8  VAL A H    10 
ATOM 2002 H HA   . VAL A 1 8  ? 2.385  -4.958 -3.423 1.00 0.00 ? 8  VAL A HA   10 
ATOM 2003 H HB   . VAL A 1 8  ? 0.256  -4.105 -5.413 1.00 0.00 ? 8  VAL A HB   10 
ATOM 2004 H HG11 . VAL A 1 8  ? 2.601  -5.844 -5.590 1.00 0.00 ? 8  VAL A HG11 10 
ATOM 2005 H HG12 . VAL A 1 8  ? 1.106  -6.693 -5.987 1.00 0.00 ? 8  VAL A HG12 10 
ATOM 2006 H HG13 . VAL A 1 8  ? 1.558  -5.238 -6.877 1.00 0.00 ? 8  VAL A HG13 10 
ATOM 2007 H HG21 . VAL A 1 8  ? -0.476 -5.217 -3.220 1.00 0.00 ? 8  VAL A HG21 10 
ATOM 2008 H HG22 . VAL A 1 8  ? -0.983 -6.017 -4.710 1.00 0.00 ? 8  VAL A HG22 10 
ATOM 2009 H HG23 . VAL A 1 8  ? 0.381  -6.652 -3.787 1.00 0.00 ? 8  VAL A HG23 10 
ATOM 2010 N N    . ASN A 1 9  ? 3.124  -2.171 -4.106 1.00 0.00 ? 9  ASN A N    10 
ATOM 2011 C CA   . ASN A 1 9  ? 4.030  -1.204 -4.791 1.00 0.00 ? 9  ASN A CA   10 
ATOM 2012 C C    . ASN A 1 9  ? 4.482  -0.129 -3.802 1.00 0.00 ? 9  ASN A C    10 
ATOM 2013 O O    . ASN A 1 9  ? 4.707  -0.397 -2.639 1.00 0.00 ? 9  ASN A O    10 
ATOM 2014 C CB   . ASN A 1 9  ? 3.181  -0.588 -5.905 1.00 0.00 ? 9  ASN A CB   10 
ATOM 2015 C CG   . ASN A 1 9  ? 2.140  0.351  -5.293 1.00 0.00 ? 9  ASN A CG   10 
ATOM 2016 O OD1  . ASN A 1 9  ? 2.206  1.550  -5.476 1.00 0.00 ? 9  ASN A OD1  10 
ATOM 2017 N ND2  . ASN A 1 9  ? 1.177  -0.146 -4.568 1.00 0.00 ? 9  ASN A ND2  10 
ATOM 2018 H H    . ASN A 1 9  ? 2.811  -1.984 -3.198 1.00 0.00 ? 9  ASN A H    10 
ATOM 2019 H HA   . ASN A 1 9  ? 4.882  -1.713 -5.212 1.00 0.00 ? 9  ASN A HA   10 
ATOM 2020 H HB2  . ASN A 1 9  ? 3.818  -0.032 -6.577 1.00 0.00 ? 9  ASN A HB2  10 
ATOM 2021 H HB3  . ASN A 1 9  ? 2.680  -1.374 -6.451 1.00 0.00 ? 9  ASN A HB3  10 
ATOM 2022 H HD21 . ASN A 1 9  ? 1.123  -1.114 -4.420 1.00 0.00 ? 9  ASN A HD21 10 
ATOM 2023 H HD22 . ASN A 1 9  ? 0.504  0.447  -4.172 1.00 0.00 ? 9  ASN A HD22 10 
ATOM 2024 N N    . VAL A 1 10 ? 4.615  1.088  -4.252 1.00 0.00 ? 10 VAL A N    10 
ATOM 2025 C CA   . VAL A 1 10 ? 5.049  2.176  -3.330 1.00 0.00 ? 10 VAL A CA   10 
ATOM 2026 C C    . VAL A 1 10 ? 4.177  3.420  -3.529 1.00 0.00 ? 10 VAL A C    10 
ATOM 2027 O O    . VAL A 1 10 ? 4.665  4.532  -3.562 1.00 0.00 ? 10 VAL A O    10 
ATOM 2028 C CB   . VAL A 1 10 ? 6.499  2.468  -3.716 1.00 0.00 ? 10 VAL A CB   10 
ATOM 2029 C CG1  . VAL A 1 10 ? 7.011  3.659  -2.903 1.00 0.00 ? 10 VAL A CG1  10 
ATOM 2030 C CG2  . VAL A 1 10 ? 7.362  1.240  -3.417 1.00 0.00 ? 10 VAL A CG2  10 
ATOM 2031 H H    . VAL A 1 10 ? 4.426  1.285  -5.192 1.00 0.00 ? 10 VAL A H    10 
ATOM 2032 H HA   . VAL A 1 10 ? 5.001  1.842  -2.306 1.00 0.00 ? 10 VAL A HA   10 
ATOM 2033 H HB   . VAL A 1 10 ? 6.553  2.700  -4.768 1.00 0.00 ? 10 VAL A HB   10 
ATOM 2034 H HG11 . VAL A 1 10 ? 6.442  3.743  -1.989 1.00 0.00 ? 10 VAL A HG11 10 
ATOM 2035 H HG12 . VAL A 1 10 ? 8.054  3.512  -2.665 1.00 0.00 ? 10 VAL A HG12 10 
ATOM 2036 H HG13 . VAL A 1 10 ? 6.898  4.565  -3.482 1.00 0.00 ? 10 VAL A HG13 10 
ATOM 2037 H HG21 . VAL A 1 10 ? 6.893  0.649  -2.645 1.00 0.00 ? 10 VAL A HG21 10 
ATOM 2038 H HG22 . VAL A 1 10 ? 7.463  0.646  -4.313 1.00 0.00 ? 10 VAL A HG22 10 
ATOM 2039 H HG23 . VAL A 1 10 ? 8.339  1.558  -3.084 1.00 0.00 ? 10 VAL A HG23 10 
ATOM 2040 N N    . ALA A 1 11 ? 2.891  3.240  -3.656 1.00 0.00 ? 11 ALA A N    10 
ATOM 2041 C CA   . ALA A 1 11 ? 1.989  4.413  -3.848 1.00 0.00 ? 11 ALA A CA   10 
ATOM 2042 C C    . ALA A 1 11 ? 0.618  4.127  -3.233 1.00 0.00 ? 11 ALA A C    10 
ATOM 2043 O O    . ALA A 1 11 ? -0.378 4.716  -3.605 1.00 0.00 ? 11 ALA A O    10 
ATOM 2044 C CB   . ALA A 1 11 ? 1.876  4.586  -5.362 1.00 0.00 ? 11 ALA A CB   10 
ATOM 2045 H H    . ALA A 1 11 ? 2.516  2.335  -3.623 1.00 0.00 ? 11 ALA A H    10 
ATOM 2046 H HA   . ALA A 1 11 ? 2.422  5.294  -3.404 1.00 0.00 ? 11 ALA A HA   10 
ATOM 2047 H HB1  . ALA A 1 11 ? 2.860  4.746  -5.780 1.00 0.00 ? 11 ALA A HB1  10 
ATOM 2048 H HB2  . ALA A 1 11 ? 1.442  3.697  -5.795 1.00 0.00 ? 11 ALA A HB2  10 
ATOM 2049 H HB3  . ALA A 1 11 ? 1.250  5.438  -5.581 1.00 0.00 ? 11 ALA A HB3  10 
ATOM 2050 N N    . CYS A 1 12 ? 0.566  3.229  -2.292 1.00 0.00 ? 12 CYS A N    10 
ATOM 2051 C CA   . CYS A 1 12 ? -0.733 2.894  -1.636 1.00 0.00 ? 12 CYS A CA   10 
ATOM 2052 C C    . CYS A 1 12 ? -1.863 2.840  -2.671 1.00 0.00 ? 12 CYS A C    10 
ATOM 2053 O O    . CYS A 1 12 ? -3.015 3.060  -2.355 1.00 0.00 ? 12 CYS A O    10 
ATOM 2054 C CB   . CYS A 1 12 ? -0.973 4.024  -0.635 1.00 0.00 ? 12 CYS A CB   10 
ATOM 2055 S SG   . CYS A 1 12 ? 0.457  4.169  0.465  1.00 0.00 ? 12 CYS A SG   10 
ATOM 2056 H H    . CYS A 1 12 ? 1.386  2.775  -2.011 1.00 0.00 ? 12 CYS A H    10 
ATOM 2057 H HA   . CYS A 1 12 ? -0.659 1.952  -1.116 1.00 0.00 ? 12 CYS A HA   10 
ATOM 2058 H HB2  . CYS A 1 12 ? -1.114 4.953  -1.167 1.00 0.00 ? 12 CYS A HB2  10 
ATOM 2059 H HB3  . CYS A 1 12 ? -1.856 3.806  -0.051 1.00 0.00 ? 12 CYS A HB3  10 
ATOM 2060 N N    . THR A 1 13 ? -1.546 2.543  -3.903 1.00 0.00 ? 13 THR A N    10 
ATOM 2061 C CA   . THR A 1 13 ? -2.607 2.469  -4.948 1.00 0.00 ? 13 THR A CA   10 
ATOM 2062 C C    . THR A 1 13 ? -2.589 1.091  -5.608 1.00 0.00 ? 13 THR A C    10 
ATOM 2063 O O    . THR A 1 13 ? -3.063 0.906  -6.711 1.00 0.00 ? 13 THR A O    10 
ATOM 2064 C CB   . THR A 1 13 ? -2.255 3.560  -5.959 1.00 0.00 ? 13 THR A CB   10 
ATOM 2065 O OG1  . THR A 1 13 ? -2.278 4.825  -5.314 1.00 0.00 ? 13 THR A OG1  10 
ATOM 2066 C CG2  . THR A 1 13 ? -3.275 3.549  -7.101 1.00 0.00 ? 13 THR A CG2  10 
ATOM 2067 H H    . THR A 1 13 ? -0.612 2.361  -4.138 1.00 0.00 ? 13 THR A H    10 
ATOM 2068 H HA   . THR A 1 13 ? -3.573 2.659  -4.513 1.00 0.00 ? 13 THR A HA   10 
ATOM 2069 H HB   . THR A 1 13 ? -1.271 3.377  -6.360 1.00 0.00 ? 13 THR A HB   10 
ATOM 2070 H HG1  . THR A 1 13 ? -1.448 4.934  -4.843 1.00 0.00 ? 13 THR A HG1  10 
ATOM 2071 H HG21 . THR A 1 13 ? -4.268 3.432  -6.695 1.00 0.00 ? 13 THR A HG21 10 
ATOM 2072 H HG22 . THR A 1 13 ? -3.215 4.479  -7.646 1.00 0.00 ? 13 THR A HG22 10 
ATOM 2073 H HG23 . THR A 1 13 ? -3.057 2.725  -7.766 1.00 0.00 ? 13 THR A HG23 10 
ATOM 2074 N N    . GLY A 1 14 ? -2.046 0.126  -4.928 1.00 0.00 ? 14 GLY A N    10 
ATOM 2075 C CA   . GLY A 1 14 ? -1.988 -1.251 -5.483 1.00 0.00 ? 14 GLY A CA   10 
ATOM 2076 C C    . GLY A 1 14 ? -2.084 -2.249 -4.329 1.00 0.00 ? 14 GLY A C    10 
ATOM 2077 O O    . GLY A 1 14 ? -1.326 -3.196 -4.246 1.00 0.00 ? 14 GLY A O    10 
ATOM 2078 H H    . GLY A 1 14 ? -1.679 0.310  -4.041 1.00 0.00 ? 14 GLY A H    10 
ATOM 2079 H HA2  . GLY A 1 14 ? -2.813 -1.405 -6.163 1.00 0.00 ? 14 GLY A HA2  10 
ATOM 2080 H HA3  . GLY A 1 14 ? -1.055 -1.393 -6.009 1.00 0.00 ? 14 GLY A HA3  10 
ATOM 2081 N N    . CYS A 1 15 ? -3.009 -2.039 -3.433 1.00 0.00 ? 15 CYS A N    10 
ATOM 2082 C CA   . CYS A 1 15 ? -3.155 -2.967 -2.279 1.00 0.00 ? 15 CYS A CA   10 
ATOM 2083 C C    . CYS A 1 15 ? -4.122 -4.094 -2.630 1.00 0.00 ? 15 CYS A C    10 
ATOM 2084 O O    . CYS A 1 15 ? -5.319 -3.987 -2.449 1.00 0.00 ? 15 CYS A O    10 
ATOM 2085 C CB   . CYS A 1 15 ? -3.725 -2.118 -1.145 1.00 0.00 ? 15 CYS A CB   10 
ATOM 2086 S SG   . CYS A 1 15 ? -2.373 -1.308 -0.257 1.00 0.00 ? 15 CYS A SG   10 
ATOM 2087 H H    . CYS A 1 15 ? -3.605 -1.269 -3.519 1.00 0.00 ? 15 CYS A H    10 
ATOM 2088 H HA   . CYS A 1 15 ? -2.196 -3.369 -1.992 1.00 0.00 ? 15 CYS A HA   10 
ATOM 2089 H HB2  . CYS A 1 15 ? -4.389 -1.370 -1.552 1.00 0.00 ? 15 CYS A HB2  10 
ATOM 2090 H HB3  . CYS A 1 15 ? -4.271 -2.756 -0.466 1.00 0.00 ? 15 CYS A HB3  10 
ATOM 2091 N N    . LEU A 1 16 ? -3.605 -5.173 -3.133 1.00 0.00 ? 16 LEU A N    10 
ATOM 2092 C CA   . LEU A 1 16 ? -4.478 -6.324 -3.504 1.00 0.00 ? 16 LEU A CA   10 
ATOM 2093 C C    . LEU A 1 16 ? -5.634 -5.843 -4.387 1.00 0.00 ? 16 LEU A C    10 
ATOM 2094 O O    . LEU A 1 16 ? -5.392 -5.572 -5.552 1.00 0.00 ? 16 LEU A O    10 
ATOM 2095 C CB   . LEU A 1 16 ? -5.005 -6.866 -2.176 1.00 0.00 ? 16 LEU A CB   10 
ATOM 2096 C CG   . LEU A 1 16 ? -4.174 -8.080 -1.756 1.00 0.00 ? 16 LEU A CG   10 
ATOM 2097 C CD1  . LEU A 1 16 ? -2.837 -7.611 -1.179 1.00 0.00 ? 16 LEU A CD1  10 
ATOM 2098 C CD2  . LEU A 1 16 ? -4.935 -8.877 -0.695 1.00 0.00 ? 16 LEU A CD2  10 
ATOM 2099 O OXT  . LEU A 1 16 ? -6.742 -5.756 -3.882 1.00 0.00 ? 16 LEU A OXT  10 
ATOM 2100 H H    . LEU A 1 16 ? -2.638 -5.227 -3.266 1.00 0.00 ? 16 LEU A H    10 
ATOM 2101 H HA   . LEU A 1 16 ? -3.906 -7.084 -4.013 1.00 0.00 ? 16 LEU A HA   10 
ATOM 2102 H HB2  . LEU A 1 16 ? -4.931 -6.100 -1.418 1.00 0.00 ? 16 LEU A HB2  10 
ATOM 2103 H HB3  . LEU A 1 16 ? -6.038 -7.159 -2.290 1.00 0.00 ? 16 LEU A HB3  10 
ATOM 2104 H HG   . LEU A 1 16 ? -3.994 -8.708 -2.616 1.00 0.00 ? 16 LEU A HG   10 
ATOM 2105 H HD11 . LEU A 1 16 ? -2.853 -6.537 -1.062 1.00 0.00 ? 16 LEU A HD11 10 
ATOM 2106 H HD12 . LEU A 1 16 ? -2.677 -8.075 -0.218 1.00 0.00 ? 16 LEU A HD12 10 
ATOM 2107 H HD13 . LEU A 1 16 ? -2.039 -7.888 -1.851 1.00 0.00 ? 16 LEU A HD13 10 
ATOM 2108 H HD21 . LEU A 1 16 ? -5.985 -8.629 -0.743 1.00 0.00 ? 16 LEU A HD21 10 
ATOM 2109 H HD22 . LEU A 1 16 ? -4.806 -9.934 -0.877 1.00 0.00 ? 16 LEU A HD22 10 
ATOM 2110 H HD23 . LEU A 1 16 ? -4.551 -8.631 0.284  1.00 0.00 ? 16 LEU A HD23 10 
# 
